data_8C7V
#
_entry.id   8C7V
#
_cell.length_a   60.600
_cell.length_b   127.930
_cell.length_c   93.810
_cell.angle_alpha   90.000
_cell.angle_beta   95.470
_cell.angle_gamma   90.000
#
_symmetry.space_group_name_H-M   'P 1 21 1'
#
loop_
_entity.id
_entity.type
_entity.pdbx_description
1 polymer 'Fab heavy chain'
2 polymer 'Fab light chain'
3 water water
#
loop_
_entity_poly.entity_id
_entity_poly.type
_entity_poly.pdbx_seq_one_letter_code
_entity_poly.pdbx_strand_id
1 'polypeptide(L)'
;EVQLVESGGGLVKPGGSLRLSCAASGYTFTDNYIHWVRQAPGKGLEWIGYINPSSAYAHYNEKFKTRFTISVDKAKNSAY
LQMNSLRAEDTAVYYCTRRYYSAMPFAYWGQGTLVTVSSASTKGPSVFPLAPSSKSTSGGTAALGCLVKDYFPEPVTVSW
NSGALTSGVHTFPAVLQSSGLYSLSSVVTVPSSSLGTQTYICNVNHKPSNTKVDKKVEPKSC
;
A,C,E
2 'polypeptide(L)'
;DIQMTQSPSSLSASVGDRVTITCRASEDIYSGLAWYQQKPGKVPKLLIYDSSTLHTGVPSRFSGTGSGTDYTLTISSLQP
EDVATYFCQQNYDFPLTFGQGTKLEIKRTVAAPSVFIFPPSDEQLKSGTASVVCLLNNFYPREAKVQWKVDNALQSGNSQ
ESVTEQDSKDSTYSLSSTLTLSKADYEKHKVYACEVTHQGLSSPVTKSFNRGEC
;
B,D,F
#
# COMPACT_ATOMS: atom_id res chain seq x y z
N GLU A 1 23.84 -21.07 -4.11
CA GLU A 1 24.54 -22.34 -4.47
C GLU A 1 24.26 -22.66 -5.94
N VAL A 2 24.00 -23.93 -6.25
CA VAL A 2 23.39 -24.27 -7.53
C VAL A 2 22.01 -23.66 -7.58
N GLN A 3 21.67 -23.02 -8.69
CA GLN A 3 20.35 -22.42 -8.81
C GLN A 3 19.86 -22.55 -10.25
N LEU A 4 18.57 -22.84 -10.40
CA LEU A 4 17.87 -22.83 -11.68
C LEU A 4 16.73 -21.83 -11.59
N VAL A 5 16.66 -20.90 -12.55
CA VAL A 5 15.63 -19.87 -12.50
C VAL A 5 14.90 -19.85 -13.83
N GLU A 6 13.60 -20.08 -13.79
CA GLU A 6 12.80 -20.12 -15.01
C GLU A 6 12.18 -18.76 -15.30
N SER A 7 11.92 -18.53 -16.59
CA SER A 7 11.13 -17.37 -16.99
C SER A 7 10.29 -17.75 -18.20
N GLY A 8 9.23 -16.95 -18.45
CA GLY A 8 8.42 -17.13 -19.65
C GLY A 8 6.99 -17.67 -19.53
N GLY A 9 6.48 -17.97 -18.36
CA GLY A 9 5.15 -18.55 -18.29
C GLY A 9 4.03 -17.56 -18.61
N GLY A 10 2.81 -18.03 -18.35
CA GLY A 10 1.65 -17.19 -18.47
C GLY A 10 0.60 -17.80 -19.39
N LEU A 11 -0.20 -16.92 -19.97
CA LEU A 11 -1.35 -17.28 -20.76
C LEU A 11 -1.00 -17.51 -22.22
N VAL A 12 -1.57 -18.56 -22.79
CA VAL A 12 -1.42 -18.85 -24.23
C VAL A 12 -2.74 -19.43 -24.74
N LYS A 13 -3.11 -19.08 -25.99
CA LYS A 13 -4.35 -19.61 -26.54
C LYS A 13 -4.20 -21.07 -27.00
N PRO A 14 -5.29 -21.86 -26.97
CA PRO A 14 -5.25 -23.21 -27.52
C PRO A 14 -4.74 -23.18 -28.95
N GLY A 15 -3.89 -24.15 -29.30
CA GLY A 15 -3.22 -24.19 -30.58
C GLY A 15 -1.99 -23.32 -30.68
N GLY A 16 -1.69 -22.51 -29.65
CA GLY A 16 -0.59 -21.58 -29.71
C GLY A 16 0.73 -22.15 -29.23
N SER A 17 1.74 -21.29 -29.25
CA SER A 17 3.12 -21.64 -28.95
C SER A 17 3.64 -20.75 -27.84
N LEU A 18 4.57 -21.29 -27.04
CA LEU A 18 5.16 -20.55 -25.91
C LEU A 18 6.51 -21.14 -25.60
N ARG A 19 7.48 -20.27 -25.26
CA ARG A 19 8.82 -20.72 -24.90
C ARG A 19 9.14 -20.34 -23.45
N LEU A 20 9.59 -21.32 -22.69
CA LEU A 20 10.14 -21.12 -21.36
C LEU A 20 11.66 -21.16 -21.41
N SER A 21 12.29 -20.45 -20.50
CA SER A 21 13.74 -20.48 -20.35
C SER A 21 14.10 -20.91 -18.93
N CYS A 22 15.29 -21.52 -18.80
CA CYS A 22 15.84 -21.99 -17.55
C CYS A 22 17.29 -21.54 -17.51
N ALA A 23 17.59 -20.56 -16.66
CA ALA A 23 18.95 -20.04 -16.49
C ALA A 23 19.63 -20.74 -15.32
N ALA A 24 20.80 -21.32 -15.58
CA ALA A 24 21.54 -22.08 -14.59
C ALA A 24 22.71 -21.26 -14.05
N SER A 25 22.94 -21.34 -12.75
CA SER A 25 24.05 -20.65 -12.10
C SER A 25 24.60 -21.50 -10.96
N GLY A 26 25.83 -21.16 -10.56
CA GLY A 26 26.47 -21.83 -9.45
C GLY A 26 27.29 -23.06 -9.81
N TYR A 27 27.43 -23.35 -11.10
CA TYR A 27 28.19 -24.51 -11.55
C TYR A 27 28.46 -24.30 -13.03
N THR A 28 29.34 -25.14 -13.57
CA THR A 28 29.67 -25.10 -14.99
C THR A 28 28.54 -25.76 -15.75
N PHE A 29 27.84 -24.97 -16.55
CA PHE A 29 26.58 -25.40 -17.20
C PHE A 29 26.73 -26.71 -17.96
N THR A 30 27.85 -26.89 -18.66
CA THR A 30 28.02 -28.07 -19.51
C THR A 30 28.34 -29.34 -18.71
N ASP A 31 28.46 -29.29 -17.39
CA ASP A 31 28.82 -30.46 -16.59
C ASP A 31 27.63 -31.36 -16.26
N ASN A 32 26.39 -30.93 -16.53
CA ASN A 32 25.19 -31.69 -16.19
C ASN A 32 24.15 -31.43 -17.26
N TYR A 33 23.22 -32.38 -17.46
CA TYR A 33 22.10 -32.15 -18.36
C TYR A 33 21.06 -31.25 -17.67
N ILE A 34 20.18 -30.67 -18.47
CA ILE A 34 18.99 -30.00 -17.95
C ILE A 34 17.78 -30.84 -18.36
N HIS A 35 16.92 -31.14 -17.40
CA HIS A 35 15.70 -31.88 -17.63
C HIS A 35 14.49 -30.97 -17.43
N TRP A 36 13.39 -31.30 -18.10
CA TRP A 36 12.12 -30.61 -17.92
C TRP A 36 11.07 -31.59 -17.42
N VAL A 37 10.26 -31.15 -16.44
CA VAL A 37 9.24 -31.94 -15.78
C VAL A 37 8.02 -31.02 -15.65
N ARG A 38 6.84 -31.57 -15.80
CA ARG A 38 5.65 -30.76 -15.52
C ARG A 38 4.78 -31.42 -14.45
N GLN A 39 3.94 -30.59 -13.83
CA GLN A 39 3.09 -31.05 -12.74
C GLN A 39 1.69 -30.44 -12.89
N ALA A 40 0.70 -31.31 -12.97
CA ALA A 40 -0.69 -30.88 -12.96
C ALA A 40 -1.53 -31.83 -12.13
N PRO A 41 -2.57 -31.34 -11.47
CA PRO A 41 -3.49 -32.26 -10.79
C PRO A 41 -4.02 -33.30 -11.78
N GLY A 42 -4.07 -34.54 -11.32
CA GLY A 42 -4.52 -35.69 -12.11
C GLY A 42 -3.40 -36.52 -12.69
N LYS A 43 -2.65 -36.01 -13.67
CA LYS A 43 -1.53 -36.81 -14.13
C LYS A 43 -0.31 -36.65 -13.23
N GLY A 44 -0.28 -35.64 -12.37
CA GLY A 44 0.81 -35.56 -11.43
C GLY A 44 2.08 -35.08 -12.10
N LEU A 45 3.22 -35.50 -11.54
CA LEU A 45 4.53 -35.21 -12.16
C LEU A 45 4.79 -36.08 -13.38
N GLU A 46 5.23 -35.45 -14.48
CA GLU A 46 5.60 -36.13 -15.71
C GLU A 46 6.94 -35.59 -16.21
N TRP A 47 7.83 -36.50 -16.59
CA TRP A 47 9.12 -36.12 -17.18
C TRP A 47 9.00 -35.94 -18.68
N ILE A 48 9.46 -34.79 -19.17
CA ILE A 48 9.32 -34.43 -20.57
C ILE A 48 10.55 -34.81 -21.37
N GLY A 49 11.74 -34.55 -20.85
CA GLY A 49 12.96 -34.90 -21.57
C GLY A 49 14.14 -34.18 -20.96
N TYR A 50 15.31 -34.43 -21.56
CA TYR A 50 16.53 -33.74 -21.15
C TYR A 50 17.27 -33.20 -22.37
N ILE A 51 18.20 -32.28 -22.11
CA ILE A 51 19.18 -31.89 -23.12
C ILE A 51 20.57 -31.88 -22.49
N ASN A 52 21.54 -32.37 -23.26
CA ASN A 52 22.94 -32.30 -22.88
C ASN A 52 23.52 -31.01 -23.44
N PRO A 53 23.85 -30.02 -22.59
CA PRO A 53 24.29 -28.73 -23.13
C PRO A 53 25.59 -28.78 -23.92
N SER A 54 26.46 -29.76 -23.64
CA SER A 54 27.73 -29.84 -24.38
C SER A 54 27.52 -30.19 -25.85
N SER A 55 26.65 -31.14 -26.13
CA SER A 55 26.42 -31.63 -27.48
C SER A 55 25.12 -31.12 -28.08
N ALA A 56 24.23 -30.52 -27.28
CA ALA A 56 22.90 -30.11 -27.68
C ALA A 56 22.01 -31.29 -28.03
N TYR A 57 22.38 -32.50 -27.64
CA TYR A 57 21.55 -33.67 -27.87
C TYR A 57 20.40 -33.67 -26.85
N ALA A 58 19.18 -33.80 -27.33
CA ALA A 58 17.99 -33.86 -26.48
C ALA A 58 17.33 -35.23 -26.64
N HIS A 59 16.82 -35.75 -25.52
CA HIS A 59 16.12 -37.04 -25.47
C HIS A 59 14.77 -36.84 -24.79
N TYR A 60 13.71 -37.40 -25.38
CA TYR A 60 12.36 -37.10 -24.97
C TYR A 60 11.59 -38.31 -24.47
N ASN A 61 10.62 -38.02 -23.60
CA ASN A 61 9.48 -38.90 -23.38
C ASN A 61 8.64 -38.88 -24.66
N GLU A 62 8.50 -40.02 -25.32
CA GLU A 62 7.85 -40.03 -26.64
C GLU A 62 6.50 -39.36 -26.64
N LYS A 63 5.81 -39.43 -25.49
CA LYS A 63 4.49 -38.85 -25.28
C LYS A 63 4.43 -37.36 -25.56
N PHE A 64 5.55 -36.67 -25.52
CA PHE A 64 5.61 -35.23 -25.55
C PHE A 64 6.22 -34.66 -26.82
N LYS A 65 6.69 -35.51 -27.76
CA LYS A 65 7.44 -34.98 -28.90
C LYS A 65 6.63 -34.08 -29.81
N THR A 66 5.32 -34.30 -29.91
CA THR A 66 4.54 -33.52 -30.85
C THR A 66 4.32 -32.09 -30.39
N ARG A 67 4.45 -31.80 -29.09
CA ARG A 67 4.23 -30.45 -28.60
C ARG A 67 5.43 -29.80 -27.92
N PHE A 68 6.50 -30.54 -27.64
CA PHE A 68 7.61 -29.99 -26.87
C PHE A 68 8.96 -30.25 -27.53
N THR A 69 9.80 -29.20 -27.54
CA THR A 69 11.17 -29.21 -28.06
C THR A 69 12.09 -28.57 -27.04
N ILE A 70 13.19 -29.24 -26.71
CA ILE A 70 14.19 -28.70 -25.77
C ILE A 70 15.39 -28.22 -26.55
N SER A 71 15.93 -27.05 -26.16
CA SER A 71 17.12 -26.50 -26.80
C SER A 71 18.00 -25.83 -25.74
N VAL A 72 19.20 -25.41 -26.16
CA VAL A 72 20.12 -24.71 -25.25
C VAL A 72 20.75 -23.52 -25.96
N ASP A 73 21.21 -22.57 -25.14
CA ASP A 73 22.12 -21.50 -25.59
C ASP A 73 23.27 -21.48 -24.57
N LYS A 74 24.40 -22.10 -24.94
CA LYS A 74 25.49 -22.19 -23.99
C LYS A 74 25.99 -20.82 -23.57
N ALA A 75 25.92 -19.83 -24.46
CA ALA A 75 26.45 -18.51 -24.12
C ALA A 75 25.69 -17.88 -22.96
N LYS A 76 24.42 -18.24 -22.81
CA LYS A 76 23.57 -17.71 -21.76
C LYS A 76 23.37 -18.67 -20.59
N ASN A 77 24.07 -19.81 -20.57
CA ASN A 77 23.90 -20.83 -19.54
C ASN A 77 22.42 -21.14 -19.35
N SER A 78 21.70 -21.26 -20.46
CA SER A 78 20.25 -21.44 -20.41
C SER A 78 19.79 -22.58 -21.30
N ALA A 79 18.76 -23.27 -20.84
CA ALA A 79 18.03 -24.21 -21.66
C ALA A 79 16.61 -23.68 -21.87
N TYR A 80 15.96 -24.16 -22.91
CA TYR A 80 14.65 -23.67 -23.29
C TYR A 80 13.70 -24.84 -23.53
N LEU A 81 12.42 -24.61 -23.21
CA LEU A 81 11.35 -25.54 -23.54
C LEU A 81 10.39 -24.80 -24.46
N GLN A 82 10.37 -25.18 -25.73
CA GLN A 82 9.48 -24.60 -26.72
C GLN A 82 8.25 -25.48 -26.83
N MET A 83 7.09 -24.86 -26.65
CA MET A 83 5.81 -25.53 -26.72
C MET A 83 5.10 -25.12 -28.00
N ASN A 84 4.48 -26.08 -28.68
CA ASN A 84 3.70 -25.78 -29.87
C ASN A 84 2.38 -26.50 -29.83
N SER A 85 1.40 -25.94 -30.53
CA SER A 85 0.10 -26.59 -30.72
C SER A 85 -0.51 -27.00 -29.40
N LEU A 86 -0.47 -26.11 -28.42
CA LEU A 86 -0.87 -26.47 -27.07
C LEU A 86 -2.37 -26.69 -26.95
N ARG A 87 -2.73 -27.60 -26.05
CA ARG A 87 -4.12 -27.93 -25.75
C ARG A 87 -4.47 -27.37 -24.38
N ALA A 88 -5.77 -27.18 -24.12
CA ALA A 88 -6.17 -26.67 -22.80
C ALA A 88 -5.67 -27.58 -21.68
N GLU A 89 -5.63 -28.89 -21.90
CA GLU A 89 -5.18 -29.84 -20.90
C GLU A 89 -3.66 -29.86 -20.70
N ASP A 90 -2.91 -29.05 -21.44
CA ASP A 90 -1.49 -28.86 -21.22
C ASP A 90 -1.23 -27.76 -20.18
N THR A 91 -2.28 -27.19 -19.61
CA THR A 91 -2.11 -26.28 -18.48
C THR A 91 -1.45 -27.04 -17.33
N ALA A 92 -0.36 -26.47 -16.82
CA ALA A 92 0.45 -27.18 -15.83
C ALA A 92 1.52 -26.22 -15.33
N VAL A 93 2.15 -26.63 -14.23
CA VAL A 93 3.39 -26.00 -13.77
C VAL A 93 4.56 -26.73 -14.40
N TYR A 94 5.44 -25.98 -15.07
CA TYR A 94 6.57 -26.55 -15.77
C TYR A 94 7.82 -26.23 -14.97
N TYR A 95 8.63 -27.26 -14.73
CA TYR A 95 9.88 -27.12 -14.00
C TYR A 95 11.07 -27.50 -14.87
N CYS A 96 12.18 -26.80 -14.72
CA CYS A 96 13.46 -27.37 -15.14
C CYS A 96 14.13 -27.94 -13.88
N THR A 97 14.95 -28.96 -14.08
CA THR A 97 15.56 -29.64 -12.96
C THR A 97 16.89 -30.21 -13.40
N ARG A 98 17.74 -30.49 -12.40
CA ARG A 98 19.06 -31.02 -12.65
C ARG A 98 19.33 -32.16 -11.68
N ARG A 99 20.00 -33.19 -12.17
CA ARG A 99 20.40 -34.28 -11.29
C ARG A 99 21.41 -33.80 -10.23
N TYR A 100 21.37 -34.47 -9.10
CA TYR A 100 22.36 -34.27 -8.05
C TYR A 100 23.76 -34.41 -8.63
N TYR A 101 23.99 -35.52 -9.30
CA TYR A 101 25.15 -35.74 -10.17
C TYR A 101 24.82 -36.89 -11.11
N SER A 102 25.80 -37.27 -11.94
CA SER A 102 25.50 -38.22 -13.02
C SER A 102 24.78 -39.45 -12.50
N ALA A 103 23.70 -39.84 -13.18
CA ALA A 103 22.88 -41.02 -12.92
C ALA A 103 22.07 -40.95 -11.63
N MET A 104 22.07 -39.82 -10.91
CA MET A 104 21.35 -39.69 -9.65
C MET A 104 20.03 -38.93 -9.85
N PRO A 105 19.13 -38.96 -8.87
CA PRO A 105 17.86 -38.23 -9.02
C PRO A 105 18.00 -36.73 -8.94
N PHE A 106 16.86 -36.02 -9.00
CA PHE A 106 16.85 -34.57 -9.19
C PHE A 106 16.93 -33.81 -7.87
N ALA A 107 18.11 -33.25 -7.57
CA ALA A 107 18.31 -32.50 -6.36
C ALA A 107 17.99 -31.02 -6.49
N TYR A 108 17.99 -30.48 -7.70
CA TYR A 108 17.83 -29.05 -7.93
C TYR A 108 16.69 -28.80 -8.91
N TRP A 109 15.80 -27.92 -8.50
CA TRP A 109 14.59 -27.61 -9.24
C TRP A 109 14.45 -26.11 -9.42
N GLY A 110 14.04 -25.69 -10.62
CA GLY A 110 13.55 -24.34 -10.81
C GLY A 110 12.27 -24.12 -10.03
N GLN A 111 11.84 -22.87 -9.97
CA GLN A 111 10.75 -22.50 -9.08
C GLN A 111 9.39 -22.97 -9.57
N GLY A 112 9.30 -23.33 -10.84
CA GLY A 112 8.06 -23.74 -11.44
C GLY A 112 7.41 -22.55 -12.09
N THR A 113 6.86 -22.76 -13.28
CA THR A 113 6.20 -21.68 -13.99
C THR A 113 4.89 -22.19 -14.54
N LEU A 114 3.77 -21.53 -14.16
CA LEU A 114 2.46 -21.98 -14.59
C LEU A 114 2.20 -21.47 -15.99
N VAL A 115 1.84 -22.38 -16.88
CA VAL A 115 1.41 -22.06 -18.22
C VAL A 115 -0.08 -22.39 -18.28
N THR A 116 -0.90 -21.38 -18.61
CA THR A 116 -2.36 -21.53 -18.66
C THR A 116 -2.79 -21.44 -20.13
N VAL A 117 -3.42 -22.51 -20.61
CA VAL A 117 -3.87 -22.59 -22.01
C VAL A 117 -5.37 -22.32 -22.02
N SER A 118 -5.75 -21.14 -22.51
CA SER A 118 -7.13 -20.69 -22.43
C SER A 118 -7.36 -19.60 -23.48
N SER A 119 -8.62 -19.52 -23.94
CA SER A 119 -9.05 -18.48 -24.85
C SER A 119 -9.48 -17.20 -24.12
N ALA A 120 -9.55 -17.22 -22.79
CA ALA A 120 -9.98 -16.05 -22.06
C ALA A 120 -8.89 -15.00 -22.06
N SER A 121 -9.27 -13.76 -21.79
CA SER A 121 -8.33 -12.65 -21.85
C SER A 121 -7.67 -12.43 -20.49
N THR A 122 -6.48 -11.84 -20.54
CA THR A 122 -5.75 -11.43 -19.34
C THR A 122 -6.47 -10.27 -18.67
N LYS A 123 -6.51 -10.30 -17.33
CA LYS A 123 -7.09 -9.22 -16.52
C LYS A 123 -6.21 -9.04 -15.29
N GLY A 124 -5.77 -7.81 -15.04
CA GLY A 124 -5.01 -7.49 -13.86
C GLY A 124 -5.89 -7.24 -12.65
N PRO A 125 -5.37 -7.51 -11.45
CA PRO A 125 -6.21 -7.41 -10.26
C PRO A 125 -6.34 -5.99 -9.75
N SER A 126 -7.41 -5.78 -8.98
CA SER A 126 -7.53 -4.64 -8.09
C SER A 126 -7.07 -5.08 -6.70
N VAL A 127 -6.41 -4.18 -5.96
CA VAL A 127 -5.90 -4.49 -4.63
C VAL A 127 -6.53 -3.53 -3.63
N PHE A 128 -7.21 -4.09 -2.63
CA PHE A 128 -7.92 -3.29 -1.64
C PHE A 128 -7.39 -3.63 -0.25
N PRO A 129 -7.32 -2.65 0.65
CA PRO A 129 -6.85 -2.96 2.00
C PRO A 129 -7.91 -3.64 2.85
N LEU A 130 -7.42 -4.51 3.71
CA LEU A 130 -8.17 -5.11 4.81
C LEU A 130 -7.58 -4.44 6.07
N ALA A 131 -8.12 -3.29 6.41
CA ALA A 131 -7.50 -2.44 7.41
C ALA A 131 -7.76 -2.97 8.82
N PRO A 132 -6.79 -2.87 9.72
CA PRO A 132 -7.03 -3.32 11.09
C PRO A 132 -7.99 -2.35 11.76
N SER A 133 -8.85 -2.90 12.61
CA SER A 133 -9.84 -2.10 13.32
C SER A 133 -10.12 -2.79 14.64
N SER A 134 -11.03 -2.19 15.44
CA SER A 134 -11.42 -2.86 16.65
C SER A 134 -12.07 -4.21 16.35
N LYS A 135 -12.56 -4.40 15.14
CA LYS A 135 -13.19 -5.66 14.77
C LYS A 135 -12.20 -6.70 14.28
N SER A 136 -10.92 -6.35 14.17
CA SER A 136 -9.92 -7.35 13.78
C SER A 136 -8.74 -7.32 14.74
N THR A 137 -8.95 -6.83 15.96
CA THR A 137 -7.86 -6.65 16.88
C THR A 137 -8.35 -7.16 18.21
N SER A 138 -7.59 -8.05 18.85
CA SER A 138 -7.95 -8.65 20.13
C SER A 138 -6.73 -9.26 20.81
N GLY A 139 -6.68 -9.14 22.15
CA GLY A 139 -5.67 -9.81 22.96
C GLY A 139 -4.23 -9.41 22.69
N GLY A 140 -4.02 -8.19 22.21
CA GLY A 140 -2.70 -7.70 21.87
C GLY A 140 -2.28 -7.91 20.43
N THR A 141 -3.11 -8.57 19.65
CA THR A 141 -2.84 -8.91 18.25
C THR A 141 -3.84 -8.20 17.34
N ALA A 142 -3.34 -7.66 16.23
CA ALA A 142 -4.18 -7.10 15.20
C ALA A 142 -4.00 -7.89 13.91
N ALA A 143 -5.08 -8.15 13.21
CA ALA A 143 -5.01 -8.74 11.88
C ALA A 143 -5.27 -7.67 10.82
N LEU A 144 -4.53 -7.74 9.71
CA LEU A 144 -4.70 -6.82 8.61
C LEU A 144 -4.34 -7.57 7.34
N GLY A 145 -4.62 -6.96 6.19
CA GLY A 145 -4.37 -7.71 4.97
C GLY A 145 -4.63 -6.91 3.73
N CYS A 146 -4.65 -7.63 2.60
CA CYS A 146 -4.95 -7.10 1.28
C CYS A 146 -5.87 -8.08 0.56
N LEU A 147 -6.93 -7.56 -0.05
CA LEU A 147 -7.83 -8.32 -0.91
C LEU A 147 -7.40 -8.08 -2.35
N VAL A 148 -7.11 -9.16 -3.09
CA VAL A 148 -6.59 -9.09 -4.45
C VAL A 148 -7.67 -9.69 -5.35
N LYS A 149 -8.41 -8.82 -6.06
CA LYS A 149 -9.65 -9.26 -6.68
C LYS A 149 -9.64 -9.09 -8.19
N ASP A 150 -10.26 -10.06 -8.88
CA ASP A 150 -10.64 -9.98 -10.29
C ASP A 150 -9.45 -10.05 -11.25
N TYR A 151 -8.69 -11.16 -11.20
CA TYR A 151 -7.56 -11.34 -12.09
C TYR A 151 -7.69 -12.65 -12.87
N PHE A 152 -6.99 -12.70 -14.01
CA PHE A 152 -6.93 -13.90 -14.83
C PHE A 152 -5.68 -13.82 -15.69
N PRO A 153 -4.92 -14.93 -15.85
CA PRO A 153 -5.04 -16.22 -15.19
C PRO A 153 -4.34 -16.16 -13.85
N GLU A 154 -4.28 -17.27 -13.15
CA GLU A 154 -3.36 -17.39 -12.03
C GLU A 154 -1.94 -17.37 -12.56
N PRO A 155 -0.94 -17.03 -11.73
CA PRO A 155 -1.02 -16.70 -10.30
C PRO A 155 -0.76 -15.24 -10.00
N VAL A 156 -1.18 -14.79 -8.81
CA VAL A 156 -0.64 -13.56 -8.23
C VAL A 156 0.30 -14.00 -7.12
N THR A 157 1.34 -13.21 -6.90
CA THR A 157 2.19 -13.37 -5.73
C THR A 157 1.99 -12.15 -4.83
N VAL A 158 2.01 -12.40 -3.53
CA VAL A 158 1.90 -11.33 -2.56
C VAL A 158 3.08 -11.45 -1.60
N SER A 159 3.75 -10.34 -1.36
CA SER A 159 4.75 -10.25 -0.31
C SER A 159 4.33 -9.09 0.59
N TRP A 160 4.99 -8.98 1.74
CA TRP A 160 4.72 -7.91 2.68
C TRP A 160 6.05 -7.21 2.94
N ASN A 161 6.04 -5.89 2.86
CA ASN A 161 7.23 -5.06 3.15
C ASN A 161 8.43 -5.55 2.34
N SER A 162 8.18 -5.79 1.06
CA SER A 162 9.20 -6.17 0.10
C SER A 162 9.94 -7.43 0.53
N GLY A 163 9.23 -8.32 1.23
CA GLY A 163 9.78 -9.59 1.66
C GLY A 163 10.34 -9.61 3.07
N ALA A 164 10.42 -8.44 3.72
CA ALA A 164 10.94 -8.38 5.08
C ALA A 164 9.96 -8.91 6.12
N LEU A 165 8.66 -8.99 5.79
CA LEU A 165 7.65 -9.47 6.71
C LEU A 165 7.12 -10.79 6.16
N THR A 166 7.42 -11.88 6.85
CA THR A 166 6.97 -13.22 6.43
C THR A 166 6.27 -13.95 7.56
N SER A 167 6.64 -13.65 8.81
CA SER A 167 6.04 -14.31 9.94
C SER A 167 4.57 -13.92 10.09
N GLY A 168 3.73 -14.91 10.34
CA GLY A 168 2.32 -14.65 10.60
C GLY A 168 1.49 -14.34 9.37
N VAL A 169 2.04 -14.54 8.19
CA VAL A 169 1.35 -14.23 6.94
C VAL A 169 0.57 -15.46 6.49
N HIS A 170 -0.68 -15.26 6.07
CA HIS A 170 -1.47 -16.28 5.40
C HIS A 170 -1.94 -15.72 4.07
N THR A 171 -1.39 -16.22 2.98
CA THR A 171 -1.88 -15.87 1.65
C THR A 171 -2.77 -17.04 1.20
N PHE A 172 -4.08 -16.78 1.11
CA PHE A 172 -5.05 -17.84 0.91
C PHE A 172 -5.02 -18.36 -0.53
N PRO A 173 -5.34 -19.65 -0.71
CA PRO A 173 -5.56 -20.16 -2.08
C PRO A 173 -6.65 -19.33 -2.76
N ALA A 174 -6.44 -19.08 -4.05
CA ALA A 174 -7.39 -18.31 -4.82
C ALA A 174 -8.69 -19.07 -4.98
N VAL A 175 -9.79 -18.30 -5.06
CA VAL A 175 -11.09 -18.85 -5.38
C VAL A 175 -11.46 -18.38 -6.78
N LEU A 176 -12.25 -19.20 -7.46
CA LEU A 176 -12.81 -18.89 -8.78
C LEU A 176 -14.18 -18.26 -8.58
N GLN A 177 -14.34 -17.04 -9.06
CA GLN A 177 -15.64 -16.38 -8.95
C GLN A 177 -16.49 -16.79 -10.15
N SER A 178 -17.81 -16.60 -10.01
CA SER A 178 -18.71 -16.96 -11.11
C SER A 178 -18.40 -16.18 -12.39
N SER A 179 -17.78 -15.01 -12.26
CA SER A 179 -17.33 -14.23 -13.40
C SER A 179 -16.23 -14.90 -14.21
N GLY A 180 -15.62 -15.98 -13.68
CA GLY A 180 -14.47 -16.58 -14.31
C GLY A 180 -13.13 -15.96 -13.92
N LEU A 181 -13.14 -14.94 -13.08
CA LEU A 181 -11.94 -14.31 -12.56
C LEU A 181 -11.65 -14.82 -11.15
N TYR A 182 -10.39 -14.73 -10.77
CA TYR A 182 -9.92 -15.20 -9.48
C TYR A 182 -9.87 -14.09 -8.44
N SER A 183 -9.88 -14.50 -7.18
CA SER A 183 -9.69 -13.59 -6.07
C SER A 183 -8.97 -14.29 -4.95
N LEU A 184 -8.19 -13.53 -4.17
CA LEU A 184 -7.64 -14.07 -2.94
C LEU A 184 -7.40 -12.93 -1.96
N SER A 185 -7.20 -13.30 -0.69
CA SER A 185 -6.75 -12.35 0.32
C SER A 185 -5.43 -12.83 0.91
N SER A 186 -4.62 -11.88 1.37
CA SER A 186 -3.42 -12.18 2.15
C SER A 186 -3.53 -11.39 3.46
N VAL A 187 -3.37 -12.09 4.58
CA VAL A 187 -3.54 -11.46 5.88
C VAL A 187 -2.30 -11.71 6.73
N VAL A 188 -2.08 -10.84 7.73
CA VAL A 188 -0.96 -10.98 8.64
C VAL A 188 -1.43 -10.54 10.02
N THR A 189 -0.91 -11.18 11.05
CA THR A 189 -1.16 -10.75 12.42
C THR A 189 0.10 -10.13 13.01
N VAL A 190 -0.07 -9.00 13.67
CA VAL A 190 1.03 -8.18 14.18
C VAL A 190 0.64 -7.69 15.57
N PRO A 191 1.55 -7.10 16.36
CA PRO A 191 1.15 -6.52 17.64
C PRO A 191 0.18 -5.35 17.44
N SER A 192 -0.90 -5.31 18.23
CA SER A 192 -1.76 -4.14 18.18
C SER A 192 -1.04 -2.90 18.70
N SER A 193 -0.05 -3.07 19.58
CA SER A 193 0.64 -1.95 20.16
C SER A 193 1.52 -1.21 19.18
N SER A 194 1.83 -1.84 18.06
CA SER A 194 2.77 -1.37 17.06
C SER A 194 2.14 -0.68 15.86
N LEU A 195 0.80 -0.62 15.76
CA LEU A 195 0.16 -0.11 14.55
C LEU A 195 0.49 1.35 14.30
N GLY A 196 0.84 2.11 15.34
CA GLY A 196 1.15 3.51 15.13
C GLY A 196 2.57 3.81 14.70
N THR A 197 3.49 2.85 14.84
CA THR A 197 4.88 3.09 14.47
C THR A 197 5.37 2.24 13.32
N GLN A 198 4.75 1.09 13.04
CA GLN A 198 5.22 0.20 11.99
C GLN A 198 4.38 0.45 10.73
N THR A 199 4.99 0.18 9.57
CA THR A 199 4.30 0.35 8.29
C THR A 199 4.15 -1.02 7.63
N TYR A 200 2.98 -1.27 7.07
CA TYR A 200 2.64 -2.56 6.46
C TYR A 200 2.14 -2.30 5.06
N ILE A 201 2.90 -2.80 4.09
CA ILE A 201 2.67 -2.64 2.66
C ILE A 201 2.61 -4.02 2.03
N CYS A 202 1.53 -4.29 1.32
CA CYS A 202 1.43 -5.53 0.54
C CYS A 202 1.88 -5.26 -0.88
N ASN A 203 2.78 -6.12 -1.36
CA ASN A 203 3.35 -6.02 -2.70
C ASN A 203 2.73 -7.13 -3.54
N VAL A 204 1.94 -6.74 -4.52
CA VAL A 204 1.16 -7.67 -5.34
C VAL A 204 1.74 -7.67 -6.74
N ASN A 205 2.05 -8.84 -7.27
CA ASN A 205 2.57 -8.96 -8.63
C ASN A 205 1.70 -9.94 -9.41
N HIS A 206 1.22 -9.50 -10.56
CA HIS A 206 0.47 -10.35 -11.49
C HIS A 206 1.22 -10.25 -12.83
N LYS A 207 2.12 -11.16 -13.07
CA LYS A 207 2.97 -11.01 -14.25
C LYS A 207 2.19 -11.03 -15.57
N PRO A 208 1.18 -11.90 -15.75
CA PRO A 208 0.48 -11.93 -17.05
C PRO A 208 -0.08 -10.61 -17.52
N SER A 209 -0.44 -9.70 -16.62
CA SER A 209 -0.94 -8.38 -16.97
C SER A 209 0.11 -7.30 -16.74
N ASN A 210 1.34 -7.68 -16.41
CA ASN A 210 2.41 -6.75 -16.04
C ASN A 210 1.94 -5.80 -14.94
N THR A 211 1.18 -6.34 -13.98
CA THR A 211 0.65 -5.54 -12.88
C THR A 211 1.58 -5.70 -11.68
N LYS A 212 2.04 -4.58 -11.13
CA LYS A 212 2.76 -4.56 -9.87
C LYS A 212 2.17 -3.41 -9.06
N VAL A 213 1.61 -3.73 -7.89
CA VAL A 213 0.91 -2.77 -7.05
C VAL A 213 1.49 -2.88 -5.64
N ASP A 214 1.77 -1.74 -5.01
CA ASP A 214 2.09 -1.69 -3.59
C ASP A 214 0.97 -0.95 -2.88
N LYS A 215 0.40 -1.56 -1.84
CA LYS A 215 -0.70 -0.92 -1.10
C LYS A 215 -0.32 -0.84 0.37
N LYS A 216 -0.24 0.39 0.89
CA LYS A 216 -0.03 0.62 2.31
C LYS A 216 -1.34 0.40 3.03
N VAL A 217 -1.33 -0.44 4.05
CA VAL A 217 -2.52 -0.78 4.79
C VAL A 217 -2.50 0.00 6.11
N GLU A 218 -3.40 0.96 6.22
CA GLU A 218 -3.45 1.85 7.36
C GLU A 218 -4.66 1.57 8.24
N PRO A 219 -4.55 1.83 9.53
CA PRO A 219 -5.66 1.50 10.43
C PRO A 219 -6.92 2.27 10.12
N LYS A 220 -8.05 1.64 10.39
CA LYS A 220 -9.39 2.19 10.23
C LYS A 220 -9.90 2.64 11.61
N SER A 221 -10.56 3.78 11.64
CA SER A 221 -11.02 4.35 12.92
C SER A 221 -12.40 3.82 13.31
N CYS A 222 -12.50 2.51 13.48
CA CYS A 222 -13.73 1.93 14.00
C CYS A 222 -13.42 0.67 14.83
N ASP B 1 6.30 -48.31 -20.79
CA ASP B 1 6.91 -47.47 -19.70
C ASP B 1 6.73 -48.13 -18.35
N ILE B 2 7.51 -47.74 -17.36
CA ILE B 2 7.38 -48.29 -16.02
C ILE B 2 6.34 -47.47 -15.27
N GLN B 3 5.30 -48.13 -14.82
CA GLN B 3 4.24 -47.49 -14.06
C GLN B 3 4.52 -47.63 -12.57
N MET B 4 4.40 -46.53 -11.85
CA MET B 4 4.63 -46.45 -10.41
C MET B 4 3.30 -46.22 -9.70
N THR B 5 2.96 -47.12 -8.79
CA THR B 5 1.71 -47.04 -8.05
C THR B 5 1.99 -46.83 -6.57
N GLN B 6 1.53 -45.70 -6.03
CA GLN B 6 1.70 -45.39 -4.63
C GLN B 6 0.42 -45.67 -3.84
N SER B 7 0.61 -46.05 -2.58
CA SER B 7 -0.52 -46.27 -1.69
C SER B 7 -0.13 -45.84 -0.27
N PRO B 8 -1.04 -45.23 0.47
CA PRO B 8 -2.36 -44.73 0.06
C PRO B 8 -2.25 -43.43 -0.70
N SER B 9 -3.34 -42.95 -1.32
CA SER B 9 -3.31 -41.64 -1.96
C SER B 9 -3.31 -40.49 -0.96
N SER B 10 -3.89 -40.69 0.21
CA SER B 10 -3.85 -39.70 1.27
C SER B 10 -3.89 -40.45 2.59
N LEU B 11 -3.29 -39.84 3.60
CA LEU B 11 -3.42 -40.35 4.96
C LEU B 11 -3.30 -39.21 5.94
N SER B 12 -3.86 -39.42 7.13
CA SER B 12 -3.74 -38.48 8.23
C SER B 12 -3.29 -39.26 9.46
N ALA B 13 -2.41 -38.66 10.25
CA ALA B 13 -1.86 -39.32 11.42
C ALA B 13 -1.39 -38.28 12.43
N SER B 14 -1.14 -38.73 13.65
CA SER B 14 -0.77 -37.85 14.75
C SER B 14 0.74 -37.82 14.96
N VAL B 15 1.19 -36.72 15.58
CA VAL B 15 2.60 -36.61 15.94
C VAL B 15 3.00 -37.81 16.77
N GLY B 16 4.14 -38.39 16.45
CA GLY B 16 4.63 -39.57 17.13
C GLY B 16 4.25 -40.89 16.51
N ASP B 17 3.28 -40.91 15.60
CA ASP B 17 2.90 -42.12 14.90
C ASP B 17 4.02 -42.58 13.96
N ARG B 18 4.08 -43.88 13.72
CA ARG B 18 4.91 -44.44 12.67
C ARG B 18 4.06 -44.61 11.41
N VAL B 19 4.42 -43.91 10.32
CA VAL B 19 3.65 -43.95 9.10
C VAL B 19 4.42 -44.60 7.96
N THR B 20 3.71 -45.36 7.15
CA THR B 20 4.31 -46.06 6.03
C THR B 20 3.53 -45.73 4.76
N ILE B 21 4.28 -45.44 3.69
CA ILE B 21 3.80 -45.20 2.35
C ILE B 21 4.51 -46.18 1.44
N THR B 22 3.80 -46.79 0.51
CA THR B 22 4.39 -47.82 -0.34
C THR B 22 4.37 -47.37 -1.79
N CYS B 23 5.33 -47.88 -2.56
CA CYS B 23 5.47 -47.60 -3.98
C CYS B 23 5.74 -48.92 -4.65
N ARG B 24 4.95 -49.27 -5.68
CA ARG B 24 5.16 -50.49 -6.45
C ARG B 24 5.39 -50.16 -7.91
N ALA B 25 6.45 -50.71 -8.47
CA ALA B 25 6.76 -50.55 -9.87
C ALA B 25 6.21 -51.74 -10.64
N SER B 26 5.86 -51.48 -11.92
CA SER B 26 5.34 -52.52 -12.80
C SER B 26 6.39 -53.52 -13.25
N GLU B 27 7.67 -53.26 -13.01
CA GLU B 27 8.74 -54.20 -13.29
C GLU B 27 9.89 -53.90 -12.34
N ASP B 28 10.84 -54.84 -12.26
CA ASP B 28 11.97 -54.69 -11.35
C ASP B 28 12.79 -53.44 -11.71
N ILE B 29 13.02 -52.56 -10.73
CA ILE B 29 13.84 -51.37 -10.92
C ILE B 29 15.13 -51.41 -10.10
N TYR B 30 15.42 -52.55 -9.47
CA TYR B 30 16.76 -52.82 -8.92
C TYR B 30 17.25 -51.69 -8.02
N SER B 31 16.37 -51.27 -7.11
CA SER B 31 16.61 -50.27 -6.07
C SER B 31 16.85 -48.88 -6.63
N GLY B 32 16.55 -48.64 -7.91
CA GLY B 32 16.72 -47.34 -8.53
C GLY B 32 15.51 -46.46 -8.28
N LEU B 33 15.30 -46.10 -7.03
CA LEU B 33 14.07 -45.46 -6.57
C LEU B 33 14.41 -44.25 -5.73
N ALA B 34 13.74 -43.13 -6.03
CA ALA B 34 13.89 -41.90 -5.28
C ALA B 34 12.55 -41.53 -4.65
N TRP B 35 12.63 -40.81 -3.54
CA TRP B 35 11.47 -40.24 -2.88
C TRP B 35 11.64 -38.72 -2.80
N TYR B 36 10.57 -37.98 -3.05
CA TYR B 36 10.54 -36.55 -2.93
C TYR B 36 9.44 -36.10 -1.97
N GLN B 37 9.68 -34.96 -1.32
CA GLN B 37 8.72 -34.28 -0.46
C GLN B 37 8.37 -32.93 -1.07
N GLN B 38 7.08 -32.61 -1.13
CA GLN B 38 6.67 -31.33 -1.69
C GLN B 38 5.60 -30.67 -0.84
N LYS B 39 5.84 -29.43 -0.50
CA LYS B 39 4.83 -28.60 0.16
C LYS B 39 4.01 -27.80 -0.87
N PRO B 40 2.77 -27.43 -0.55
CA PRO B 40 1.92 -26.80 -1.55
C PRO B 40 2.55 -25.55 -2.14
N GLY B 41 2.59 -25.52 -3.48
CA GLY B 41 3.13 -24.39 -4.22
C GLY B 41 4.64 -24.32 -4.26
N LYS B 42 5.33 -25.22 -3.57
CA LYS B 42 6.79 -25.21 -3.48
C LYS B 42 7.37 -26.29 -4.35
N VAL B 43 8.69 -26.25 -4.52
CA VAL B 43 9.34 -27.22 -5.38
C VAL B 43 9.42 -28.58 -4.70
N PRO B 44 9.50 -29.66 -5.47
CA PRO B 44 9.87 -30.94 -4.86
C PRO B 44 11.26 -30.85 -4.25
N LYS B 45 11.44 -31.54 -3.13
CA LYS B 45 12.72 -31.67 -2.46
C LYS B 45 13.12 -33.14 -2.46
N LEU B 46 14.36 -33.45 -2.88
CA LEU B 46 14.84 -34.83 -2.89
C LEU B 46 15.05 -35.29 -1.46
N LEU B 47 14.41 -36.41 -1.09
CA LEU B 47 14.52 -36.96 0.26
C LEU B 47 15.44 -38.16 0.34
N ILE B 48 15.22 -39.11 -0.57
CA ILE B 48 15.88 -40.42 -0.54
C ILE B 48 16.25 -40.78 -1.97
N TYR B 49 17.42 -41.37 -2.15
CA TYR B 49 17.82 -41.92 -3.43
C TYR B 49 18.44 -43.29 -3.21
N ASP B 50 18.63 -44.01 -4.31
CA ASP B 50 19.10 -45.40 -4.28
C ASP B 50 18.24 -46.25 -3.34
N SER B 51 16.95 -45.91 -3.23
CA SER B 51 15.93 -46.57 -2.42
C SER B 51 16.07 -46.36 -0.91
N SER B 52 17.28 -46.17 -0.36
CA SER B 52 17.44 -46.13 1.08
C SER B 52 18.46 -45.11 1.60
N THR B 53 19.04 -44.25 0.76
CA THR B 53 20.00 -43.25 1.19
C THR B 53 19.34 -41.88 1.33
N LEU B 54 19.43 -41.32 2.53
CA LEU B 54 18.90 -39.99 2.80
C LEU B 54 19.78 -38.91 2.18
N HIS B 55 19.14 -37.94 1.53
CA HIS B 55 19.84 -36.78 0.98
C HIS B 55 20.23 -35.80 2.08
N THR B 56 21.16 -34.90 1.73
CA THR B 56 21.66 -33.88 2.63
C THR B 56 20.52 -33.16 3.36
N GLY B 57 20.62 -33.11 4.69
CA GLY B 57 19.69 -32.35 5.49
C GLY B 57 18.44 -33.10 5.93
N VAL B 58 18.25 -34.34 5.47
CA VAL B 58 17.00 -35.04 5.74
C VAL B 58 17.10 -35.71 7.11
N PRO B 59 16.11 -35.51 7.98
CA PRO B 59 16.16 -36.09 9.33
C PRO B 59 16.13 -37.60 9.34
N SER B 60 16.77 -38.17 10.38
CA SER B 60 16.92 -39.62 10.47
C SER B 60 15.60 -40.35 10.67
N ARG B 61 14.51 -39.66 11.04
CA ARG B 61 13.24 -40.36 11.17
C ARG B 61 12.70 -40.87 9.82
N PHE B 62 13.23 -40.39 8.70
CA PHE B 62 12.85 -40.91 7.40
C PHE B 62 13.68 -42.13 7.05
N SER B 63 13.03 -43.13 6.46
CA SER B 63 13.79 -44.26 5.96
C SER B 63 13.12 -44.84 4.74
N GLY B 64 13.94 -45.41 3.88
CA GLY B 64 13.45 -46.08 2.69
C GLY B 64 13.94 -47.51 2.71
N THR B 65 13.08 -48.42 2.27
CA THR B 65 13.37 -49.83 2.24
C THR B 65 12.69 -50.41 1.00
N GLY B 66 13.07 -51.64 0.67
CA GLY B 66 12.42 -52.39 -0.38
C GLY B 66 13.42 -52.92 -1.38
N SER B 67 12.90 -53.68 -2.32
CA SER B 67 13.73 -54.18 -3.42
C SER B 67 12.79 -54.71 -4.48
N GLY B 68 13.36 -55.05 -5.63
CA GLY B 68 12.55 -55.61 -6.69
C GLY B 68 11.57 -54.58 -7.17
N THR B 69 10.28 -54.89 -7.03
CA THR B 69 9.22 -53.99 -7.45
C THR B 69 8.59 -53.20 -6.31
N ASP B 70 8.85 -53.56 -5.05
CA ASP B 70 8.07 -53.05 -3.91
C ASP B 70 8.96 -52.25 -2.94
N TYR B 71 8.60 -51.00 -2.69
CA TYR B 71 9.38 -50.09 -1.88
C TYR B 71 8.50 -49.37 -0.86
N THR B 72 9.13 -48.95 0.22
CA THR B 72 8.40 -48.34 1.32
C THR B 72 9.15 -47.13 1.83
N LEU B 73 8.40 -46.07 2.10
CA LEU B 73 8.88 -44.94 2.87
C LEU B 73 8.27 -44.99 4.26
N THR B 74 9.11 -44.92 5.29
CA THR B 74 8.65 -44.96 6.67
C THR B 74 9.11 -43.69 7.38
N ILE B 75 8.18 -43.04 8.09
CA ILE B 75 8.53 -41.99 9.01
C ILE B 75 8.34 -42.56 10.40
N SER B 76 9.43 -42.67 11.16
CA SER B 76 9.40 -43.45 12.41
C SER B 76 8.60 -42.77 13.50
N SER B 77 8.66 -41.44 13.58
CA SER B 77 7.96 -40.66 14.59
C SER B 77 7.53 -39.34 13.92
N LEU B 78 6.29 -39.30 13.48
CA LEU B 78 5.79 -38.20 12.66
C LEU B 78 5.89 -36.89 13.40
N GLN B 79 6.36 -35.86 12.70
CA GLN B 79 6.48 -34.51 13.25
C GLN B 79 5.66 -33.52 12.43
N PRO B 80 5.27 -32.39 13.02
CA PRO B 80 4.39 -31.45 12.29
C PRO B 80 5.01 -30.97 11.00
N GLU B 81 6.33 -30.82 10.94
CA GLU B 81 6.92 -30.33 9.68
C GLU B 81 6.93 -31.38 8.56
N ASP B 82 6.47 -32.59 8.79
CA ASP B 82 6.37 -33.60 7.75
C ASP B 82 5.10 -33.49 6.91
N VAL B 83 4.19 -32.58 7.24
CA VAL B 83 2.99 -32.36 6.43
C VAL B 83 3.44 -31.96 5.03
N ALA B 84 2.98 -32.71 4.03
CA ALA B 84 3.48 -32.57 2.66
C ALA B 84 2.83 -33.66 1.80
N THR B 85 3.10 -33.60 0.49
CA THR B 85 2.84 -34.72 -0.41
C THR B 85 4.17 -35.36 -0.76
N TYR B 86 4.21 -36.69 -0.73
CA TYR B 86 5.38 -37.49 -0.99
C TYR B 86 5.20 -38.22 -2.30
N PHE B 87 6.24 -38.22 -3.14
CA PHE B 87 6.22 -38.86 -4.44
C PHE B 87 7.42 -39.80 -4.56
N CYS B 88 7.21 -40.96 -5.12
CA CYS B 88 8.32 -41.82 -5.56
C CYS B 88 8.59 -41.58 -7.04
N GLN B 89 9.78 -41.99 -7.46
CA GLN B 89 10.20 -41.84 -8.84
C GLN B 89 11.16 -42.96 -9.17
N GLN B 90 10.94 -43.69 -10.25
CA GLN B 90 11.96 -44.65 -10.68
C GLN B 90 12.99 -43.93 -11.55
N ASN B 91 14.26 -44.25 -11.30
CA ASN B 91 15.42 -43.64 -11.97
C ASN B 91 16.18 -44.69 -12.78
N TYR B 92 15.51 -45.79 -13.14
CA TYR B 92 16.13 -46.96 -13.74
C TYR B 92 16.09 -46.96 -15.27
N ASP B 93 14.97 -46.56 -15.88
CA ASP B 93 14.84 -46.60 -17.33
C ASP B 93 14.08 -45.37 -17.80
N PHE B 94 14.36 -44.95 -19.06
CA PHE B 94 13.60 -43.85 -19.65
C PHE B 94 12.33 -44.38 -20.34
N PRO B 95 11.23 -43.63 -20.30
CA PRO B 95 11.05 -42.31 -19.67
C PRO B 95 11.04 -42.43 -18.16
N LEU B 96 11.65 -41.47 -17.48
CA LEU B 96 11.57 -41.40 -16.02
C LEU B 96 10.10 -41.25 -15.66
N THR B 97 9.67 -41.94 -14.62
CA THR B 97 8.26 -41.92 -14.23
C THR B 97 8.09 -41.82 -12.72
N PHE B 98 7.01 -41.15 -12.33
CA PHE B 98 6.71 -40.82 -10.95
C PHE B 98 5.43 -41.49 -10.48
N GLY B 99 5.38 -41.78 -9.20
CA GLY B 99 4.14 -42.16 -8.55
C GLY B 99 3.18 -41.00 -8.46
N GLN B 100 1.94 -41.32 -8.09
CA GLN B 100 0.89 -40.30 -8.12
C GLN B 100 0.88 -39.41 -6.88
N GLY B 101 1.64 -39.74 -5.85
CA GLY B 101 1.71 -38.91 -4.69
C GLY B 101 0.85 -39.44 -3.56
N THR B 102 1.33 -39.23 -2.33
CA THR B 102 0.58 -39.48 -1.10
C THR B 102 0.55 -38.19 -0.30
N LYS B 103 -0.65 -37.64 -0.08
CA LYS B 103 -0.81 -36.44 0.72
C LYS B 103 -0.87 -36.81 2.19
N LEU B 104 0.01 -36.25 3.00
CA LEU B 104 0.10 -36.58 4.43
C LEU B 104 -0.41 -35.40 5.24
N GLU B 105 -1.48 -35.61 6.02
CA GLU B 105 -2.06 -34.61 6.89
C GLU B 105 -1.81 -34.99 8.35
N ILE B 106 -1.80 -33.98 9.22
CA ILE B 106 -1.53 -34.14 10.65
C ILE B 106 -2.82 -33.99 11.44
N LYS B 107 -3.04 -34.91 12.37
CA LYS B 107 -4.08 -34.80 13.40
C LYS B 107 -3.43 -34.30 14.69
N ARG B 108 -4.14 -33.43 15.42
CA ARG B 108 -3.61 -32.83 16.64
C ARG B 108 -4.77 -32.45 17.57
N THR B 109 -4.46 -31.72 18.64
CA THR B 109 -5.46 -31.27 19.61
C THR B 109 -6.24 -30.04 19.14
N VAL B 110 -7.40 -29.82 19.74
CA VAL B 110 -8.26 -28.70 19.40
C VAL B 110 -7.59 -27.36 19.69
N ALA B 111 -7.84 -26.39 18.79
CA ALA B 111 -7.41 -25.02 18.95
C ALA B 111 -8.54 -24.13 18.45
N ALA B 112 -9.09 -23.28 19.32
CA ALA B 112 -10.20 -22.43 18.92
C ALA B 112 -9.72 -21.34 17.98
N PRO B 113 -10.55 -20.94 17.02
CA PRO B 113 -10.15 -19.86 16.11
C PRO B 113 -10.25 -18.50 16.79
N SER B 114 -9.37 -17.59 16.37
CA SER B 114 -9.59 -16.16 16.57
C SER B 114 -10.39 -15.65 15.37
N VAL B 115 -11.47 -14.90 15.63
CA VAL B 115 -12.38 -14.46 14.58
C VAL B 115 -12.27 -12.95 14.42
N PHE B 116 -12.11 -12.53 13.17
CA PHE B 116 -11.93 -11.14 12.79
C PHE B 116 -12.84 -10.83 11.60
N ILE B 117 -13.31 -9.58 11.52
CA ILE B 117 -14.12 -9.16 10.39
C ILE B 117 -13.57 -7.85 9.83
N PHE B 118 -13.65 -7.72 8.51
CA PHE B 118 -13.19 -6.55 7.77
C PHE B 118 -14.33 -5.99 6.92
N PRO B 119 -14.85 -4.81 7.23
CA PRO B 119 -15.82 -4.20 6.31
C PRO B 119 -15.19 -3.91 4.98
N PRO B 120 -16.00 -3.67 3.94
CA PRO B 120 -15.44 -3.29 2.65
C PRO B 120 -14.68 -1.98 2.79
N SER B 121 -13.61 -1.87 2.01
CA SER B 121 -12.79 -0.67 2.00
C SER B 121 -13.51 0.46 1.27
N ASP B 122 -13.20 1.68 1.68
CA ASP B 122 -13.70 2.83 0.92
C ASP B 122 -13.24 2.75 -0.53
N GLU B 123 -12.00 2.28 -0.74
CA GLU B 123 -11.46 2.19 -2.09
C GLU B 123 -12.32 1.29 -2.97
N GLN B 124 -12.75 0.14 -2.45
CA GLN B 124 -13.55 -0.78 -3.23
C GLN B 124 -14.96 -0.24 -3.45
N LEU B 125 -15.53 0.37 -2.41
CA LEU B 125 -16.90 0.87 -2.52
C LEU B 125 -17.02 1.93 -3.61
N LYS B 126 -15.97 2.74 -3.81
CA LYS B 126 -16.00 3.72 -4.88
C LYS B 126 -16.26 3.09 -6.25
N SER B 127 -16.01 1.79 -6.42
CA SER B 127 -16.14 1.10 -7.70
C SER B 127 -17.44 0.32 -7.87
N GLY B 128 -18.32 0.30 -6.88
CA GLY B 128 -19.61 -0.34 -7.03
C GLY B 128 -19.78 -1.75 -6.52
N THR B 129 -18.79 -2.30 -5.83
CA THR B 129 -18.92 -3.62 -5.23
C THR B 129 -18.46 -3.54 -3.79
N ALA B 130 -19.02 -4.42 -2.95
CA ALA B 130 -18.68 -4.49 -1.53
C ALA B 130 -18.30 -5.92 -1.17
N SER B 131 -17.07 -6.12 -0.71
CA SER B 131 -16.62 -7.41 -0.20
C SER B 131 -16.40 -7.29 1.30
N VAL B 132 -17.02 -8.19 2.06
CA VAL B 132 -16.86 -8.30 3.51
C VAL B 132 -16.13 -9.59 3.83
N VAL B 133 -15.05 -9.50 4.59
CA VAL B 133 -14.18 -10.65 4.84
C VAL B 133 -14.25 -11.02 6.32
N CYS B 134 -14.54 -12.28 6.58
CA CYS B 134 -14.51 -12.88 7.90
C CYS B 134 -13.33 -13.85 7.95
N LEU B 135 -12.47 -13.70 8.95
CA LEU B 135 -11.24 -14.48 9.05
C LEU B 135 -11.26 -15.30 10.32
N LEU B 136 -11.03 -16.60 10.18
CA LEU B 136 -10.82 -17.52 11.30
C LEU B 136 -9.33 -17.88 11.31
N ASN B 137 -8.61 -17.52 12.36
CA ASN B 137 -7.18 -17.67 12.31
C ASN B 137 -6.71 -18.77 13.25
N ASN B 138 -5.85 -19.64 12.71
CA ASN B 138 -5.01 -20.59 13.46
C ASN B 138 -5.82 -21.49 14.38
N PHE B 139 -6.65 -22.34 13.75
CA PHE B 139 -7.56 -23.19 14.49
C PHE B 139 -7.40 -24.65 14.04
N TYR B 140 -7.96 -25.54 14.84
CA TYR B 140 -7.90 -26.97 14.58
C TYR B 140 -9.06 -27.63 15.32
N PRO B 141 -9.80 -28.57 14.70
CA PRO B 141 -9.68 -29.09 13.32
C PRO B 141 -10.23 -28.14 12.28
N ARG B 142 -10.11 -28.56 11.01
CA ARG B 142 -10.50 -27.72 9.88
C ARG B 142 -11.99 -27.46 9.86
N GLU B 143 -12.80 -28.40 10.36
CA GLU B 143 -14.25 -28.25 10.27
C GLU B 143 -14.71 -27.05 11.07
N ALA B 144 -15.50 -26.20 10.43
CA ALA B 144 -16.05 -25.00 11.06
C ALA B 144 -17.26 -24.59 10.25
N LYS B 145 -18.22 -23.96 10.92
CA LYS B 145 -19.42 -23.45 10.27
C LYS B 145 -19.37 -21.93 10.34
N VAL B 146 -19.42 -21.28 9.18
CA VAL B 146 -19.44 -19.84 9.09
C VAL B 146 -20.72 -19.43 8.37
N GLN B 147 -21.54 -18.64 9.04
CA GLN B 147 -22.78 -18.14 8.47
C GLN B 147 -22.78 -16.63 8.47
N TRP B 148 -23.29 -16.07 7.39
CA TRP B 148 -23.43 -14.62 7.28
C TRP B 148 -24.86 -14.23 7.60
N LYS B 149 -25.03 -13.18 8.38
CA LYS B 149 -26.35 -12.67 8.68
C LYS B 149 -26.34 -11.17 8.42
N VAL B 150 -27.32 -10.70 7.67
CA VAL B 150 -27.44 -9.31 7.32
C VAL B 150 -28.79 -8.85 7.87
N ASP B 151 -28.77 -7.86 8.75
CA ASP B 151 -29.96 -7.46 9.52
C ASP B 151 -30.68 -8.70 10.05
N ASN B 152 -29.90 -9.64 10.57
CA ASN B 152 -30.36 -10.87 11.21
C ASN B 152 -30.99 -11.87 10.24
N ALA B 153 -30.93 -11.63 8.93
CA ALA B 153 -31.43 -12.57 7.93
C ALA B 153 -30.28 -13.44 7.45
N LEU B 154 -30.43 -14.76 7.58
CA LEU B 154 -29.39 -15.68 7.13
C LEU B 154 -29.20 -15.59 5.63
N GLN B 155 -27.94 -15.46 5.20
CA GLN B 155 -27.58 -15.36 3.80
C GLN B 155 -27.25 -16.71 3.22
N SER B 156 -27.45 -16.82 1.91
CA SER B 156 -27.02 -17.97 1.14
C SER B 156 -26.75 -17.49 -0.28
N GLY B 157 -25.72 -18.05 -0.91
CA GLY B 157 -25.47 -17.82 -2.31
C GLY B 157 -24.55 -16.68 -2.66
N ASN B 158 -24.05 -15.92 -1.68
CA ASN B 158 -23.24 -14.75 -1.97
C ASN B 158 -21.90 -14.76 -1.23
N SER B 159 -21.44 -15.92 -0.79
CA SER B 159 -20.14 -16.01 -0.12
C SER B 159 -19.32 -17.18 -0.64
N GLN B 160 -17.99 -17.06 -0.48
CA GLN B 160 -17.07 -18.12 -0.83
C GLN B 160 -16.04 -18.26 0.27
N GLU B 161 -15.63 -19.49 0.52
CA GLU B 161 -14.62 -19.79 1.51
C GLU B 161 -13.33 -20.27 0.86
N SER B 162 -12.21 -19.99 1.54
CA SER B 162 -10.92 -20.53 1.21
C SER B 162 -10.20 -20.90 2.51
N VAL B 163 -9.56 -22.06 2.53
CA VAL B 163 -8.81 -22.57 3.68
C VAL B 163 -7.32 -22.68 3.32
N THR B 164 -6.45 -22.33 4.27
CA THR B 164 -5.03 -22.45 4.05
C THR B 164 -4.57 -23.91 4.10
N GLU B 165 -3.38 -24.14 3.55
CA GLU B 165 -2.65 -25.37 3.85
C GLU B 165 -2.40 -25.46 5.36
N GLN B 166 -2.23 -26.69 5.83
CA GLN B 166 -1.92 -26.90 7.24
C GLN B 166 -0.54 -26.34 7.57
N ASP B 167 -0.44 -25.65 8.73
CA ASP B 167 0.81 -25.00 9.14
C ASP B 167 1.88 -26.03 9.45
N SER B 168 3.10 -25.77 8.98
CA SER B 168 4.20 -26.72 9.15
C SER B 168 4.71 -26.80 10.59
N LYS B 169 4.42 -25.81 11.42
CA LYS B 169 4.89 -25.78 12.80
C LYS B 169 3.86 -26.20 13.83
N ASP B 170 2.63 -25.69 13.76
CA ASP B 170 1.62 -26.03 14.76
C ASP B 170 0.42 -26.77 14.20
N SER B 171 0.42 -27.11 12.90
CA SER B 171 -0.59 -27.97 12.28
C SER B 171 -2.00 -27.37 12.31
N THR B 172 -2.11 -26.05 12.45
CA THR B 172 -3.39 -25.37 12.43
C THR B 172 -3.75 -24.91 11.02
N TYR B 173 -4.98 -24.45 10.89
CA TYR B 173 -5.52 -23.90 9.66
C TYR B 173 -5.98 -22.47 9.87
N SER B 174 -6.14 -21.75 8.76
CA SER B 174 -6.90 -20.51 8.77
C SER B 174 -7.90 -20.55 7.61
N LEU B 175 -8.98 -19.77 7.75
CA LEU B 175 -10.09 -19.82 6.81
C LEU B 175 -10.61 -18.41 6.59
N SER B 176 -10.89 -18.08 5.34
CA SER B 176 -11.53 -16.82 4.99
C SER B 176 -12.91 -17.13 4.43
N SER B 177 -13.90 -16.32 4.81
CA SER B 177 -15.22 -16.33 4.18
C SER B 177 -15.48 -14.93 3.68
N THR B 178 -15.79 -14.80 2.38
CA THR B 178 -15.94 -13.47 1.78
C THR B 178 -17.35 -13.34 1.23
N LEU B 179 -18.07 -12.35 1.73
CA LEU B 179 -19.44 -12.04 1.31
C LEU B 179 -19.33 -10.92 0.29
N THR B 180 -19.87 -11.12 -0.93
CA THR B 180 -19.77 -10.12 -1.98
C THR B 180 -21.16 -9.65 -2.40
N LEU B 181 -21.35 -8.35 -2.38
CA LEU B 181 -22.63 -7.74 -2.74
C LEU B 181 -22.39 -6.57 -3.67
N SER B 182 -23.36 -6.29 -4.53
CA SER B 182 -23.32 -5.01 -5.22
C SER B 182 -23.39 -3.89 -4.18
N LYS B 183 -22.82 -2.75 -4.52
CA LYS B 183 -22.90 -1.60 -3.61
C LYS B 183 -24.37 -1.30 -3.28
N ALA B 184 -25.25 -1.38 -4.27
CA ALA B 184 -26.66 -1.10 -4.04
C ALA B 184 -27.27 -2.08 -3.04
N ASP B 185 -27.06 -3.38 -3.23
CA ASP B 185 -27.58 -4.35 -2.27
C ASP B 185 -26.99 -4.12 -0.88
N TYR B 186 -25.71 -3.74 -0.82
CA TYR B 186 -25.06 -3.48 0.46
C TYR B 186 -25.72 -2.33 1.20
N GLU B 187 -26.08 -1.27 0.49
CA GLU B 187 -26.69 -0.10 1.12
C GLU B 187 -28.15 -0.33 1.52
N LYS B 188 -28.75 -1.44 1.13
CA LYS B 188 -30.11 -1.77 1.56
C LYS B 188 -30.17 -2.27 3.00
N HIS B 189 -29.03 -2.61 3.61
CA HIS B 189 -29.01 -3.23 4.94
C HIS B 189 -28.04 -2.49 5.85
N LYS B 190 -28.17 -2.75 7.16
CA LYS B 190 -27.38 -2.04 8.16
C LYS B 190 -26.38 -2.93 8.88
N VAL B 191 -26.81 -4.04 9.45
CA VAL B 191 -25.96 -4.86 10.32
C VAL B 191 -25.39 -6.00 9.50
N TYR B 192 -24.06 -6.15 9.52
CA TYR B 192 -23.37 -7.24 8.85
C TYR B 192 -22.61 -8.05 9.89
N ALA B 193 -22.89 -9.35 9.93
CA ALA B 193 -22.32 -10.22 10.95
C ALA B 193 -21.89 -11.57 10.38
N CYS B 194 -20.76 -12.05 10.92
CA CYS B 194 -20.21 -13.37 10.68
C CYS B 194 -20.39 -14.17 11.95
N GLU B 195 -21.07 -15.32 11.87
CA GLU B 195 -21.32 -16.19 13.01
C GLU B 195 -20.54 -17.48 12.79
N VAL B 196 -19.69 -17.83 13.75
CA VAL B 196 -18.74 -18.94 13.63
C VAL B 196 -19.08 -19.97 14.69
N THR B 197 -19.28 -21.21 14.26
CA THR B 197 -19.44 -22.37 15.13
C THR B 197 -18.25 -23.30 14.96
N HIS B 198 -17.61 -23.68 16.06
CA HIS B 198 -16.42 -24.51 16.00
C HIS B 198 -16.29 -25.25 17.34
N GLN B 199 -15.69 -26.44 17.27
CA GLN B 199 -15.53 -27.30 18.43
C GLN B 199 -14.80 -26.63 19.60
N GLY B 200 -13.87 -25.73 19.31
CA GLY B 200 -13.09 -25.10 20.34
C GLY B 200 -13.76 -23.93 21.01
N LEU B 201 -14.98 -23.60 20.57
CA LEU B 201 -15.77 -22.49 21.09
C LEU B 201 -16.97 -23.04 21.85
N SER B 202 -17.16 -22.60 23.09
CA SER B 202 -18.29 -23.09 23.87
C SER B 202 -19.65 -22.70 23.28
N SER B 203 -19.71 -21.58 22.57
CA SER B 203 -20.95 -21.12 21.93
C SER B 203 -20.58 -20.39 20.65
N PRO B 204 -21.52 -20.24 19.72
CA PRO B 204 -21.18 -19.55 18.47
C PRO B 204 -20.69 -18.14 18.77
N VAL B 205 -19.68 -17.72 18.00
CA VAL B 205 -19.09 -16.38 18.09
C VAL B 205 -19.60 -15.57 16.92
N THR B 206 -20.06 -14.34 17.21
CA THR B 206 -20.51 -13.41 16.20
C THR B 206 -19.61 -12.17 16.20
N LYS B 207 -19.06 -11.85 15.04
CA LYS B 207 -18.36 -10.58 14.81
C LYS B 207 -19.24 -9.74 13.88
N SER B 208 -19.49 -8.49 14.25
CA SER B 208 -20.46 -7.68 13.51
C SER B 208 -20.01 -6.23 13.45
N PHE B 209 -20.57 -5.53 12.47
CA PHE B 209 -20.41 -4.08 12.34
C PHE B 209 -21.65 -3.51 11.67
N ASN B 210 -21.84 -2.20 11.80
CA ASN B 210 -22.92 -1.47 11.15
C ASN B 210 -22.42 -0.72 9.93
N ARG B 211 -23.10 -0.92 8.78
CA ARG B 211 -22.72 -0.22 7.57
C ARG B 211 -22.64 1.28 7.80
N GLY B 212 -21.64 1.93 7.20
CA GLY B 212 -21.56 3.36 7.32
C GLY B 212 -20.99 3.85 8.63
N GLU B 213 -20.56 2.94 9.50
CA GLU B 213 -20.00 3.33 10.80
C GLU B 213 -18.60 2.79 11.00
N GLU C 1 2.11 19.36 43.14
CA GLU C 1 1.51 19.31 41.77
C GLU C 1 0.40 18.27 41.79
N VAL C 2 -0.62 18.49 40.96
CA VAL C 2 -1.66 17.48 40.77
C VAL C 2 -1.03 16.25 40.14
N GLN C 3 -1.36 15.07 40.69
CA GLN C 3 -0.85 13.83 40.13
C GLN C 3 -1.91 12.74 40.25
N LEU C 4 -2.00 11.92 39.20
CA LEU C 4 -2.83 10.72 39.18
C LEU C 4 -1.94 9.53 38.84
N VAL C 5 -2.03 8.47 39.64
CA VAL C 5 -1.19 7.30 39.45
C VAL C 5 -2.08 6.07 39.42
N GLU C 6 -2.03 5.34 38.31
CA GLU C 6 -2.86 4.14 38.16
C GLU C 6 -2.09 2.90 38.57
N SER C 7 -2.84 1.89 39.00
CA SER C 7 -2.26 0.57 39.23
C SER C 7 -3.32 -0.48 38.91
N GLY C 8 -2.84 -1.73 38.73
CA GLY C 8 -3.72 -2.88 38.59
C GLY C 8 -3.75 -3.57 37.23
N GLY C 9 -3.06 -3.06 36.22
CA GLY C 9 -3.16 -3.68 34.91
C GLY C 9 -2.44 -5.02 34.83
N GLY C 10 -2.53 -5.61 33.64
CA GLY C 10 -1.91 -6.88 33.34
C GLY C 10 -2.86 -7.82 32.62
N LEU C 11 -2.60 -9.12 32.77
CA LEU C 11 -3.29 -10.19 32.03
C LEU C 11 -4.54 -10.66 32.74
N VAL C 12 -5.61 -10.85 31.97
CA VAL C 12 -6.87 -11.38 32.47
C VAL C 12 -7.47 -12.27 31.40
N LYS C 13 -8.14 -13.36 31.83
CA LYS C 13 -8.78 -14.23 30.84
C LYS C 13 -10.08 -13.65 30.30
N PRO C 14 -10.44 -13.97 29.06
CA PRO C 14 -11.77 -13.62 28.55
C PRO C 14 -12.85 -14.15 29.48
N GLY C 15 -13.87 -13.33 29.67
CA GLY C 15 -14.93 -13.59 30.63
C GLY C 15 -14.58 -13.24 32.07
N GLY C 16 -13.33 -12.86 32.34
CA GLY C 16 -12.93 -12.53 33.69
C GLY C 16 -13.15 -11.08 34.04
N SER C 17 -12.71 -10.73 35.26
CA SER C 17 -12.93 -9.43 35.87
C SER C 17 -11.59 -8.91 36.37
N LEU C 18 -11.43 -7.58 36.32
CA LEU C 18 -10.20 -6.94 36.75
C LEU C 18 -10.52 -5.55 37.28
N ARG C 19 -9.83 -5.15 38.36
CA ARG C 19 -10.02 -3.83 38.94
C ARG C 19 -8.76 -2.99 38.83
N LEU C 20 -8.91 -1.79 38.27
CA LEU C 20 -7.88 -0.80 38.26
C LEU C 20 -8.13 0.25 39.34
N SER C 21 -7.04 0.86 39.81
CA SER C 21 -7.04 1.93 40.79
C SER C 21 -6.40 3.19 40.24
N CYS C 22 -6.85 4.34 40.76
CA CYS C 22 -6.33 5.66 40.41
C CYS C 22 -6.15 6.42 41.71
N ALA C 23 -4.91 6.63 42.12
CA ALA C 23 -4.59 7.37 43.35
C ALA C 23 -4.31 8.82 43.01
N ALA C 24 -5.05 9.73 43.63
CA ALA C 24 -4.93 11.17 43.38
C ALA C 24 -4.18 11.87 44.49
N SER C 25 -3.34 12.82 44.11
CA SER C 25 -2.60 13.62 45.08
C SER C 25 -2.42 15.04 44.57
N GLY C 26 -2.12 15.95 45.50
CA GLY C 26 -1.82 17.31 45.12
C GLY C 26 -3.00 18.25 45.07
N TYR C 27 -4.18 17.82 45.49
CA TYR C 27 -5.37 18.65 45.52
C TYR C 27 -6.35 17.95 46.43
N THR C 28 -7.47 18.61 46.72
CA THR C 28 -8.53 18.02 47.53
C THR C 28 -9.34 17.08 46.62
N PHE C 29 -9.25 15.77 46.90
CA PHE C 29 -9.84 14.74 46.05
C PHE C 29 -11.32 15.00 45.79
N THR C 30 -12.07 15.45 46.81
CA THR C 30 -13.49 15.63 46.58
C THR C 30 -13.82 16.87 45.72
N ASP C 31 -12.83 17.68 45.35
CA ASP C 31 -13.07 18.91 44.58
C ASP C 31 -13.25 18.67 43.08
N ASN C 32 -12.95 17.48 42.56
CA ASN C 32 -13.07 17.26 41.11
C ASN C 32 -13.55 15.82 40.86
N TYR C 33 -14.23 15.60 39.73
CA TYR C 33 -14.60 14.22 39.39
C TYR C 33 -13.35 13.48 38.89
N ILE C 34 -13.40 12.15 38.94
CA ILE C 34 -12.40 11.32 38.28
C ILE C 34 -13.04 10.70 37.06
N HIS C 35 -12.39 10.85 35.90
CA HIS C 35 -12.89 10.26 34.67
C HIS C 35 -11.97 9.13 34.23
N TRP C 36 -12.54 8.14 33.55
CA TRP C 36 -11.78 7.06 32.97
C TRP C 36 -11.92 7.10 31.46
N VAL C 37 -10.77 6.90 30.77
CA VAL C 37 -10.67 6.94 29.33
C VAL C 37 -9.82 5.73 28.94
N ARG C 38 -10.14 5.09 27.82
CA ARG C 38 -9.23 4.06 27.34
C ARG C 38 -8.77 4.40 25.93
N GLN C 39 -7.66 3.78 25.54
CA GLN C 39 -7.07 4.00 24.23
C GLN C 39 -6.67 2.66 23.62
N ALA C 40 -7.19 2.41 22.44
CA ALA C 40 -6.77 1.22 21.68
C ALA C 40 -6.91 1.51 20.21
N PRO C 41 -6.05 0.93 19.37
CA PRO C 41 -6.20 1.12 17.92
C PRO C 41 -7.59 0.72 17.47
N GLY C 42 -8.14 1.50 16.55
CA GLY C 42 -9.50 1.29 16.07
C GLY C 42 -10.41 2.39 16.58
N LYS C 43 -11.02 2.21 17.74
CA LYS C 43 -11.84 3.31 18.24
C LYS C 43 -11.00 4.38 18.93
N GLY C 44 -9.70 4.12 19.14
CA GLY C 44 -8.85 5.20 19.60
C GLY C 44 -9.21 5.53 21.03
N LEU C 45 -9.14 6.82 21.37
CA LEU C 45 -9.53 7.28 22.70
C LEU C 45 -11.05 7.21 22.86
N GLU C 46 -11.47 6.62 23.97
CA GLU C 46 -12.88 6.50 24.32
C GLU C 46 -13.07 6.85 25.78
N TRP C 47 -14.07 7.70 26.04
CA TRP C 47 -14.43 8.08 27.40
C TRP C 47 -15.43 7.09 27.99
N ILE C 48 -15.09 6.57 29.15
CA ILE C 48 -15.87 5.51 29.78
C ILE C 48 -16.91 6.07 30.73
N GLY C 49 -16.52 7.03 31.56
CA GLY C 49 -17.43 7.61 32.52
C GLY C 49 -16.67 8.40 33.56
N TYR C 50 -17.43 8.92 34.52
CA TYR C 50 -16.84 9.65 35.64
C TYR C 50 -17.48 9.22 36.95
N ILE C 51 -16.80 9.55 38.04
CA ILE C 51 -17.41 9.45 39.36
C ILE C 51 -17.15 10.74 40.12
N ASN C 52 -18.17 11.22 40.84
CA ASN C 52 -18.03 12.36 41.75
C ASN C 52 -17.63 11.84 43.12
N PRO C 53 -16.41 12.07 43.60
CA PRO C 53 -16.01 11.46 44.87
C PRO C 53 -16.80 11.96 46.06
N SER C 54 -17.35 13.16 45.98
CA SER C 54 -18.11 13.70 47.11
C SER C 54 -19.41 12.94 47.34
N SER C 55 -20.12 12.57 46.26
CA SER C 55 -21.42 11.93 46.33
C SER C 55 -21.40 10.46 45.96
N ALA C 56 -20.30 9.98 45.36
CA ALA C 56 -20.15 8.65 44.78
C ALA C 56 -21.09 8.40 43.60
N TYR C 57 -21.66 9.44 43.02
CA TYR C 57 -22.48 9.28 41.83
C TYR C 57 -21.58 9.06 40.62
N ALA C 58 -21.87 8.01 39.85
CA ALA C 58 -21.12 7.69 38.63
C ALA C 58 -22.03 7.86 37.41
N HIS C 59 -21.45 8.40 36.34
CA HIS C 59 -22.15 8.66 35.09
C HIS C 59 -21.35 7.96 34.00
N TYR C 60 -22.04 7.24 33.11
CA TYR C 60 -21.36 6.38 32.16
C TYR C 60 -21.68 6.72 30.71
N ASN C 61 -20.69 6.45 29.87
CA ASN C 61 -20.96 6.22 28.46
C ASN C 61 -21.80 4.96 28.31
N GLU C 62 -22.95 5.07 27.62
CA GLU C 62 -23.82 3.91 27.51
C GLU C 62 -23.11 2.68 26.92
N LYS C 63 -22.07 2.89 26.10
CA LYS C 63 -21.30 1.80 25.48
C LYS C 63 -20.53 0.97 26.51
N PHE C 64 -20.33 1.51 27.72
CA PHE C 64 -19.53 0.87 28.76
C PHE C 64 -20.32 0.54 30.02
N LYS C 65 -21.60 0.92 30.09
CA LYS C 65 -22.33 0.79 31.35
C LYS C 65 -22.52 -0.67 31.76
N THR C 66 -22.65 -1.59 30.81
CA THR C 66 -22.99 -2.94 31.27
C THR C 66 -21.82 -3.64 31.90
N ARG C 67 -20.60 -3.40 31.41
CA ARG C 67 -19.45 -4.17 31.85
C ARG C 67 -18.46 -3.41 32.72
N PHE C 68 -18.60 -2.10 32.88
CA PHE C 68 -17.64 -1.28 33.60
C PHE C 68 -18.34 -0.56 34.73
N THR C 69 -17.73 -0.62 35.94
CA THR C 69 -18.27 0.02 37.12
C THR C 69 -17.20 0.90 37.75
N ILE C 70 -17.53 2.17 37.98
CA ILE C 70 -16.60 3.10 38.62
C ILE C 70 -17.02 3.29 40.07
N SER C 71 -16.05 3.27 40.97
CA SER C 71 -16.34 3.45 42.39
C SER C 71 -15.24 4.32 43.00
N VAL C 72 -15.44 4.72 44.27
CA VAL C 72 -14.45 5.54 44.94
C VAL C 72 -14.24 5.06 46.37
N ASP C 73 -13.06 5.38 46.91
CA ASP C 73 -12.78 5.31 48.35
C ASP C 73 -12.14 6.63 48.79
N LYS C 74 -12.95 7.52 49.37
CA LYS C 74 -12.45 8.85 49.69
C LYS C 74 -11.29 8.80 50.66
N ALA C 75 -11.30 7.84 51.58
CA ALA C 75 -10.25 7.78 52.60
C ALA C 75 -8.90 7.51 51.99
N LYS C 76 -8.85 6.81 50.85
CA LYS C 76 -7.60 6.51 50.17
C LYS C 76 -7.32 7.48 49.01
N ASN C 77 -8.17 8.50 48.84
CA ASN C 77 -8.05 9.42 47.72
C ASN C 77 -7.91 8.66 46.40
N SER C 78 -8.71 7.62 46.24
CA SER C 78 -8.62 6.75 45.08
C SER C 78 -9.99 6.49 44.45
N ALA C 79 -9.99 6.36 43.13
CA ALA C 79 -11.12 5.85 42.38
C ALA C 79 -10.72 4.51 41.75
N TYR C 80 -11.73 3.71 41.41
CA TYR C 80 -11.55 2.37 40.89
C TYR C 80 -12.38 2.17 39.64
N LEU C 81 -11.83 1.37 38.72
CA LEU C 81 -12.55 0.93 37.52
C LEU C 81 -12.60 -0.59 37.58
N GLN C 82 -13.78 -1.14 37.80
CA GLN C 82 -13.99 -2.58 37.80
C GLN C 82 -14.48 -2.99 36.42
N MET C 83 -13.75 -3.88 35.75
CA MET C 83 -14.07 -4.33 34.41
C MET C 83 -14.55 -5.76 34.50
N ASN C 84 -15.69 -6.05 33.93
CA ASN C 84 -16.31 -7.36 34.04
C ASN C 84 -16.59 -7.98 32.70
N SER C 85 -16.74 -9.33 32.72
CA SER C 85 -17.18 -10.07 31.56
C SER C 85 -16.31 -9.68 30.35
N LEU C 86 -15.00 -9.67 30.57
CA LEU C 86 -14.09 -9.06 29.61
C LEU C 86 -13.99 -9.84 28.30
N ARG C 87 -13.83 -9.07 27.23
CA ARG C 87 -13.65 -9.57 25.88
C ARG C 87 -12.24 -9.32 25.43
N ALA C 88 -11.73 -10.15 24.51
CA ALA C 88 -10.36 -9.95 24.03
C ALA C 88 -10.17 -8.55 23.47
N GLU C 89 -11.21 -7.99 22.85
CA GLU C 89 -11.18 -6.65 22.27
C GLU C 89 -11.24 -5.53 23.32
N ASP C 90 -11.31 -5.85 24.61
CA ASP C 90 -11.16 -4.83 25.65
C ASP C 90 -9.70 -4.58 25.97
N THR C 91 -8.78 -5.28 25.31
CA THR C 91 -7.35 -5.01 25.48
C THR C 91 -7.07 -3.57 25.07
N ALA C 92 -6.47 -2.81 25.99
CA ALA C 92 -6.32 -1.38 25.81
C ALA C 92 -5.48 -0.80 26.93
N VAL C 93 -5.01 0.42 26.72
CA VAL C 93 -4.42 1.23 27.78
C VAL C 93 -5.54 2.03 28.44
N TYR C 94 -5.66 1.91 29.75
CA TYR C 94 -6.73 2.57 30.52
C TYR C 94 -6.09 3.71 31.29
N TYR C 95 -6.68 4.89 31.19
CA TYR C 95 -6.23 6.10 31.85
C TYR C 95 -7.29 6.60 32.83
N CYS C 96 -6.88 7.14 33.98
CA CYS C 96 -7.74 8.06 34.71
C CYS C 96 -7.27 9.49 34.42
N THR C 97 -8.21 10.43 34.48
CA THR C 97 -7.93 11.82 34.13
C THR C 97 -8.84 12.75 34.93
N ARG C 98 -8.42 14.01 35.02
CA ARG C 98 -9.13 15.04 35.77
C ARG C 98 -9.19 16.31 34.94
N ARG C 99 -10.31 17.02 35.04
CA ARG C 99 -10.44 18.29 34.34
C ARG C 99 -9.48 19.34 34.89
N TYR C 100 -9.11 20.29 34.01
CA TYR C 100 -8.33 21.46 34.42
C TYR C 100 -9.01 22.20 35.58
N TYR C 101 -10.27 22.58 35.40
CA TYR C 101 -11.15 23.03 36.47
C TYR C 101 -12.57 22.75 35.97
N SER C 102 -13.57 23.17 36.74
CA SER C 102 -14.94 22.77 36.44
C SER C 102 -15.29 23.02 34.98
N ALA C 103 -15.88 22.00 34.35
CA ALA C 103 -16.42 21.97 32.99
C ALA C 103 -15.35 22.08 31.90
N MET C 104 -14.07 22.09 32.22
CA MET C 104 -13.01 22.25 31.23
C MET C 104 -12.42 20.91 30.79
N PRO C 105 -11.64 20.89 29.73
CA PRO C 105 -11.05 19.62 29.28
C PRO C 105 -9.96 19.05 30.18
N PHE C 106 -9.40 17.91 29.78
CA PHE C 106 -8.56 17.10 30.66
C PHE C 106 -7.12 17.55 30.66
N ALA C 107 -6.71 18.27 31.71
CA ALA C 107 -5.33 18.70 31.83
C ALA C 107 -4.42 17.71 32.54
N TYR C 108 -4.96 16.81 33.35
CA TYR C 108 -4.15 15.94 34.21
C TYR C 108 -4.51 14.49 33.90
N TRP C 109 -3.49 13.68 33.60
CA TRP C 109 -3.68 12.29 33.18
C TRP C 109 -2.78 11.36 33.98
N GLY C 110 -3.32 10.22 34.37
CA GLY C 110 -2.47 9.14 34.83
C GLY C 110 -1.61 8.60 33.70
N GLN C 111 -0.65 7.76 34.08
CA GLN C 111 0.35 7.28 33.15
C GLN C 111 -0.21 6.25 32.20
N GLY C 112 -1.37 5.65 32.53
CA GLY C 112 -1.93 4.62 31.69
C GLY C 112 -1.49 3.24 32.11
N THR C 113 -2.38 2.27 32.02
CA THR C 113 -2.02 0.89 32.36
C THR C 113 -2.66 -0.04 31.34
N LEU C 114 -1.85 -0.93 30.79
CA LEU C 114 -2.30 -1.85 29.77
C LEU C 114 -2.98 -3.04 30.42
N VAL C 115 -4.19 -3.34 29.96
CA VAL C 115 -4.90 -4.55 30.34
C VAL C 115 -4.94 -5.43 29.11
N THR C 116 -4.44 -6.67 29.22
CA THR C 116 -4.45 -7.61 28.10
C THR C 116 -5.42 -8.74 28.44
N VAL C 117 -6.43 -8.92 27.59
CA VAL C 117 -7.44 -9.95 27.78
C VAL C 117 -7.13 -11.09 26.82
N SER C 118 -6.69 -12.22 27.34
CA SER C 118 -6.24 -13.32 26.49
C SER C 118 -6.26 -14.59 27.31
N SER C 119 -6.49 -15.72 26.63
CA SER C 119 -6.43 -17.02 27.29
C SER C 119 -5.02 -17.60 27.34
N ALA C 120 -4.06 -16.97 26.68
CA ALA C 120 -2.71 -17.49 26.67
C ALA C 120 -2.08 -17.28 28.05
N SER C 121 -1.07 -18.08 28.37
CA SER C 121 -0.47 -18.03 29.67
C SER C 121 0.66 -17.01 29.69
N THR C 122 0.92 -16.48 30.87
CA THR C 122 2.05 -15.56 31.03
C THR C 122 3.37 -16.30 30.90
N LYS C 123 4.34 -15.66 30.26
CA LYS C 123 5.67 -16.20 30.12
C LYS C 123 6.66 -15.05 30.28
N GLY C 124 7.61 -15.22 31.18
CA GLY C 124 8.67 -14.26 31.36
C GLY C 124 9.76 -14.40 30.32
N PRO C 125 10.46 -13.30 30.06
CA PRO C 125 11.45 -13.27 28.99
C PRO C 125 12.79 -13.85 29.42
N SER C 126 13.54 -14.28 28.41
CA SER C 126 14.97 -14.53 28.55
C SER C 126 15.67 -13.28 28.06
N VAL C 127 16.76 -12.91 28.72
CA VAL C 127 17.51 -11.70 28.41
C VAL C 127 18.94 -12.10 28.03
N PHE C 128 19.35 -11.69 26.84
CA PHE C 128 20.67 -12.00 26.35
C PHE C 128 21.41 -10.72 26.02
N PRO C 129 22.71 -10.66 26.27
CA PRO C 129 23.47 -9.46 25.90
C PRO C 129 23.70 -9.38 24.40
N LEU C 130 23.74 -8.15 23.93
CA LEU C 130 24.24 -7.77 22.60
C LEU C 130 25.56 -7.04 22.89
N ALA C 131 26.63 -7.79 23.01
CA ALA C 131 27.89 -7.24 23.50
C ALA C 131 28.60 -6.44 22.40
N PRO C 132 29.24 -5.33 22.75
CA PRO C 132 29.96 -4.57 21.73
C PRO C 132 31.20 -5.37 21.32
N SER C 133 31.50 -5.33 20.03
CA SER C 133 32.61 -6.09 19.46
C SER C 133 33.14 -5.33 18.25
N SER C 134 34.15 -5.89 17.60
CA SER C 134 34.64 -5.27 16.39
C SER C 134 33.57 -5.16 15.31
N LYS C 135 32.54 -5.98 15.37
CA LYS C 135 31.48 -5.94 14.37
C LYS C 135 30.39 -4.93 14.72
N SER C 136 30.45 -4.33 15.89
CA SER C 136 29.46 -3.31 16.28
C SER C 136 30.17 -2.05 16.78
N THR C 137 31.38 -1.79 16.28
CA THR C 137 32.15 -0.63 16.70
C THR C 137 32.79 -0.04 15.47
N SER C 138 32.58 1.25 15.23
CA SER C 138 33.19 1.91 14.07
C SER C 138 33.17 3.43 14.24
N GLY C 139 34.21 4.07 13.72
CA GLY C 139 34.24 5.51 13.72
C GLY C 139 34.19 6.14 15.10
N GLY C 140 34.64 5.41 16.12
CA GLY C 140 34.65 5.91 17.49
C GLY C 140 33.39 5.62 18.26
N THR C 141 32.39 5.01 17.64
CA THR C 141 31.13 4.70 18.29
C THR C 141 30.97 3.20 18.41
N ALA C 142 30.53 2.75 19.60
CA ALA C 142 30.19 1.36 19.84
C ALA C 142 28.70 1.23 20.10
N ALA C 143 28.09 0.19 19.54
CA ALA C 143 26.71 -0.15 19.88
C ALA C 143 26.69 -1.40 20.74
N LEU C 144 25.78 -1.43 21.70
CA LEU C 144 25.59 -2.58 22.57
C LEU C 144 24.12 -2.60 22.94
N GLY C 145 23.68 -3.68 23.55
CA GLY C 145 22.27 -3.76 23.86
C GLY C 145 21.92 -5.03 24.60
N CYS C 146 20.61 -5.26 24.67
CA CYS C 146 20.04 -6.45 25.30
C CYS C 146 18.90 -6.94 24.41
N LEU C 147 18.86 -8.25 24.18
CA LEU C 147 17.78 -8.93 23.46
C LEU C 147 16.84 -9.54 24.49
N VAL C 148 15.56 -9.19 24.42
CA VAL C 148 14.58 -9.62 25.41
C VAL C 148 13.58 -10.51 24.67
N LYS C 149 13.68 -11.81 24.86
CA LYS C 149 13.03 -12.74 23.96
C LYS C 149 12.02 -13.63 24.66
N ASP C 150 10.91 -13.87 23.96
CA ASP C 150 9.92 -14.89 24.28
C ASP C 150 9.11 -14.59 25.53
N TYR C 151 8.37 -13.48 25.52
CA TYR C 151 7.55 -13.11 26.67
C TYR C 151 6.11 -12.91 26.24
N PHE C 152 5.20 -12.98 27.22
CA PHE C 152 3.79 -12.71 27.02
C PHE C 152 3.12 -12.38 28.34
N PRO C 153 2.24 -11.38 28.39
CA PRO C 153 1.89 -10.41 27.36
C PRO C 153 2.86 -9.23 27.35
N GLU C 154 2.58 -8.25 26.50
CA GLU C 154 3.22 -6.95 26.66
C GLU C 154 2.73 -6.32 27.97
N PRO C 155 3.50 -5.40 28.55
CA PRO C 155 4.76 -4.85 28.09
C PRO C 155 5.93 -5.35 28.91
N VAL C 156 7.13 -5.26 28.32
CA VAL C 156 8.37 -5.26 29.06
C VAL C 156 8.83 -3.81 29.10
N THR C 157 9.48 -3.43 30.18
CA THR C 157 10.16 -2.15 30.26
C THR C 157 11.66 -2.44 30.33
N VAL C 158 12.45 -1.60 29.66
CA VAL C 158 13.89 -1.73 29.72
C VAL C 158 14.44 -0.36 30.13
N SER C 159 15.29 -0.34 31.14
CA SER C 159 16.06 0.84 31.48
C SER C 159 17.53 0.44 31.42
N TRP C 160 18.40 1.43 31.44
CA TRP C 160 19.83 1.22 31.42
C TRP C 160 20.43 1.91 32.64
N ASN C 161 21.28 1.17 33.36
CA ASN C 161 21.98 1.68 34.53
C ASN C 161 20.99 2.31 35.50
N SER C 162 19.90 1.55 35.70
CA SER C 162 18.83 1.91 36.64
C SER C 162 18.22 3.27 36.37
N GLY C 163 18.18 3.67 35.09
CA GLY C 163 17.58 4.92 34.68
C GLY C 163 18.55 6.06 34.44
N ALA C 164 19.82 5.91 34.83
CA ALA C 164 20.80 6.97 34.65
C ALA C 164 21.30 7.12 33.22
N LEU C 165 21.13 6.10 32.38
CA LEU C 165 21.58 6.13 30.99
C LEU C 165 20.33 6.15 30.09
N THR C 166 20.09 7.28 29.43
CA THR C 166 18.95 7.43 28.52
C THR C 166 19.40 7.94 27.15
N SER C 167 20.49 8.71 27.10
CA SER C 167 20.94 9.25 25.83
C SER C 167 21.40 8.13 24.91
N GLY C 168 20.93 8.17 23.67
CA GLY C 168 21.33 7.21 22.67
C GLY C 168 20.66 5.86 22.78
N VAL C 169 19.69 5.71 23.67
CA VAL C 169 18.99 4.44 23.86
C VAL C 169 17.84 4.35 22.88
N HIS C 170 17.70 3.19 22.24
CA HIS C 170 16.53 2.85 21.42
C HIS C 170 16.00 1.50 21.90
N THR C 171 14.81 1.51 22.48
CA THR C 171 14.11 0.28 22.83
C THR C 171 13.05 0.09 21.76
N PHE C 172 13.24 -0.93 20.96
CA PHE C 172 12.43 -1.14 19.77
C PHE C 172 11.03 -1.62 20.12
N PRO C 173 10.05 -1.27 19.31
CA PRO C 173 8.73 -1.89 19.47
C PRO C 173 8.88 -3.40 19.36
N ALA C 174 8.11 -4.12 20.20
CA ALA C 174 8.14 -5.57 20.16
C ALA C 174 7.59 -6.11 18.83
N VAL C 175 8.11 -7.26 18.43
CA VAL C 175 7.58 -8.00 17.29
C VAL C 175 6.90 -9.24 17.85
N LEU C 176 5.86 -9.68 17.13
CA LEU C 176 5.14 -10.90 17.46
C LEU C 176 5.76 -12.06 16.70
N GLN C 177 6.24 -13.06 17.41
CA GLN C 177 6.80 -14.25 16.80
C GLN C 177 5.66 -15.24 16.50
N SER C 178 5.95 -16.19 15.60
CA SER C 178 4.95 -17.20 15.23
C SER C 178 4.51 -18.02 16.42
N SER C 179 5.36 -18.15 17.45
CA SER C 179 4.99 -18.83 18.68
C SER C 179 3.89 -18.12 19.46
N GLY C 180 3.53 -16.89 19.11
CA GLY C 180 2.62 -16.09 19.91
C GLY C 180 3.30 -15.31 21.02
N LEU C 181 4.61 -15.41 21.14
CA LEU C 181 5.39 -14.69 22.13
C LEU C 181 6.05 -13.48 21.48
N TYR C 182 6.33 -12.48 22.30
CA TYR C 182 6.94 -11.25 21.81
C TYR C 182 8.44 -11.28 22.00
N SER C 183 9.12 -10.43 21.24
CA SER C 183 10.56 -10.23 21.39
C SER C 183 10.88 -8.78 21.07
N LEU C 184 11.90 -8.24 21.73
CA LEU C 184 12.40 -6.92 21.36
C LEU C 184 13.87 -6.80 21.74
N SER C 185 14.52 -5.79 21.16
CA SER C 185 15.87 -5.42 21.58
C SER C 185 15.87 -3.98 22.08
N SER C 186 16.79 -3.70 23.00
CA SER C 186 17.08 -2.34 23.42
C SER C 186 18.58 -2.14 23.22
N VAL C 187 18.94 -1.06 22.53
CA VAL C 187 20.32 -0.79 22.15
C VAL C 187 20.70 0.62 22.57
N VAL C 188 22.01 0.85 22.70
CA VAL C 188 22.55 2.17 22.99
C VAL C 188 23.86 2.32 22.23
N THR C 189 24.15 3.54 21.81
CA THR C 189 25.47 3.87 21.25
C THR C 189 26.25 4.72 22.25
N VAL C 190 27.53 4.40 22.40
CA VAL C 190 28.44 4.99 23.37
C VAL C 190 29.81 5.17 22.73
N PRO C 191 30.72 5.92 23.33
CA PRO C 191 32.09 5.98 22.79
C PRO C 191 32.76 4.63 22.86
N SER C 192 33.44 4.24 21.78
CA SER C 192 34.26 3.03 21.89
C SER C 192 35.36 3.22 22.91
N SER C 193 35.81 4.44 23.10
CA SER C 193 36.81 4.73 24.11
C SER C 193 36.28 4.50 25.52
N SER C 194 34.99 4.32 25.70
CA SER C 194 34.42 4.21 27.03
C SER C 194 34.32 2.77 27.52
N LEU C 195 34.56 1.81 26.64
CA LEU C 195 34.20 0.44 26.97
C LEU C 195 35.06 -0.15 28.08
N GLY C 196 36.27 0.37 28.26
CA GLY C 196 37.15 -0.17 29.28
C GLY C 196 36.92 0.38 30.68
N THR C 197 36.19 1.48 30.81
CA THR C 197 35.95 2.08 32.11
C THR C 197 34.50 2.21 32.52
N GLN C 198 33.55 2.22 31.58
CA GLN C 198 32.15 2.42 31.93
C GLN C 198 31.43 1.07 32.02
N THR C 199 30.39 1.02 32.85
CA THR C 199 29.58 -0.19 33.03
C THR C 199 28.19 0.04 32.44
N TYR C 200 27.70 -0.97 31.73
CA TYR C 200 26.41 -0.87 31.05
C TYR C 200 25.59 -2.06 31.47
N ILE C 201 24.49 -1.78 32.16
CA ILE C 201 23.61 -2.81 32.68
C ILE C 201 22.20 -2.53 32.16
N CYS C 202 21.58 -3.54 31.52
CA CYS C 202 20.19 -3.36 31.13
C CYS C 202 19.28 -3.94 32.20
N ASN C 203 18.30 -3.16 32.60
CA ASN C 203 17.36 -3.55 33.64
C ASN C 203 16.02 -3.86 32.97
N VAL C 204 15.62 -5.14 33.01
CA VAL C 204 14.43 -5.61 32.32
C VAL C 204 13.38 -5.99 33.36
N ASN C 205 12.17 -5.46 33.22
CA ASN C 205 11.05 -5.77 34.10
C ASN C 205 9.86 -6.23 33.27
N HIS C 206 9.36 -7.42 33.58
CA HIS C 206 8.15 -7.96 32.96
C HIS C 206 7.23 -8.28 34.14
N LYS C 207 6.38 -7.32 34.47
CA LYS C 207 5.57 -7.48 35.68
C LYS C 207 4.66 -8.69 35.66
N PRO C 208 3.99 -9.03 34.54
CA PRO C 208 3.06 -10.17 34.57
C PRO C 208 3.69 -11.48 35.05
N SER C 209 4.98 -11.68 34.81
CA SER C 209 5.68 -12.87 35.27
C SER C 209 6.56 -12.61 36.48
N ASN C 210 6.45 -11.42 37.07
CA ASN C 210 7.33 -10.99 38.17
C ASN C 210 8.80 -11.22 37.82
N THR C 211 9.15 -10.91 36.57
CA THR C 211 10.52 -11.06 36.10
C THR C 211 11.20 -9.71 36.26
N LYS C 212 12.30 -9.69 37.00
CA LYS C 212 13.13 -8.50 37.10
C LYS C 212 14.57 -8.98 36.97
N VAL C 213 15.23 -8.56 35.90
CA VAL C 213 16.55 -9.03 35.55
C VAL C 213 17.44 -7.83 35.28
N ASP C 214 18.66 -7.90 35.79
CA ASP C 214 19.72 -6.97 35.42
C ASP C 214 20.79 -7.77 34.68
N LYS C 215 21.17 -7.30 33.50
CA LYS C 215 22.16 -7.99 32.69
C LYS C 215 23.31 -7.03 32.43
N LYS C 216 24.49 -7.36 32.96
CA LYS C 216 25.69 -6.59 32.68
C LYS C 216 26.17 -6.97 31.30
N VAL C 217 26.34 -5.98 30.43
CA VAL C 217 26.75 -6.22 29.07
C VAL C 217 28.23 -5.87 28.97
N GLU C 218 29.04 -6.87 28.80
CA GLU C 218 30.46 -6.67 28.85
C GLU C 218 31.05 -6.73 27.45
N PRO C 219 32.11 -5.98 27.19
CA PRO C 219 32.68 -5.99 25.85
C PRO C 219 33.17 -7.39 25.49
N LYS C 220 33.00 -7.74 24.22
CA LYS C 220 33.43 -9.01 23.69
C LYS C 220 34.73 -8.82 22.91
N SER C 221 35.68 -9.71 23.15
CA SER C 221 37.02 -9.58 22.55
C SER C 221 37.14 -10.29 21.22
N CYS C 222 36.23 -9.99 20.31
CA CYS C 222 36.33 -10.44 18.93
C CYS C 222 36.01 -9.26 18.00
N ASP D 1 -24.71 10.14 19.58
CA ASP D 1 -23.40 10.67 20.06
C ASP D 1 -22.79 11.54 18.98
N ILE D 2 -21.83 12.37 19.38
CA ILE D 2 -21.13 13.28 18.47
C ILE D 2 -19.89 12.59 17.95
N GLN D 3 -19.77 12.48 16.62
CA GLN D 3 -18.60 11.88 15.97
C GLN D 3 -17.66 12.99 15.53
N MET D 4 -16.37 12.81 15.83
CA MET D 4 -15.32 13.77 15.50
C MET D 4 -14.42 13.14 14.44
N THR D 5 -14.28 13.82 13.31
CA THR D 5 -13.46 13.33 12.21
C THR D 5 -12.33 14.30 11.91
N GLN D 6 -11.09 13.82 11.99
CA GLN D 6 -9.93 14.66 11.75
C GLN D 6 -9.38 14.40 10.34
N SER D 7 -8.77 15.44 9.79
CA SER D 7 -8.14 15.40 8.47
C SER D 7 -6.88 16.21 8.49
N PRO D 8 -5.82 15.75 7.79
CA PRO D 8 -5.63 14.44 7.17
C PRO D 8 -5.31 13.43 8.25
N SER D 9 -5.26 12.14 7.92
CA SER D 9 -4.90 11.17 8.95
C SER D 9 -3.43 11.25 9.30
N SER D 10 -2.59 11.66 8.34
CA SER D 10 -1.18 11.84 8.56
C SER D 10 -0.70 12.96 7.65
N LEU D 11 0.34 13.65 8.07
CA LEU D 11 0.97 14.65 7.23
C LEU D 11 2.43 14.76 7.60
N SER D 12 3.23 15.17 6.63
CA SER D 12 4.66 15.37 6.81
C SER D 12 4.99 16.80 6.41
N ALA D 13 5.88 17.42 7.19
CA ALA D 13 6.25 18.81 6.96
C ALA D 13 7.66 19.05 7.49
N SER D 14 8.25 20.14 7.01
CA SER D 14 9.62 20.45 7.35
C SER D 14 9.67 21.39 8.54
N VAL D 15 10.82 21.39 9.22
CA VAL D 15 11.03 22.35 10.29
C VAL D 15 10.87 23.75 9.71
N GLY D 16 10.10 24.58 10.43
CA GLY D 16 9.80 25.93 9.98
C GLY D 16 8.52 26.09 9.19
N ASP D 17 7.93 25.00 8.72
CA ASP D 17 6.68 25.05 7.98
C ASP D 17 5.51 25.44 8.87
N ARG D 18 4.50 26.02 8.24
CA ARG D 18 3.19 26.24 8.84
C ARG D 18 2.32 25.03 8.56
N VAL D 19 1.79 24.38 9.61
CA VAL D 19 0.98 23.18 9.40
C VAL D 19 -0.41 23.47 9.93
N THR D 20 -1.41 22.96 9.23
CA THR D 20 -2.81 23.14 9.58
C THR D 20 -3.49 21.78 9.54
N ILE D 21 -4.18 21.43 10.63
CA ILE D 21 -4.95 20.19 10.69
C ILE D 21 -6.37 20.54 11.12
N THR D 22 -7.35 19.77 10.62
CA THR D 22 -8.77 20.08 10.81
C THR D 22 -9.53 18.98 11.53
N CYS D 23 -10.64 19.39 12.16
CA CYS D 23 -11.53 18.50 12.92
C CYS D 23 -12.95 18.89 12.53
N ARG D 24 -13.79 17.92 12.16
CA ARG D 24 -15.19 18.16 11.87
C ARG D 24 -16.07 17.36 12.81
N ALA D 25 -17.04 18.04 13.43
CA ALA D 25 -18.03 17.40 14.28
C ALA D 25 -19.31 17.08 13.52
N SER D 26 -19.99 16.02 13.96
CA SER D 26 -21.25 15.59 13.34
C SER D 26 -22.43 16.49 13.70
N GLU D 27 -22.25 17.41 14.64
CA GLU D 27 -23.25 18.42 14.96
C GLU D 27 -22.53 19.60 15.56
N ASP D 28 -23.25 20.73 15.65
CA ASP D 28 -22.67 21.94 16.22
C ASP D 28 -22.25 21.68 17.67
N ILE D 29 -20.99 21.98 17.99
CA ILE D 29 -20.47 21.83 19.35
C ILE D 29 -20.12 23.17 19.97
N TYR D 30 -20.51 24.28 19.34
CA TYR D 30 -20.47 25.61 19.98
C TYR D 30 -19.11 25.92 20.58
N SER D 31 -18.06 25.60 19.83
CA SER D 31 -16.67 25.88 20.16
C SER D 31 -16.18 25.09 21.38
N GLY D 32 -16.90 24.08 21.82
CA GLY D 32 -16.44 23.28 22.94
C GLY D 32 -15.47 22.22 22.47
N LEU D 33 -14.32 22.64 22.01
CA LEU D 33 -13.39 21.76 21.30
C LEU D 33 -12.01 21.92 21.91
N ALA D 34 -11.39 20.79 22.26
CA ALA D 34 -10.04 20.78 22.80
C ALA D 34 -9.12 20.01 21.86
N TRP D 35 -7.84 20.36 21.91
CA TRP D 35 -6.79 19.69 21.17
C TRP D 35 -5.74 19.15 22.13
N TYR D 36 -5.27 17.93 21.88
CA TYR D 36 -4.23 17.29 22.66
C TYR D 36 -3.11 16.83 21.76
N GLN D 37 -1.92 16.75 22.34
CA GLN D 37 -0.72 16.21 21.71
C GLN D 37 -0.34 14.92 22.42
N GLN D 38 0.00 13.87 21.67
CA GLN D 38 0.44 12.64 22.30
C GLN D 38 1.63 12.03 21.55
N LYS D 39 2.69 11.76 22.26
CA LYS D 39 3.81 11.02 21.71
C LYS D 39 3.64 9.55 22.01
N PRO D 40 4.26 8.67 21.22
CA PRO D 40 4.02 7.22 21.39
C PRO D 40 4.33 6.74 22.80
N GLY D 41 3.36 6.04 23.39
CA GLY D 41 3.52 5.51 24.72
C GLY D 41 3.40 6.50 25.85
N LYS D 42 3.16 7.78 25.57
CA LYS D 42 3.10 8.84 26.56
C LYS D 42 1.65 9.32 26.75
N VAL D 43 1.44 10.15 27.77
CA VAL D 43 0.08 10.61 28.05
C VAL D 43 -0.33 11.71 27.07
N PRO D 44 -1.61 11.86 26.78
CA PRO D 44 -2.06 13.08 26.09
C PRO D 44 -1.72 14.32 26.90
N LYS D 45 -1.37 15.39 26.18
CA LYS D 45 -1.08 16.70 26.75
C LYS D 45 -2.03 17.73 26.16
N LEU D 46 -2.76 18.43 27.04
CA LEU D 46 -3.71 19.44 26.59
C LEU D 46 -2.99 20.65 26.00
N LEU D 47 -3.41 21.05 24.80
CA LEU D 47 -2.84 22.20 24.08
C LEU D 47 -3.75 23.41 24.08
N ILE D 48 -4.99 23.21 23.66
CA ILE D 48 -5.97 24.25 23.38
C ILE D 48 -7.34 23.80 23.85
N TYR D 49 -8.11 24.72 24.43
CA TYR D 49 -9.50 24.45 24.78
C TYR D 49 -10.41 25.61 24.39
N ASP D 50 -11.71 25.33 24.39
CA ASP D 50 -12.72 26.27 23.91
C ASP D 50 -12.40 26.74 22.51
N SER D 51 -11.85 25.80 21.71
CA SER D 51 -11.50 25.96 20.31
C SER D 51 -10.30 26.85 20.06
N SER D 52 -10.05 27.86 20.87
CA SER D 52 -9.01 28.81 20.54
C SER D 52 -8.18 29.31 21.70
N THR D 53 -8.39 28.81 22.92
CA THR D 53 -7.67 29.32 24.06
C THR D 53 -6.43 28.47 24.28
N LEU D 54 -5.28 29.12 24.27
CA LEU D 54 -4.02 28.43 24.53
C LEU D 54 -3.89 28.09 26.00
N HIS D 55 -3.60 26.83 26.28
CA HIS D 55 -3.43 26.38 27.67
C HIS D 55 -2.11 26.92 28.22
N THR D 56 -2.17 27.39 29.47
CA THR D 56 -0.97 27.89 30.14
C THR D 56 0.14 26.85 30.02
N GLY D 57 1.31 27.31 29.59
CA GLY D 57 2.50 26.48 29.44
C GLY D 57 2.72 25.94 28.04
N VAL D 58 1.77 26.14 27.13
CA VAL D 58 1.88 25.61 25.76
C VAL D 58 2.58 26.67 24.90
N PRO D 59 3.53 26.28 24.04
CA PRO D 59 4.23 27.28 23.22
C PRO D 59 3.29 28.08 22.33
N SER D 60 3.66 29.34 22.11
CA SER D 60 2.80 30.27 21.39
C SER D 60 2.61 29.93 19.92
N ARG D 61 3.44 29.07 19.33
CA ARG D 61 3.28 28.66 17.93
C ARG D 61 2.01 27.84 17.71
N PHE D 62 1.38 27.33 18.76
CA PHE D 62 0.12 26.62 18.62
C PHE D 62 -1.07 27.59 18.67
N SER D 63 -2.02 27.38 17.78
CA SER D 63 -3.24 28.17 17.80
C SER D 63 -4.40 27.34 17.24
N GLY D 64 -5.59 27.72 17.66
CA GLY D 64 -6.80 27.05 17.21
C GLY D 64 -7.85 28.06 16.79
N THR D 65 -8.66 27.65 15.82
CA THR D 65 -9.75 28.47 15.33
C THR D 65 -10.93 27.58 14.96
N GLY D 66 -12.08 28.21 14.78
CA GLY D 66 -13.24 27.53 14.26
C GLY D 66 -14.50 27.82 15.05
N SER D 67 -15.61 27.32 14.51
CA SER D 67 -16.93 27.44 15.09
C SER D 67 -17.84 26.44 14.41
N GLY D 68 -19.02 26.25 14.98
CA GLY D 68 -20.00 25.34 14.41
C GLY D 68 -19.47 23.91 14.44
N THR D 69 -19.34 23.32 13.26
CA THR D 69 -18.85 21.95 13.15
C THR D 69 -17.38 21.84 12.76
N ASP D 70 -16.73 22.95 12.36
CA ASP D 70 -15.44 22.90 11.68
C ASP D 70 -14.35 23.65 12.47
N TYR D 71 -13.28 22.93 12.81
CA TYR D 71 -12.23 23.47 13.66
C TYR D 71 -10.85 23.18 13.09
N THR D 72 -9.89 24.04 13.42
CA THR D 72 -8.52 23.95 12.90
C THR D 72 -7.50 24.15 14.01
N LEU D 73 -6.44 23.32 13.98
CA LEU D 73 -5.24 23.52 14.78
C LEU D 73 -4.09 23.91 13.86
N THR D 74 -3.39 24.99 14.20
CA THR D 74 -2.27 25.49 13.41
C THR D 74 -1.00 25.54 14.26
N ILE D 75 0.11 25.08 13.69
CA ILE D 75 1.46 25.31 14.20
C ILE D 75 2.13 26.28 13.24
N SER D 76 2.50 27.46 13.75
CA SER D 76 2.95 28.55 12.87
C SER D 76 4.33 28.26 12.28
N SER D 77 5.21 27.65 13.07
CA SER D 77 6.56 27.35 12.60
C SER D 77 6.99 26.04 13.27
N LEU D 78 6.88 24.95 12.53
CA LEU D 78 7.06 23.61 13.07
C LEU D 78 8.46 23.41 13.63
N GLN D 79 8.53 22.73 14.79
CA GLN D 79 9.80 22.40 15.41
C GLN D 79 9.92 20.88 15.54
N PRO D 80 11.14 20.34 15.58
CA PRO D 80 11.26 18.87 15.57
C PRO D 80 10.54 18.20 16.72
N GLU D 81 10.47 18.85 17.89
CA GLU D 81 9.80 18.24 19.04
C GLU D 81 8.29 18.24 18.88
N ASP D 82 7.75 18.80 17.80
CA ASP D 82 6.31 18.75 17.56
C ASP D 82 5.86 17.43 16.94
N VAL D 83 6.79 16.54 16.62
CA VAL D 83 6.42 15.23 16.10
C VAL D 83 5.57 14.50 17.12
N ALA D 84 4.38 14.06 16.69
CA ALA D 84 3.40 13.55 17.64
C ALA D 84 2.14 13.22 16.85
N THR D 85 1.18 12.60 17.52
CA THR D 85 -0.18 12.55 17.03
C THR D 85 -1.01 13.58 17.80
N TYR D 86 -1.87 14.30 17.08
CA TYR D 86 -2.74 15.32 17.64
C TYR D 86 -4.19 14.86 17.55
N PHE D 87 -4.94 15.04 18.65
CA PHE D 87 -6.31 14.61 18.75
C PHE D 87 -7.19 15.80 19.11
N CYS D 88 -8.37 15.87 18.50
CA CYS D 88 -9.40 16.77 18.98
C CYS D 88 -10.37 16.00 19.90
N GLN D 89 -11.11 16.76 20.70
CA GLN D 89 -12.09 16.19 21.61
C GLN D 89 -13.22 17.20 21.81
N GLN D 90 -14.44 16.79 21.62
CA GLN D 90 -15.55 17.68 21.97
C GLN D 90 -15.85 17.53 23.46
N ASN D 91 -16.10 18.68 24.08
CA ASN D 91 -16.40 18.80 25.51
C ASN D 91 -17.78 19.38 25.72
N TYR D 92 -18.63 19.29 24.71
CA TYR D 92 -19.92 19.96 24.71
C TYR D 92 -21.04 19.10 25.28
N ASP D 93 -21.05 17.79 25.01
CA ASP D 93 -22.13 16.92 25.45
C ASP D 93 -21.57 15.55 25.79
N PHE D 94 -22.24 14.86 26.73
CA PHE D 94 -21.86 13.49 26.99
C PHE D 94 -22.56 12.54 26.02
N PRO D 95 -21.91 11.44 25.65
CA PRO D 95 -20.56 11.02 26.07
C PRO D 95 -19.48 11.88 25.41
N LEU D 96 -18.42 12.23 26.16
CA LEU D 96 -17.31 12.92 25.57
C LEU D 96 -16.70 12.04 24.49
N THR D 97 -16.31 12.64 23.37
CA THR D 97 -15.78 11.89 22.24
C THR D 97 -14.58 12.58 21.61
N PHE D 98 -13.71 11.76 21.02
CA PHE D 98 -12.43 12.17 20.48
C PHE D 98 -12.36 11.89 18.99
N GLY D 99 -11.59 12.73 18.29
CA GLY D 99 -11.17 12.42 16.95
C GLY D 99 -10.16 11.29 16.90
N GLN D 100 -9.90 10.78 15.69
CA GLN D 100 -9.09 9.58 15.53
C GLN D 100 -7.59 9.88 15.54
N GLY D 101 -7.22 11.13 15.47
CA GLY D 101 -5.84 11.57 15.52
C GLY D 101 -5.29 11.87 14.14
N THR D 102 -4.38 12.82 14.10
CA THR D 102 -3.56 13.16 12.92
C THR D 102 -2.11 12.98 13.32
N LYS D 103 -1.40 12.09 12.62
CA LYS D 103 0.01 11.84 12.89
C LYS D 103 0.84 12.85 12.10
N LEU D 104 1.64 13.63 12.81
CA LEU D 104 2.48 14.68 12.21
C LEU D 104 3.91 14.17 12.21
N GLU D 105 4.46 14.01 11.00
CA GLU D 105 5.84 13.52 10.81
C GLU D 105 6.71 14.65 10.28
N ILE D 106 7.99 14.57 10.58
CA ILE D 106 8.94 15.62 10.20
C ILE D 106 9.76 15.15 9.01
N LYS D 107 9.90 16.05 8.03
CA LYS D 107 10.81 15.86 6.90
C LYS D 107 12.11 16.60 7.20
N ARG D 108 13.24 16.00 6.81
CA ARG D 108 14.55 16.57 7.07
C ARG D 108 15.53 16.09 6.00
N THR D 109 16.79 16.48 6.13
CA THR D 109 17.76 16.07 5.12
C THR D 109 18.12 14.60 5.30
N VAL D 110 18.64 14.02 4.22
CA VAL D 110 19.02 12.61 4.25
C VAL D 110 20.14 12.41 5.26
N ALA D 111 20.07 11.29 5.98
CA ALA D 111 21.11 10.85 6.92
C ALA D 111 21.29 9.35 6.76
N ALA D 112 22.49 8.94 6.39
CA ALA D 112 22.75 7.53 6.18
C ALA D 112 22.75 6.77 7.51
N PRO D 113 22.35 5.51 7.51
CA PRO D 113 22.43 4.72 8.75
C PRO D 113 23.86 4.31 9.05
N SER D 114 24.16 4.25 10.33
CA SER D 114 25.30 3.49 10.84
C SER D 114 24.83 2.06 11.08
N VAL D 115 25.61 1.10 10.61
CA VAL D 115 25.22 -0.31 10.64
C VAL D 115 26.13 -1.09 11.58
N PHE D 116 25.54 -1.90 12.42
CA PHE D 116 26.18 -2.72 13.45
C PHE D 116 25.60 -4.13 13.41
N ILE D 117 26.42 -5.15 13.69
CA ILE D 117 25.90 -6.52 13.71
C ILE D 117 26.33 -7.23 14.98
N PHE D 118 25.44 -8.05 15.51
CA PHE D 118 25.66 -8.79 16.77
C PHE D 118 25.48 -10.27 16.55
N PRO D 119 26.53 -11.08 16.64
CA PRO D 119 26.36 -12.54 16.63
C PRO D 119 25.56 -12.99 17.84
N PRO D 120 25.03 -14.22 17.80
CA PRO D 120 24.33 -14.75 18.97
C PRO D 120 25.25 -14.86 20.17
N SER D 121 24.66 -14.62 21.34
CA SER D 121 25.40 -14.73 22.60
C SER D 121 25.66 -16.21 22.91
N ASP D 122 26.74 -16.47 23.63
CA ASP D 122 26.98 -17.83 24.11
C ASP D 122 25.86 -18.31 25.01
N GLU D 123 25.27 -17.42 25.82
CA GLU D 123 24.17 -17.82 26.67
C GLU D 123 22.99 -18.33 25.85
N GLN D 124 22.64 -17.63 24.76
CA GLN D 124 21.49 -18.07 23.99
C GLN D 124 21.79 -19.37 23.26
N LEU D 125 23.02 -19.51 22.72
CA LEU D 125 23.35 -20.74 22.01
C LEU D 125 23.22 -21.95 22.91
N LYS D 126 23.46 -21.80 24.21
CA LYS D 126 23.20 -22.91 25.13
C LYS D 126 21.74 -23.35 25.10
N SER D 127 20.82 -22.48 24.69
CA SER D 127 19.40 -22.78 24.72
C SER D 127 18.92 -23.43 23.45
N GLY D 128 19.78 -23.56 22.44
CA GLY D 128 19.36 -24.20 21.22
C GLY D 128 18.84 -23.26 20.16
N THR D 129 18.94 -21.94 20.37
CA THR D 129 18.50 -20.96 19.38
C THR D 129 19.60 -19.94 19.14
N ALA D 130 19.64 -19.41 17.92
CA ALA D 130 20.60 -18.39 17.53
C ALA D 130 19.85 -17.22 16.93
N SER D 131 20.02 -16.03 17.54
CA SER D 131 19.51 -14.79 16.98
C SER D 131 20.66 -13.88 16.59
N VAL D 132 20.65 -13.41 15.35
CA VAL D 132 21.64 -12.47 14.84
C VAL D 132 20.93 -11.14 14.64
N VAL D 133 21.46 -10.07 15.24
CA VAL D 133 20.81 -8.77 15.23
C VAL D 133 21.63 -7.79 14.41
N CYS D 134 20.97 -7.18 13.44
CA CYS D 134 21.52 -6.12 12.61
C CYS D 134 20.81 -4.82 12.99
N LEU D 135 21.58 -3.77 13.30
CA LEU D 135 21.08 -2.49 13.75
C LEU D 135 21.45 -1.42 12.74
N LEU D 136 20.44 -0.65 12.30
CA LEU D 136 20.58 0.51 11.45
C LEU D 136 20.27 1.71 12.33
N ASN D 137 21.24 2.57 12.61
CA ASN D 137 21.02 3.61 13.59
C ASN D 137 20.97 5.00 13.00
N ASN D 138 19.95 5.76 13.43
CA ASN D 138 19.79 7.19 13.27
C ASN D 138 19.89 7.63 11.80
N PHE D 139 18.89 7.22 11.02
CA PHE D 139 18.87 7.49 9.59
C PHE D 139 17.57 8.18 9.19
N TYR D 140 17.59 8.74 7.98
CA TYR D 140 16.43 9.42 7.42
C TYR D 140 16.61 9.38 5.92
N PRO D 141 15.56 9.08 5.13
CA PRO D 141 14.18 8.77 5.49
C PRO D 141 14.01 7.36 6.07
N ARG D 142 12.77 7.06 6.48
CA ARG D 142 12.51 5.79 7.12
C ARG D 142 12.69 4.59 6.18
N GLU D 143 12.44 4.77 4.88
CA GLU D 143 12.57 3.66 3.95
C GLU D 143 14.01 3.15 3.90
N ALA D 144 14.17 1.86 4.10
CA ALA D 144 15.47 1.22 4.11
C ALA D 144 15.23 -0.24 3.78
N LYS D 145 16.19 -0.86 3.09
CA LYS D 145 16.08 -2.25 2.74
C LYS D 145 17.22 -3.03 3.37
N VAL D 146 16.86 -4.09 4.08
CA VAL D 146 17.81 -4.98 4.73
C VAL D 146 17.65 -6.38 4.15
N GLN D 147 18.74 -6.95 3.66
CA GLN D 147 18.75 -8.34 3.20
C GLN D 147 19.78 -9.14 3.99
N TRP D 148 19.41 -10.35 4.35
CA TRP D 148 20.32 -11.26 5.04
C TRP D 148 20.92 -12.21 4.02
N LYS D 149 22.22 -12.45 4.14
CA LYS D 149 22.91 -13.42 3.30
C LYS D 149 23.69 -14.36 4.19
N VAL D 150 23.54 -15.65 3.96
CA VAL D 150 24.23 -16.67 4.72
C VAL D 150 25.04 -17.48 3.72
N ASP D 151 26.36 -17.51 3.91
CA ASP D 151 27.29 -18.06 2.92
C ASP D 151 26.91 -17.55 1.52
N ASN D 152 26.63 -16.25 1.44
CA ASN D 152 26.32 -15.53 0.21
C ASN D 152 24.97 -15.90 -0.39
N ALA D 153 24.16 -16.70 0.31
CA ALA D 153 22.83 -17.09 -0.14
C ALA D 153 21.77 -16.17 0.48
N LEU D 154 20.95 -15.53 -0.37
CA LEU D 154 19.89 -14.66 0.13
C LEU D 154 18.90 -15.46 0.95
N GLN D 155 18.57 -14.96 2.14
CA GLN D 155 17.64 -15.61 3.02
C GLN D 155 16.23 -15.05 2.85
N SER D 156 15.26 -15.87 3.21
CA SER D 156 13.87 -15.42 3.33
C SER D 156 13.17 -16.25 4.38
N GLY D 157 12.29 -15.61 5.15
CA GLY D 157 11.38 -16.31 6.04
C GLY D 157 11.85 -16.50 7.47
N ASN D 158 13.04 -16.05 7.81
CA ASN D 158 13.61 -16.28 9.12
C ASN D 158 14.04 -14.97 9.79
N SER D 159 13.54 -13.83 9.32
CA SER D 159 13.88 -12.56 9.98
C SER D 159 12.65 -11.70 10.25
N GLN D 160 12.78 -10.82 11.26
CA GLN D 160 11.75 -9.85 11.57
C GLN D 160 12.39 -8.49 11.80
N GLU D 161 11.70 -7.44 11.36
CA GLU D 161 12.17 -6.07 11.50
C GLU D 161 11.27 -5.28 12.43
N SER D 162 11.87 -4.31 13.12
CA SER D 162 11.13 -3.31 13.90
C SER D 162 11.77 -1.95 13.73
N VAL D 163 10.96 -0.90 13.56
CA VAL D 163 11.45 0.47 13.40
C VAL D 163 10.96 1.32 14.57
N THR D 164 11.82 2.26 15.02
CA THR D 164 11.44 3.16 16.10
C THR D 164 10.48 4.25 15.63
N GLU D 165 9.87 4.92 16.62
CA GLU D 165 9.28 6.22 16.38
C GLU D 165 10.36 7.23 15.93
N GLN D 166 9.90 8.30 15.30
CA GLN D 166 10.79 9.37 14.88
C GLN D 166 11.33 10.14 16.10
N ASP D 167 12.63 10.37 16.11
CA ASP D 167 13.28 11.05 17.24
C ASP D 167 12.84 12.50 17.37
N SER D 168 12.57 12.93 18.61
CA SER D 168 12.05 14.26 18.84
C SER D 168 13.09 15.37 18.70
N LYS D 169 14.39 15.03 18.70
CA LYS D 169 15.42 16.05 18.59
C LYS D 169 16.01 16.14 17.18
N ASP D 170 16.37 15.02 16.56
CA ASP D 170 16.99 15.05 15.25
C ASP D 170 16.16 14.40 14.14
N SER D 171 14.95 13.96 14.45
CA SER D 171 13.98 13.52 13.44
C SER D 171 14.43 12.30 12.66
N THR D 172 15.35 11.49 13.20
CA THR D 172 15.77 10.25 12.56
C THR D 172 15.03 9.02 13.09
N TYR D 173 15.26 7.90 12.40
CA TYR D 173 14.74 6.59 12.80
C TYR D 173 15.89 5.63 13.07
N SER D 174 15.59 4.57 13.80
CA SER D 174 16.47 3.41 13.90
C SER D 174 15.68 2.14 13.63
N LEU D 175 16.39 1.09 13.20
CA LEU D 175 15.74 -0.13 12.73
C LEU D 175 16.56 -1.33 13.17
N SER D 176 15.89 -2.36 13.67
CA SER D 176 16.52 -3.63 13.97
C SER D 176 15.97 -4.68 13.02
N SER D 177 16.85 -5.52 12.51
CA SER D 177 16.48 -6.71 11.77
C SER D 177 17.12 -7.91 12.45
N THR D 178 16.32 -8.89 12.82
CA THR D 178 16.80 -10.04 13.61
C THR D 178 16.57 -11.33 12.85
N LEU D 179 17.66 -12.06 12.60
CA LEU D 179 17.62 -13.37 11.94
C LEU D 179 17.63 -14.44 13.03
N THR D 180 16.62 -15.33 13.05
CA THR D 180 16.55 -16.34 14.07
C THR D 180 16.59 -17.74 13.47
N LEU D 181 17.49 -18.56 13.98
CA LEU D 181 17.72 -19.93 13.53
C LEU D 181 17.86 -20.87 14.73
N SER D 182 17.53 -22.14 14.53
CA SER D 182 17.92 -23.14 15.52
C SER D 182 19.45 -23.20 15.58
N LYS D 183 19.98 -23.64 16.73
CA LYS D 183 21.42 -23.78 16.83
C LYS D 183 21.96 -24.70 15.73
N ALA D 184 21.22 -25.77 15.42
CA ALA D 184 21.67 -26.69 14.39
C ALA D 184 21.76 -26.01 13.02
N ASP D 185 20.70 -25.32 12.61
CA ASP D 185 20.72 -24.60 11.34
C ASP D 185 21.82 -23.54 11.33
N TYR D 186 22.03 -22.86 12.45
CA TYR D 186 23.09 -21.86 12.52
C TYR D 186 24.47 -22.45 12.27
N GLU D 187 24.73 -23.64 12.81
CA GLU D 187 26.04 -24.27 12.67
C GLU D 187 26.29 -24.83 11.27
N LYS D 188 25.28 -24.85 10.40
CA LYS D 188 25.48 -25.33 9.05
C LYS D 188 26.24 -24.35 8.17
N HIS D 189 26.36 -23.08 8.56
CA HIS D 189 26.97 -22.07 7.71
C HIS D 189 28.01 -21.28 8.49
N LYS D 190 28.84 -20.57 7.74
CA LYS D 190 29.95 -19.81 8.32
C LYS D 190 29.75 -18.31 8.22
N VAL D 191 29.43 -17.75 7.04
CA VAL D 191 29.39 -16.32 6.87
C VAL D 191 27.96 -15.83 7.05
N TYR D 192 27.77 -14.89 7.98
CA TYR D 192 26.48 -14.24 8.24
C TYR D 192 26.62 -12.74 7.97
N ALA D 193 25.77 -12.22 7.08
CA ALA D 193 25.89 -10.84 6.66
C ALA D 193 24.53 -10.17 6.50
N CYS D 194 24.47 -8.90 6.91
CA CYS D 194 23.27 -8.07 6.68
C CYS D 194 23.70 -7.00 5.67
N GLU D 195 22.96 -6.83 4.58
CA GLU D 195 23.22 -5.87 3.53
C GLU D 195 22.16 -4.79 3.56
N VAL D 196 22.58 -3.53 3.61
CA VAL D 196 21.72 -2.39 3.84
C VAL D 196 21.79 -1.46 2.65
N THR D 197 20.62 -1.16 2.09
CA THR D 197 20.42 -0.18 1.02
C THR D 197 19.60 0.99 1.54
N HIS D 198 20.04 2.21 1.29
CA HIS D 198 19.36 3.40 1.78
C HIS D 198 19.74 4.60 0.92
N GLN D 199 18.83 5.56 0.83
CA GLN D 199 19.08 6.75 0.01
C GLN D 199 20.41 7.45 0.36
N GLY D 200 20.83 7.38 1.62
CA GLY D 200 22.05 8.05 2.04
C GLY D 200 23.33 7.27 1.78
N LEU D 201 23.23 6.08 1.22
CA LEU D 201 24.37 5.22 0.95
C LEU D 201 24.59 5.16 -0.56
N SER D 202 25.79 5.55 -0.99
CA SER D 202 26.09 5.54 -2.42
C SER D 202 26.08 4.12 -2.96
N SER D 203 26.43 3.15 -2.14
CA SER D 203 26.36 1.74 -2.47
C SER D 203 25.97 0.98 -1.20
N PRO D 204 25.42 -0.21 -1.34
CA PRO D 204 24.99 -0.96 -0.15
C PRO D 204 26.13 -1.22 0.82
N VAL D 205 25.81 -1.18 2.11
CA VAL D 205 26.73 -1.48 3.19
C VAL D 205 26.47 -2.89 3.68
N THR D 206 27.53 -3.69 3.81
CA THR D 206 27.45 -5.02 4.36
C THR D 206 28.25 -5.12 5.64
N LYS D 207 27.60 -5.56 6.70
CA LYS D 207 28.26 -5.96 7.93
C LYS D 207 28.16 -7.48 8.04
N SER D 208 29.29 -8.15 8.30
CA SER D 208 29.32 -9.61 8.30
C SER D 208 30.30 -10.13 9.35
N PHE D 209 30.10 -11.39 9.74
CA PHE D 209 31.01 -12.08 10.64
C PHE D 209 31.03 -13.57 10.29
N ASN D 210 32.08 -14.25 10.76
CA ASN D 210 32.19 -15.69 10.57
C ASN D 210 31.83 -16.38 11.87
N ARG D 211 30.91 -17.32 11.81
CA ARG D 211 30.56 -18.12 12.97
C ARG D 211 31.83 -18.73 13.54
N GLY D 212 31.92 -18.80 14.87
CA GLY D 212 33.05 -19.50 15.45
C GLY D 212 34.34 -18.71 15.52
N GLU D 213 34.35 -17.46 15.08
CA GLU D 213 35.54 -16.63 15.11
C GLU D 213 35.50 -15.59 16.23
N GLU E 1 -0.80 5.12 -36.98
CA GLU E 1 -0.09 3.82 -36.94
C GLU E 1 1.12 3.85 -36.00
N VAL E 2 2.03 4.82 -36.15
CA VAL E 2 3.05 4.99 -35.11
C VAL E 2 2.35 5.41 -33.82
N GLN E 3 2.67 4.73 -32.73
CA GLN E 3 2.08 5.08 -31.44
C GLN E 3 3.09 4.87 -30.32
N LEU E 4 3.10 5.80 -29.37
CA LEU E 4 3.88 5.68 -28.16
C LEU E 4 2.93 5.72 -26.97
N VAL E 5 3.05 4.75 -26.05
CA VAL E 5 2.14 4.64 -24.91
C VAL E 5 2.96 4.59 -23.63
N GLU E 6 2.78 5.61 -22.79
CA GLU E 6 3.54 5.72 -21.54
C GLU E 6 2.73 5.13 -20.39
N SER E 7 3.45 4.66 -19.41
CA SER E 7 2.82 4.24 -18.15
C SER E 7 3.80 4.48 -17.03
N GLY E 8 3.29 4.42 -15.80
CA GLY E 8 4.12 4.48 -14.62
C GLY E 8 4.00 5.75 -13.80
N GLY E 9 3.19 6.71 -14.21
CA GLY E 9 3.14 7.95 -13.47
C GLY E 9 2.46 7.80 -12.13
N GLY E 10 2.43 8.90 -11.39
CA GLY E 10 1.80 8.93 -10.08
C GLY E 10 2.71 9.50 -9.01
N LEU E 11 2.47 9.08 -7.77
CA LEU E 11 3.10 9.68 -6.63
C LEU E 11 4.45 9.03 -6.30
N VAL E 12 5.42 9.84 -5.90
CA VAL E 12 6.71 9.35 -5.40
C VAL E 12 7.15 10.21 -4.22
N LYS E 13 7.75 9.56 -3.20
CA LYS E 13 8.19 10.33 -2.05
C LYS E 13 9.45 11.14 -2.34
N PRO E 14 9.64 12.26 -1.65
CA PRO E 14 10.87 13.03 -1.81
C PRO E 14 12.10 12.16 -1.62
N GLY E 15 13.08 12.34 -2.51
CA GLY E 15 14.26 11.52 -2.49
C GLY E 15 14.09 10.14 -3.06
N GLY E 16 12.87 9.75 -3.44
CA GLY E 16 12.59 8.41 -3.89
C GLY E 16 12.88 8.22 -5.38
N SER E 17 12.53 7.03 -5.87
CA SER E 17 12.82 6.58 -7.23
C SER E 17 11.54 6.13 -7.92
N LEU E 18 11.50 6.31 -9.25
CA LEU E 18 10.35 5.96 -10.06
C LEU E 18 10.83 5.61 -11.46
N ARG E 19 10.19 4.64 -12.10
CA ARG E 19 10.51 4.27 -13.48
C ARG E 19 9.30 4.50 -14.36
N LEU E 20 9.48 5.26 -15.45
CA LEU E 20 8.45 5.39 -16.46
C LEU E 20 8.77 4.48 -17.63
N SER E 21 7.75 4.01 -18.32
CA SER E 21 7.90 3.18 -19.49
C SER E 21 7.26 3.86 -20.70
N CYS E 22 7.80 3.54 -21.88
CA CYS E 22 7.30 4.03 -23.16
C CYS E 22 7.28 2.84 -24.12
N ALA E 23 6.09 2.37 -24.46
CA ALA E 23 5.90 1.24 -25.36
C ALA E 23 5.62 1.76 -26.77
N ALA E 24 6.45 1.34 -27.73
CA ALA E 24 6.35 1.81 -29.10
C ALA E 24 5.72 0.74 -29.99
N SER E 25 4.85 1.17 -30.89
CA SER E 25 4.21 0.26 -31.82
C SER E 25 4.05 0.95 -33.18
N GLY E 26 3.87 0.13 -34.21
CA GLY E 26 3.64 0.62 -35.56
C GLY E 26 4.87 0.83 -36.41
N TYR E 27 6.04 0.45 -35.91
CA TYR E 27 7.29 0.58 -36.65
C TYR E 27 8.30 -0.34 -35.98
N THR E 28 9.45 -0.50 -36.62
CA THR E 28 10.55 -1.27 -36.05
C THR E 28 11.25 -0.41 -34.99
N PHE E 29 11.16 -0.86 -33.74
CA PHE E 29 11.61 -0.07 -32.59
C PHE E 29 13.05 0.40 -32.72
N THR E 30 13.93 -0.44 -33.26
CA THR E 30 15.32 -0.06 -33.35
C THR E 30 15.62 0.95 -34.45
N ASP E 31 14.63 1.32 -35.26
CA ASP E 31 14.83 2.24 -36.38
C ASP E 31 14.82 3.72 -36.00
N ASN E 32 14.48 4.09 -34.77
CA ASN E 32 14.40 5.48 -34.36
C ASN E 32 14.81 5.60 -32.90
N TYR E 33 15.36 6.76 -32.53
CA TYR E 33 15.64 6.96 -31.12
C TYR E 33 14.34 7.27 -30.39
N ILE E 34 14.33 7.01 -29.09
CA ILE E 34 13.25 7.47 -28.20
C ILE E 34 13.85 8.61 -27.38
N HIS E 35 13.16 9.75 -27.35
CA HIS E 35 13.60 10.90 -26.58
C HIS E 35 12.63 11.08 -25.43
N TRP E 36 13.13 11.63 -24.33
CA TRP E 36 12.32 11.96 -23.16
C TRP E 36 12.40 13.46 -22.92
N VAL E 37 11.23 14.03 -22.59
CA VAL E 37 11.00 15.45 -22.40
C VAL E 37 10.08 15.62 -21.20
N ARG E 38 10.23 16.73 -20.47
CA ARG E 38 9.25 17.04 -19.44
C ARG E 38 8.85 18.49 -19.39
N GLN E 39 7.70 18.75 -18.74
CA GLN E 39 7.26 20.11 -18.51
C GLN E 39 6.72 20.20 -17.09
N ALA E 40 7.40 20.99 -16.27
CA ALA E 40 7.01 21.32 -14.90
C ALA E 40 5.99 22.46 -14.92
N PRO E 41 5.13 22.54 -13.91
CA PRO E 41 4.15 23.63 -13.87
C PRO E 41 4.80 25.01 -13.97
N GLY E 42 4.23 25.85 -14.84
CA GLY E 42 4.72 27.20 -15.06
C GLY E 42 6.03 27.31 -15.80
N LYS E 43 6.71 26.19 -16.05
CA LYS E 43 8.00 26.11 -16.72
C LYS E 43 7.85 25.77 -18.20
N GLY E 44 8.92 26.01 -18.96
CA GLY E 44 8.95 25.52 -20.32
C GLY E 44 9.39 24.07 -20.41
N LEU E 45 9.14 23.46 -21.58
CA LEU E 45 9.57 22.10 -21.84
C LEU E 45 11.09 21.99 -21.77
N GLU E 46 11.56 20.84 -21.26
CA GLU E 46 12.97 20.52 -21.14
C GLU E 46 13.24 19.13 -21.74
N TRP E 47 14.30 19.02 -22.53
CA TRP E 47 14.73 17.75 -23.07
C TRP E 47 15.70 17.07 -22.11
N ILE E 48 15.44 15.80 -21.81
CA ILE E 48 16.19 15.02 -20.82
C ILE E 48 17.29 14.19 -21.48
N GLY E 49 16.96 13.53 -22.58
CA GLY E 49 17.92 12.70 -23.29
C GLY E 49 17.24 11.79 -24.29
N TYR E 50 18.06 11.00 -24.98
CA TYR E 50 17.55 10.00 -25.89
C TYR E 50 18.25 8.66 -25.68
N ILE E 51 17.65 7.61 -26.21
CA ILE E 51 18.33 6.32 -26.33
C ILE E 51 18.17 5.80 -27.76
N ASN E 52 19.25 5.22 -28.29
CA ASN E 52 19.19 4.50 -29.56
C ASN E 52 18.90 3.05 -29.24
N PRO E 53 17.71 2.52 -29.51
CA PRO E 53 17.41 1.14 -29.09
C PRO E 53 18.27 0.10 -29.79
N SER E 54 18.79 0.41 -30.97
CA SER E 54 19.59 -0.58 -31.69
C SER E 54 20.87 -0.90 -30.92
N SER E 55 21.51 0.12 -30.36
CA SER E 55 22.77 -0.02 -29.67
C SER E 55 22.66 0.12 -28.17
N ALA E 56 21.50 0.55 -27.65
CA ALA E 56 21.29 0.89 -26.25
C ALA E 56 22.14 2.09 -25.80
N TYR E 57 22.70 2.84 -26.73
CA TYR E 57 23.45 4.03 -26.37
C TYR E 57 22.49 5.16 -25.97
N ALA E 58 22.73 5.76 -24.81
CA ALA E 58 21.92 6.87 -24.32
C ALA E 58 22.76 8.14 -24.25
N HIS E 59 22.13 9.27 -24.61
CA HIS E 59 22.77 10.58 -24.59
C HIS E 59 21.90 11.49 -23.74
N TYR E 60 22.53 12.23 -22.84
CA TYR E 60 21.83 12.96 -21.80
C TYR E 60 22.10 14.46 -21.85
N ASN E 61 21.07 15.21 -21.48
CA ASN E 61 21.23 16.58 -21.02
C ASN E 61 22.02 16.58 -19.72
N GLU E 62 23.12 17.35 -19.65
CA GLU E 62 23.97 17.30 -18.46
C GLU E 62 23.19 17.55 -17.18
N LYS E 63 22.11 18.34 -17.25
CA LYS E 63 21.30 18.62 -16.07
C LYS E 63 20.70 17.36 -15.44
N PHE E 64 20.56 16.28 -16.21
CA PHE E 64 19.84 15.10 -15.72
C PHE E 64 20.75 13.88 -15.61
N LYS E 65 22.03 14.02 -15.96
CA LYS E 65 22.90 12.87 -16.08
C LYS E 65 23.08 12.12 -14.76
N THR E 66 23.07 12.83 -13.62
CA THR E 66 23.40 12.14 -12.38
C THR E 66 22.23 11.32 -11.82
N ARG E 67 20.97 11.75 -12.03
CA ARG E 67 19.84 11.11 -11.37
C ARG E 67 18.93 10.34 -12.31
N PHE E 68 19.12 10.46 -13.61
CA PHE E 68 18.20 9.92 -14.60
C PHE E 68 18.93 8.94 -15.50
N THR E 69 18.30 7.80 -15.75
CA THR E 69 18.84 6.76 -16.61
C THR E 69 17.81 6.31 -17.62
N ILE E 70 18.19 6.33 -18.92
CA ILE E 70 17.34 5.83 -19.98
C ILE E 70 17.84 4.45 -20.40
N SER E 71 16.91 3.51 -20.56
CA SER E 71 17.24 2.14 -20.95
C SER E 71 16.17 1.64 -21.92
N VAL E 72 16.41 0.45 -22.49
CA VAL E 72 15.44 -0.19 -23.36
C VAL E 72 15.31 -1.67 -22.98
N ASP E 73 14.17 -2.24 -23.36
CA ASP E 73 13.95 -3.69 -23.42
C ASP E 73 13.40 -3.96 -24.82
N LYS E 74 14.28 -4.37 -25.75
CA LYS E 74 13.87 -4.52 -27.13
C LYS E 74 12.79 -5.60 -27.29
N ALA E 75 12.79 -6.62 -26.45
CA ALA E 75 11.80 -7.67 -26.58
C ALA E 75 10.40 -7.14 -26.34
N LYS E 76 10.28 -6.08 -25.53
CA LYS E 76 9.00 -5.47 -25.26
C LYS E 76 8.78 -4.21 -26.10
N ASN E 77 9.71 -3.88 -27.00
CA ASN E 77 9.63 -2.64 -27.78
C ASN E 77 9.38 -1.43 -26.88
N SER E 78 10.12 -1.36 -25.78
CA SER E 78 9.87 -0.34 -24.77
C SER E 78 11.16 0.34 -24.36
N ALA E 79 11.05 1.64 -24.07
CA ALA E 79 12.13 2.38 -23.42
C ALA E 79 11.68 2.79 -22.02
N TYR E 80 12.65 3.04 -21.17
CA TYR E 80 12.39 3.36 -19.78
C TYR E 80 13.15 4.59 -19.35
N LEU E 81 12.53 5.38 -18.47
CA LEU E 81 13.18 6.50 -17.81
C LEU E 81 13.13 6.22 -16.31
N GLN E 82 14.31 5.95 -15.74
CA GLN E 82 14.49 5.72 -14.31
C GLN E 82 14.98 7.01 -13.65
N MET E 83 14.24 7.51 -12.66
CA MET E 83 14.61 8.73 -11.96
C MET E 83 14.88 8.40 -10.50
N ASN E 84 15.95 8.98 -9.94
CA ASN E 84 16.32 8.76 -8.55
C ASN E 84 16.50 10.09 -7.83
N SER E 85 16.42 10.03 -6.50
CA SER E 85 16.65 11.18 -5.62
C SER E 85 15.76 12.36 -6.05
N LEU E 86 14.50 12.05 -6.27
CA LEU E 86 13.56 13.02 -6.82
C LEU E 86 13.27 14.12 -5.81
N ARG E 87 13.13 15.33 -6.35
CA ARG E 87 12.86 16.52 -5.53
C ARG E 87 11.59 17.17 -6.05
N ALA E 88 11.13 18.21 -5.37
CA ALA E 88 9.92 18.93 -5.81
C ALA E 88 10.08 19.48 -7.23
N GLU E 89 11.28 19.83 -7.68
CA GLU E 89 11.51 20.42 -9.03
C GLU E 89 11.21 19.39 -10.11
N ASP E 90 11.18 18.10 -9.75
CA ASP E 90 10.93 17.04 -10.70
C ASP E 90 9.45 16.73 -10.89
N THR E 91 8.56 17.33 -10.11
CA THR E 91 7.14 17.21 -10.40
C THR E 91 6.86 17.84 -11.74
N ALA E 92 6.33 17.03 -12.65
CA ALA E 92 6.21 17.46 -14.05
C ALA E 92 5.45 16.41 -14.84
N VAL E 93 4.99 16.81 -16.01
CA VAL E 93 4.46 15.88 -17.01
C VAL E 93 5.63 15.41 -17.87
N TYR E 94 5.81 14.09 -17.95
CA TYR E 94 6.90 13.48 -18.70
C TYR E 94 6.36 12.86 -19.97
N TYR E 95 7.03 13.12 -21.11
CA TYR E 95 6.63 12.58 -22.39
C TYR E 95 7.78 11.79 -22.99
N CYS E 96 7.47 10.71 -23.66
CA CYS E 96 8.39 10.15 -24.63
C CYS E 96 7.97 10.61 -26.01
N THR E 97 8.93 10.74 -26.90
CA THR E 97 8.63 11.29 -28.22
C THR E 97 9.61 10.70 -29.22
N ARG E 98 9.20 10.73 -30.49
CA ARG E 98 9.97 10.19 -31.61
C ARG E 98 9.91 11.16 -32.79
N ARG E 99 11.01 11.26 -33.53
CA ARG E 99 11.04 12.10 -34.72
C ARG E 99 10.13 11.56 -35.82
N TYR E 100 9.64 12.49 -36.66
CA TYR E 100 8.83 12.12 -37.80
C TYR E 100 9.58 11.12 -38.68
N TYR E 101 10.80 11.48 -39.04
CA TYR E 101 11.80 10.56 -39.63
C TYR E 101 13.17 11.18 -39.32
N SER E 102 14.23 10.57 -39.83
CA SER E 102 15.56 10.96 -39.39
C SER E 102 15.81 12.47 -39.47
N ALA E 103 16.35 13.01 -38.39
CA ALA E 103 16.74 14.41 -38.25
C ALA E 103 15.58 15.39 -38.23
N MET E 104 14.34 14.93 -38.29
CA MET E 104 13.17 15.80 -38.34
C MET E 104 12.66 16.06 -36.93
N PRO E 105 11.77 17.03 -36.75
CA PRO E 105 11.27 17.30 -35.40
C PRO E 105 10.36 16.21 -34.87
N PHE E 106 9.86 16.41 -33.65
CA PHE E 106 9.11 15.36 -32.95
C PHE E 106 7.65 15.37 -33.40
N ALA E 107 7.28 14.40 -34.23
CA ALA E 107 5.91 14.32 -34.70
C ALA E 107 5.05 13.39 -33.86
N TYR E 108 5.64 12.50 -33.08
CA TYR E 108 4.91 11.47 -32.36
C TYR E 108 5.22 11.60 -30.87
N TRP E 109 4.17 11.67 -30.07
CA TRP E 109 4.31 11.90 -28.64
C TRP E 109 3.46 10.89 -27.87
N GLY E 110 4.04 10.36 -26.80
CA GLY E 110 3.22 9.68 -25.80
C GLY E 110 2.27 10.67 -25.15
N GLN E 111 1.31 10.12 -24.40
CA GLN E 111 0.21 10.92 -23.89
C GLN E 111 0.62 11.86 -22.77
N GLY E 112 1.78 11.66 -22.18
CA GLY E 112 2.23 12.51 -21.11
C GLY E 112 1.82 11.84 -19.82
N THR E 113 2.72 11.80 -18.85
CA THR E 113 2.42 11.13 -17.59
C THR E 113 2.93 12.02 -16.47
N LEU E 114 2.03 12.37 -15.56
CA LEU E 114 2.35 13.29 -14.48
C LEU E 114 3.02 12.50 -13.37
N VAL E 115 4.17 12.99 -12.91
CA VAL E 115 4.86 12.46 -11.74
C VAL E 115 4.75 13.53 -10.65
N THR E 116 4.22 13.16 -9.48
CA THR E 116 4.06 14.10 -8.38
C THR E 116 4.94 13.65 -7.23
N VAL E 117 5.86 14.52 -6.82
CA VAL E 117 6.77 14.23 -5.71
C VAL E 117 6.08 14.74 -4.45
N SER E 118 5.71 13.81 -3.57
CA SER E 118 4.86 14.16 -2.44
C SER E 118 4.98 13.14 -1.32
N SER E 119 4.81 13.63 -0.09
CA SER E 119 4.77 12.75 1.07
C SER E 119 3.36 12.25 1.38
N ALA E 120 2.34 12.80 0.73
CA ALA E 120 0.95 12.42 0.96
C ALA E 120 0.67 11.07 0.31
N SER E 121 -0.54 10.58 0.52
CA SER E 121 -0.99 9.31 0.00
C SER E 121 -1.82 9.42 -1.28
N THR E 122 -1.80 8.33 -2.04
CA THR E 122 -2.66 8.21 -3.22
C THR E 122 -4.10 7.92 -2.79
N LYS E 123 -5.05 8.62 -3.40
CA LYS E 123 -6.45 8.43 -3.08
C LYS E 123 -7.29 8.57 -4.34
N GLY E 124 -8.15 7.58 -4.60
CA GLY E 124 -9.09 7.61 -5.69
C GLY E 124 -10.29 8.49 -5.42
N PRO E 125 -11.00 8.89 -6.47
CA PRO E 125 -12.12 9.83 -6.29
C PRO E 125 -13.42 9.16 -5.87
N SER E 126 -14.24 9.95 -5.18
CA SER E 126 -15.66 9.65 -5.03
C SER E 126 -16.38 10.38 -6.15
N VAL E 127 -17.37 9.73 -6.73
CA VAL E 127 -18.09 10.25 -7.90
C VAL E 127 -19.56 10.36 -7.55
N PHE E 128 -20.10 11.59 -7.64
CA PHE E 128 -21.49 11.84 -7.30
C PHE E 128 -22.25 12.43 -8.48
N PRO E 129 -23.52 12.10 -8.64
CA PRO E 129 -24.28 12.68 -9.76
C PRO E 129 -24.65 14.12 -9.52
N LEU E 130 -24.70 14.88 -10.62
CA LEU E 130 -25.27 16.23 -10.69
C LEU E 130 -26.53 16.06 -11.57
N ALA E 131 -27.67 15.75 -10.91
CA ALA E 131 -28.84 15.30 -11.68
C ALA E 131 -29.53 16.49 -12.35
N PRO E 132 -30.05 16.28 -13.55
CA PRO E 132 -30.76 17.37 -14.23
C PRO E 132 -32.10 17.60 -13.58
N SER E 133 -32.50 18.88 -13.55
CA SER E 133 -33.77 19.28 -12.95
C SER E 133 -34.23 20.56 -13.65
N SER E 134 -35.38 21.09 -13.21
CA SER E 134 -35.80 22.39 -13.73
C SER E 134 -34.79 23.48 -13.36
N LYS E 135 -33.98 23.25 -12.34
CA LYS E 135 -32.96 24.21 -11.94
C LYS E 135 -31.69 24.10 -12.81
N SER E 136 -31.64 23.17 -13.77
CA SER E 136 -30.50 23.08 -14.69
C SER E 136 -30.96 23.12 -16.15
N THR E 137 -32.03 23.89 -16.44
CA THR E 137 -32.63 23.93 -17.75
C THR E 137 -32.59 25.31 -18.39
N SER E 138 -32.43 25.34 -19.71
CA SER E 138 -32.59 26.56 -20.48
C SER E 138 -32.79 26.20 -21.94
N GLY E 139 -33.74 26.87 -22.59
CA GLY E 139 -33.88 26.76 -24.03
C GLY E 139 -34.12 25.37 -24.57
N GLY E 140 -34.79 24.51 -23.81
CA GLY E 140 -34.96 23.14 -24.26
C GLY E 140 -33.75 22.29 -23.92
N THR E 141 -32.73 22.90 -23.32
CA THR E 141 -31.47 22.26 -23.02
C THR E 141 -31.33 22.12 -21.50
N ALA E 142 -30.95 20.94 -21.08
CA ALA E 142 -30.75 20.62 -19.68
C ALA E 142 -29.28 20.30 -19.47
N ALA E 143 -28.75 20.71 -18.33
CA ALA E 143 -27.41 20.36 -17.90
C ALA E 143 -27.46 19.26 -16.86
N LEU E 144 -26.48 18.37 -16.93
CA LEU E 144 -26.33 17.31 -15.92
C LEU E 144 -24.83 17.03 -15.83
N GLY E 145 -24.40 16.27 -14.83
CA GLY E 145 -22.98 16.06 -14.74
C GLY E 145 -22.62 15.10 -13.62
N CYS E 146 -21.30 15.04 -13.36
CA CYS E 146 -20.72 14.22 -12.31
C CYS E 146 -19.71 15.06 -11.54
N LEU E 147 -19.78 14.98 -10.22
CA LEU E 147 -18.82 15.60 -9.33
C LEU E 147 -17.79 14.54 -8.93
N VAL E 148 -16.53 14.83 -9.19
CA VAL E 148 -15.42 13.88 -9.00
C VAL E 148 -14.56 14.47 -7.89
N LYS E 149 -14.70 13.92 -6.69
CA LYS E 149 -14.21 14.60 -5.50
C LYS E 149 -13.18 13.80 -4.72
N ASP E 150 -12.21 14.54 -4.16
CA ASP E 150 -11.29 14.06 -3.13
C ASP E 150 -10.33 12.99 -3.64
N TYR E 151 -9.54 13.31 -4.66
CA TYR E 151 -8.57 12.36 -5.19
C TYR E 151 -7.18 12.99 -5.16
N PHE E 152 -6.14 12.14 -5.21
CA PHE E 152 -4.79 12.66 -5.22
C PHE E 152 -3.87 11.54 -5.73
N PRO E 153 -2.89 11.83 -6.55
CA PRO E 153 -2.55 13.08 -7.23
C PRO E 153 -3.40 13.21 -8.47
N GLU E 154 -3.16 14.26 -9.26
CA GLU E 154 -3.73 14.33 -10.59
C GLU E 154 -3.11 13.25 -11.48
N PRO E 155 -3.78 12.89 -12.59
CA PRO E 155 -5.06 13.36 -13.12
C PRO E 155 -6.19 12.35 -13.07
N VAL E 156 -7.43 12.82 -13.21
CA VAL E 156 -8.54 11.98 -13.59
C VAL E 156 -8.93 12.27 -15.03
N THR E 157 -9.47 11.26 -15.71
CA THR E 157 -10.14 11.45 -16.99
C THR E 157 -11.62 11.16 -16.84
N VAL E 158 -12.44 11.90 -17.58
CA VAL E 158 -13.88 11.67 -17.58
C VAL E 158 -14.34 11.55 -19.02
N SER E 159 -15.13 10.53 -19.29
CA SER E 159 -15.84 10.41 -20.55
C SER E 159 -17.32 10.21 -20.24
N TRP E 160 -18.15 10.33 -21.27
CA TRP E 160 -19.59 10.15 -21.14
C TRP E 160 -20.05 9.06 -22.10
N ASN E 161 -20.82 8.13 -21.56
CA ASN E 161 -21.39 7.01 -22.34
C ASN E 161 -20.29 6.30 -23.11
N SER E 162 -19.19 6.05 -22.41
CA SER E 162 -18.03 5.32 -22.95
C SER E 162 -17.46 5.97 -24.19
N GLY E 163 -17.54 7.30 -24.28
CA GLY E 163 -16.97 8.06 -25.37
C GLY E 163 -17.93 8.41 -26.49
N ALA E 164 -19.14 7.86 -26.50
CA ALA E 164 -20.07 8.19 -27.57
C ALA E 164 -20.66 9.58 -27.43
N LEU E 165 -20.63 10.18 -26.24
CA LEU E 165 -21.20 11.50 -25.99
C LEU E 165 -20.05 12.45 -25.74
N THR E 166 -19.83 13.37 -26.68
CA THR E 166 -18.73 14.33 -26.61
C THR E 166 -19.19 15.76 -26.84
N SER E 167 -20.24 15.92 -27.65
CA SER E 167 -20.75 17.25 -27.92
C SER E 167 -21.37 17.84 -26.65
N GLY E 168 -21.05 19.10 -26.36
CA GLY E 168 -21.66 19.77 -25.22
C GLY E 168 -21.08 19.41 -23.89
N VAL E 169 -19.96 18.70 -23.85
CA VAL E 169 -19.32 18.29 -22.60
C VAL E 169 -18.33 19.37 -22.18
N HIS E 170 -18.37 19.73 -20.89
CA HIS E 170 -17.38 20.60 -20.26
C HIS E 170 -16.82 19.87 -19.04
N THR E 171 -15.56 19.45 -19.12
CA THR E 171 -14.87 18.90 -17.97
C THR E 171 -13.92 19.96 -17.41
N PHE E 172 -14.19 20.40 -16.20
CA PHE E 172 -13.46 21.51 -15.59
C PHE E 172 -12.06 21.08 -15.16
N PRO E 173 -11.12 22.01 -15.19
CA PRO E 173 -9.81 21.75 -14.58
C PRO E 173 -9.97 21.39 -13.12
N ALA E 174 -9.08 20.51 -12.64
CA ALA E 174 -9.09 20.19 -11.22
C ALA E 174 -8.67 21.40 -10.38
N VAL E 175 -9.31 21.55 -9.21
CA VAL E 175 -8.89 22.54 -8.22
C VAL E 175 -8.44 21.81 -6.97
N LEU E 176 -7.41 22.36 -6.34
CA LEU E 176 -6.89 21.80 -5.10
C LEU E 176 -7.71 22.39 -3.95
N GLN E 177 -8.32 21.52 -3.15
CA GLN E 177 -9.13 21.93 -2.02
C GLN E 177 -8.25 22.20 -0.81
N SER E 178 -8.81 22.89 0.19
CA SER E 178 -8.03 23.17 1.39
C SER E 178 -7.52 21.90 2.06
N SER E 179 -8.23 20.78 1.85
CA SER E 179 -7.82 19.48 2.36
C SER E 179 -6.55 18.95 1.70
N GLY E 180 -6.12 19.57 0.61
CA GLY E 180 -5.02 19.03 -0.14
C GLY E 180 -5.39 17.99 -1.17
N LEU E 181 -6.67 17.66 -1.32
CA LEU E 181 -7.16 16.72 -2.34
C LEU E 181 -7.79 17.55 -3.48
N TYR E 182 -7.82 16.96 -4.66
CA TYR E 182 -8.37 17.62 -5.83
C TYR E 182 -9.84 17.29 -6.00
N SER E 183 -10.54 18.17 -6.71
CA SER E 183 -11.93 17.93 -7.07
C SER E 183 -12.19 18.60 -8.42
N LEU E 184 -13.10 18.02 -9.19
CA LEU E 184 -13.60 18.69 -10.39
C LEU E 184 -15.00 18.18 -10.72
N SER E 185 -15.69 18.90 -11.61
CA SER E 185 -16.94 18.41 -12.16
C SER E 185 -16.84 18.29 -13.66
N SER E 186 -17.60 17.36 -14.24
CA SER E 186 -17.81 17.25 -15.67
C SER E 186 -19.29 17.40 -15.93
N VAL E 187 -19.65 18.30 -16.85
CA VAL E 187 -21.06 18.53 -17.13
C VAL E 187 -21.29 18.41 -18.63
N VAL E 188 -22.52 18.08 -18.98
CA VAL E 188 -22.91 18.00 -20.38
C VAL E 188 -24.26 18.66 -20.52
N THR E 189 -24.46 19.36 -21.62
CA THR E 189 -25.76 19.95 -21.97
C THR E 189 -26.36 19.13 -23.10
N VAL E 190 -27.65 18.79 -22.98
CA VAL E 190 -28.29 17.86 -23.92
C VAL E 190 -29.72 18.29 -24.21
N PRO E 191 -30.40 17.65 -25.18
CA PRO E 191 -31.82 17.96 -25.39
C PRO E 191 -32.65 17.50 -24.19
N SER E 192 -33.45 18.43 -23.67
CA SER E 192 -34.37 18.07 -22.59
C SER E 192 -35.35 17.01 -23.06
N SER E 193 -35.62 16.97 -24.37
CA SER E 193 -36.55 15.97 -24.90
C SER E 193 -36.00 14.56 -24.83
N SER E 194 -34.70 14.39 -24.62
CA SER E 194 -34.11 13.05 -24.63
C SER E 194 -33.92 12.48 -23.23
N LEU E 195 -34.16 13.28 -22.18
CA LEU E 195 -33.81 12.81 -20.84
C LEU E 195 -34.64 11.59 -20.44
N GLY E 196 -35.82 11.42 -21.05
CA GLY E 196 -36.66 10.28 -20.73
C GLY E 196 -36.34 9.00 -21.49
N THR E 197 -35.58 9.11 -22.59
CA THR E 197 -35.25 7.96 -23.41
C THR E 197 -33.77 7.62 -23.46
N GLN E 198 -32.89 8.61 -23.33
CA GLN E 198 -31.45 8.38 -23.41
C GLN E 198 -30.88 8.32 -22.00
N THR E 199 -29.82 7.54 -21.87
CA THR E 199 -29.14 7.30 -20.61
C THR E 199 -27.80 8.03 -20.62
N TYR E 200 -27.42 8.55 -19.46
CA TYR E 200 -26.19 9.32 -19.28
C TYR E 200 -25.36 8.68 -18.18
N ILE E 201 -24.17 8.21 -18.55
CA ILE E 201 -23.26 7.57 -17.60
C ILE E 201 -21.92 8.25 -17.75
N CYS E 202 -21.37 8.73 -16.63
CA CYS E 202 -20.02 9.29 -16.67
C CYS E 202 -19.04 8.20 -16.28
N ASN E 203 -17.97 8.06 -17.05
CA ASN E 203 -16.91 7.08 -16.80
C ASN E 203 -15.68 7.82 -16.32
N VAL E 204 -15.27 7.55 -15.08
CA VAL E 204 -14.17 8.25 -14.43
C VAL E 204 -13.02 7.26 -14.27
N ASN E 205 -11.82 7.68 -14.66
CA ASN E 205 -10.62 6.86 -14.50
C ASN E 205 -9.56 7.66 -13.77
N HIS E 206 -9.06 7.08 -12.68
CA HIS E 206 -7.96 7.67 -11.91
C HIS E 206 -6.84 6.63 -11.91
N LYS E 207 -5.94 6.74 -12.88
CA LYS E 207 -4.91 5.71 -13.02
C LYS E 207 -3.99 5.61 -11.82
N PRO E 208 -3.56 6.70 -11.16
CA PRO E 208 -2.63 6.52 -10.03
C PRO E 208 -3.13 5.59 -8.95
N SER E 209 -4.45 5.50 -8.72
CA SER E 209 -5.03 4.60 -7.74
C SER E 209 -5.70 3.40 -8.37
N ASN E 210 -5.58 3.24 -9.70
CA ASN E 210 -6.25 2.17 -10.45
C ASN E 210 -7.74 2.10 -10.18
N THR E 211 -8.37 3.27 -10.04
CA THR E 211 -9.80 3.40 -9.77
C THR E 211 -10.57 3.74 -11.03
N LYS E 212 -11.61 2.97 -11.32
CA LYS E 212 -12.54 3.21 -12.41
C LYS E 212 -13.96 3.13 -11.89
N VAL E 213 -14.74 4.19 -12.12
CA VAL E 213 -16.13 4.25 -11.68
C VAL E 213 -17.00 4.73 -12.83
N ASP E 214 -18.14 4.06 -13.02
CA ASP E 214 -19.19 4.50 -13.92
C ASP E 214 -20.38 4.91 -13.08
N LYS E 215 -20.88 6.13 -13.28
CA LYS E 215 -21.99 6.64 -12.47
C LYS E 215 -23.12 7.06 -13.41
N LYS E 216 -24.28 6.41 -13.22
CA LYS E 216 -25.49 6.75 -13.95
C LYS E 216 -26.12 7.99 -13.34
N VAL E 217 -26.42 8.98 -14.18
CA VAL E 217 -26.99 10.24 -13.73
C VAL E 217 -28.44 10.27 -14.16
N GLU E 218 -29.36 10.24 -13.20
CA GLU E 218 -30.79 10.06 -13.52
C GLU E 218 -31.60 11.34 -13.33
N PRO E 219 -32.55 11.59 -14.23
CA PRO E 219 -33.28 12.87 -14.21
C PRO E 219 -34.28 13.00 -13.08
N LYS E 220 -34.48 14.24 -12.65
CA LYS E 220 -35.48 14.62 -11.66
C LYS E 220 -36.68 15.21 -12.39
N SER E 221 -37.88 14.91 -11.88
CA SER E 221 -39.11 15.37 -12.51
C SER E 221 -39.49 16.79 -12.07
N CYS E 222 -38.77 17.34 -11.10
CA CYS E 222 -38.97 18.72 -10.64
C CYS E 222 -37.88 19.68 -11.10
N ASP F 1 24.71 25.84 -23.79
CA ASP F 1 23.41 25.44 -24.39
C ASP F 1 22.78 26.62 -25.13
N ILE F 2 21.87 26.32 -26.04
CA ILE F 2 21.17 27.36 -26.81
C ILE F 2 19.90 27.71 -26.05
N GLN F 3 19.76 28.99 -25.69
CA GLN F 3 18.57 29.44 -24.97
C GLN F 3 17.61 29.95 -26.04
N MET F 4 16.35 29.57 -25.94
CA MET F 4 15.32 30.04 -26.86
C MET F 4 14.41 30.98 -26.08
N THR F 5 14.32 32.23 -26.52
CA THR F 5 13.51 33.23 -25.82
C THR F 5 12.29 33.51 -26.68
N GLN F 6 11.13 33.07 -26.19
CA GLN F 6 9.87 33.21 -26.93
C GLN F 6 9.09 34.37 -26.34
N SER F 7 8.43 35.12 -27.23
CA SER F 7 7.65 36.30 -26.85
C SER F 7 6.46 36.40 -27.79
N PRO F 8 5.33 36.90 -27.32
CA PRO F 8 5.00 37.24 -25.92
C PRO F 8 4.64 35.97 -25.15
N SER F 9 4.66 36.01 -23.83
CA SER F 9 4.25 34.82 -23.06
C SER F 9 2.74 34.59 -23.17
N SER F 10 1.97 35.64 -23.39
CA SER F 10 0.57 35.43 -23.65
C SER F 10 0.13 36.48 -24.67
N LEU F 11 -0.86 36.13 -25.46
CA LEU F 11 -1.43 37.17 -26.29
C LEU F 11 -2.88 36.85 -26.52
N SER F 12 -3.64 37.91 -26.70
CA SER F 12 -5.07 37.81 -26.97
C SER F 12 -5.39 38.67 -28.17
N ALA F 13 -6.26 38.18 -29.03
CA ALA F 13 -6.60 38.87 -30.27
C ALA F 13 -7.97 38.39 -30.71
N SER F 14 -8.54 39.10 -31.67
CA SER F 14 -9.87 38.82 -32.18
C SER F 14 -9.80 37.95 -33.41
N VAL F 15 -10.89 37.24 -33.69
CA VAL F 15 -10.96 36.48 -34.92
C VAL F 15 -10.67 37.43 -36.08
N GLY F 16 -9.81 37.00 -37.00
CA GLY F 16 -9.42 37.80 -38.14
C GLY F 16 -8.15 38.61 -37.98
N ASP F 17 -7.66 38.79 -36.75
CA ASP F 17 -6.41 39.51 -36.55
C ASP F 17 -5.26 38.67 -37.12
N ARG F 18 -4.23 39.37 -37.58
CA ARG F 18 -2.95 38.77 -37.94
C ARG F 18 -2.09 38.73 -36.69
N VAL F 19 -1.69 37.52 -36.26
CA VAL F 19 -0.96 37.40 -35.01
C VAL F 19 0.45 36.90 -35.26
N THR F 20 1.38 37.40 -34.47
CA THR F 20 2.81 37.11 -34.58
C THR F 20 3.33 36.58 -33.27
N ILE F 21 4.08 35.48 -33.34
CA ILE F 21 4.79 34.91 -32.19
C ILE F 21 6.26 34.80 -32.58
N THR F 22 7.16 35.17 -31.66
CA THR F 22 8.57 35.26 -31.97
C THR F 22 9.41 34.33 -31.09
N CYS F 23 10.51 33.82 -31.66
CA CYS F 23 11.50 33.05 -30.94
C CYS F 23 12.86 33.56 -31.38
N ARG F 24 13.70 33.94 -30.43
CA ARG F 24 15.06 34.37 -30.71
C ARG F 24 16.01 33.41 -30.00
N ALA F 25 16.95 32.84 -30.73
CA ALA F 25 17.92 31.92 -30.20
C ALA F 25 19.16 32.67 -29.72
N SER F 26 19.85 32.10 -28.73
CA SER F 26 21.08 32.72 -28.23
C SER F 26 22.23 32.59 -29.21
N GLU F 27 22.10 31.78 -30.26
CA GLU F 27 23.10 31.72 -31.32
C GLU F 27 22.44 31.25 -32.61
N ASP F 28 23.18 31.40 -33.71
CA ASP F 28 22.67 30.99 -35.01
C ASP F 28 22.33 29.51 -35.00
N ILE F 29 21.09 29.18 -35.36
CA ILE F 29 20.65 27.80 -35.47
C ILE F 29 20.34 27.41 -36.90
N TYR F 30 20.68 28.26 -37.86
CA TYR F 30 20.66 27.88 -39.27
C TYR F 30 19.32 27.28 -39.65
N SER F 31 18.24 27.93 -39.21
CA SER F 31 16.87 27.56 -39.52
C SER F 31 16.45 26.19 -38.99
N GLY F 32 17.19 25.63 -38.04
CA GLY F 32 16.82 24.36 -37.44
C GLY F 32 15.80 24.59 -36.33
N LEU F 33 14.61 25.05 -36.71
CA LEU F 33 13.61 25.54 -35.75
C LEU F 33 12.25 24.97 -36.11
N ALA F 34 11.57 24.40 -35.11
CA ALA F 34 10.25 23.85 -35.27
C ALA F 34 9.26 24.59 -34.38
N TRP F 35 8.01 24.63 -34.82
CA TRP F 35 6.91 25.19 -34.06
C TRP F 35 5.85 24.14 -33.79
N TYR F 36 5.30 24.14 -32.57
CA TYR F 36 4.26 23.21 -32.15
C TYR F 36 3.07 23.98 -31.59
N GLN F 37 1.92 23.32 -31.66
CA GLN F 37 0.67 23.75 -31.04
C GLN F 37 0.26 22.73 -30.00
N GLN F 38 -0.16 23.19 -28.82
CA GLN F 38 -0.62 22.25 -27.80
C GLN F 38 -1.85 22.75 -27.08
N LYS F 39 -2.86 21.93 -27.03
CA LYS F 39 -4.03 22.26 -26.23
C LYS F 39 -4.04 21.53 -24.90
N PRO F 40 -4.78 22.06 -23.90
CA PRO F 40 -4.73 21.46 -22.55
C PRO F 40 -5.07 19.99 -22.54
N GLY F 41 -4.19 19.21 -21.89
CA GLY F 41 -4.36 17.78 -21.74
C GLY F 41 -4.07 16.97 -22.98
N LYS F 42 -3.74 17.61 -24.10
CA LYS F 42 -3.48 16.94 -25.38
C LYS F 42 -1.99 16.98 -25.67
N VAL F 43 -1.57 16.16 -26.62
CA VAL F 43 -0.15 16.12 -26.97
C VAL F 43 0.18 17.26 -27.92
N PRO F 44 1.42 17.71 -27.96
CA PRO F 44 1.82 18.68 -28.99
C PRO F 44 1.60 18.18 -30.41
N LYS F 45 1.29 19.12 -31.29
CA LYS F 45 1.16 18.87 -32.72
C LYS F 45 2.21 19.68 -33.45
N LEU F 46 3.01 19.02 -34.28
CA LEU F 46 4.02 19.71 -35.07
C LEU F 46 3.38 20.55 -36.18
N LEU F 47 3.72 21.82 -36.23
CA LEU F 47 3.17 22.73 -37.22
C LEU F 47 4.14 23.01 -38.36
N ILE F 48 5.37 23.38 -37.99
CA ILE F 48 6.35 23.88 -38.95
C ILE F 48 7.70 23.29 -38.59
N TYR F 49 8.48 22.93 -39.62
CA TYR F 49 9.85 22.48 -39.39
C TYR F 49 10.78 23.21 -40.36
N ASP F 50 12.08 23.17 -40.06
CA ASP F 50 13.10 23.91 -40.83
C ASP F 50 12.72 25.38 -41.01
N SER F 51 12.14 25.97 -39.96
CA SER F 51 11.77 27.37 -39.85
C SER F 51 10.56 27.79 -40.68
N SER F 52 10.32 27.17 -41.84
CA SER F 52 9.27 27.68 -42.74
C SER F 52 8.48 26.61 -43.48
N THR F 53 8.73 25.33 -43.25
CA THR F 53 8.05 24.27 -43.96
C THR F 53 6.86 23.77 -43.14
N LEU F 54 5.66 23.84 -43.72
CA LEU F 54 4.48 23.35 -43.04
C LEU F 54 4.49 21.83 -43.03
N HIS F 55 4.21 21.26 -41.87
CA HIS F 55 4.01 19.82 -41.69
C HIS F 55 2.64 19.41 -42.25
N THR F 56 2.49 18.10 -42.50
CA THR F 56 1.21 17.52 -42.93
C THR F 56 0.05 17.93 -42.04
N GLY F 57 -1.06 18.31 -42.66
CA GLY F 57 -2.28 18.55 -41.92
C GLY F 57 -2.45 19.97 -41.41
N VAL F 58 -1.48 20.84 -41.65
CA VAL F 58 -1.52 22.18 -41.08
C VAL F 58 -2.18 23.18 -42.02
N PRO F 59 -3.14 23.97 -41.54
CA PRO F 59 -3.81 24.96 -42.41
C PRO F 59 -2.87 26.02 -42.92
N SER F 60 -3.19 26.55 -44.12
CA SER F 60 -2.33 27.51 -44.79
C SER F 60 -2.22 28.84 -44.08
N ARG F 61 -3.13 29.15 -43.14
CA ARG F 61 -3.00 30.41 -42.42
C ARG F 61 -1.79 30.44 -41.49
N PHE F 62 -1.17 29.29 -41.20
CA PHE F 62 0.08 29.26 -40.44
C PHE F 62 1.27 29.41 -41.37
N SER F 63 2.25 30.19 -40.95
CA SER F 63 3.48 30.30 -41.72
C SER F 63 4.62 30.62 -40.77
N GLY F 64 5.81 30.25 -41.18
CA GLY F 64 6.99 30.53 -40.38
C GLY F 64 8.09 31.12 -41.24
N THR F 65 8.86 32.00 -40.61
CA THR F 65 9.98 32.63 -41.29
C THR F 65 11.12 32.83 -40.32
N GLY F 66 12.29 33.12 -40.90
CA GLY F 66 13.43 33.52 -40.14
C GLY F 66 14.72 32.88 -40.57
N SER F 67 15.81 33.38 -40.00
CA SER F 67 17.15 32.90 -40.26
C SER F 67 18.00 33.39 -39.09
N GLY F 68 19.19 32.86 -38.99
CA GLY F 68 20.08 33.31 -37.95
C GLY F 68 19.50 33.00 -36.57
N THR F 69 19.27 34.06 -35.80
CA THR F 69 18.76 33.90 -34.45
C THR F 69 17.27 34.21 -34.28
N ASP F 70 16.62 34.79 -35.29
CA ASP F 70 15.28 35.37 -35.12
C ASP F 70 14.27 34.63 -35.98
N TYR F 71 13.22 34.09 -35.34
CA TYR F 71 12.20 33.31 -36.03
C TYR F 71 10.82 33.76 -35.62
N THR F 72 9.87 33.62 -36.55
CA THR F 72 8.51 34.10 -36.36
C THR F 72 7.50 33.05 -36.83
N LEU F 73 6.48 32.84 -36.01
CA LEU F 73 5.29 32.09 -36.39
C LEU F 73 4.17 33.10 -36.58
N THR F 74 3.49 33.04 -37.72
CA THR F 74 2.40 33.94 -38.04
C THR F 74 1.12 33.17 -38.31
N ILE F 75 0.00 33.65 -37.74
CA ILE F 75 -1.34 33.23 -38.14
C ILE F 75 -1.95 34.41 -38.89
N SER F 76 -2.16 34.24 -40.20
CA SER F 76 -2.50 35.39 -41.03
C SER F 76 -3.88 35.94 -40.69
N SER F 77 -4.79 35.06 -40.31
CA SER F 77 -6.16 35.43 -39.94
C SER F 77 -6.61 34.47 -38.84
N LEU F 78 -6.59 34.96 -37.60
CA LEU F 78 -6.87 34.11 -36.44
C LEU F 78 -8.28 33.52 -36.48
N GLN F 79 -8.38 32.24 -36.14
CA GLN F 79 -9.65 31.52 -36.08
C GLN F 79 -9.89 30.99 -34.67
N PRO F 80 -11.15 30.74 -34.30
CA PRO F 80 -11.41 30.31 -32.91
C PRO F 80 -10.70 29.02 -32.50
N GLU F 81 -10.49 28.09 -33.42
CA GLU F 81 -9.84 26.84 -33.04
C GLU F 81 -8.33 27.00 -32.81
N ASP F 82 -7.78 28.19 -33.02
CA ASP F 82 -6.37 28.45 -32.77
C ASP F 82 -6.04 28.73 -31.32
N VAL F 83 -7.04 28.77 -30.42
CA VAL F 83 -6.76 28.91 -29.00
C VAL F 83 -5.94 27.71 -28.53
N ALA F 84 -4.77 27.98 -27.98
CA ALA F 84 -3.79 26.93 -27.67
C ALA F 84 -2.56 27.59 -27.10
N THR F 85 -1.62 26.77 -26.66
CA THR F 85 -0.27 27.22 -26.42
C THR F 85 0.62 26.80 -27.59
N TYR F 86 1.48 27.73 -28.01
CA TYR F 86 2.44 27.51 -29.08
C TYR F 86 3.86 27.60 -28.53
N PHE F 87 4.74 26.71 -28.99
CA PHE F 87 6.13 26.72 -28.52
C PHE F 87 7.05 26.35 -29.68
N CYS F 88 8.25 26.91 -29.65
CA CYS F 88 9.33 26.55 -30.56
C CYS F 88 10.32 25.58 -29.95
N GLN F 89 11.12 24.96 -30.83
CA GLN F 89 12.18 24.05 -30.40
C GLN F 89 13.31 24.13 -31.42
N GLN F 90 14.53 24.36 -30.96
CA GLN F 90 15.67 24.28 -31.87
C GLN F 90 16.11 22.83 -31.99
N ASN F 91 16.42 22.46 -33.23
CA ASN F 91 16.78 21.10 -33.64
C ASN F 91 18.22 21.06 -34.17
N TYR F 92 19.02 22.06 -33.80
CA TYR F 92 20.35 22.26 -34.37
C TYR F 92 21.47 21.65 -33.55
N ASP F 93 21.39 21.71 -32.22
CA ASP F 93 22.46 21.20 -31.37
C ASP F 93 21.84 20.63 -30.11
N PHE F 94 22.54 19.63 -29.52
CA PHE F 94 22.17 19.09 -28.21
C PHE F 94 22.84 19.91 -27.11
N PRO F 95 22.16 20.09 -25.96
CA PRO F 95 20.82 19.59 -25.64
C PRO F 95 19.76 20.33 -26.45
N LEU F 96 18.77 19.59 -26.92
CA LEU F 96 17.62 20.22 -27.54
C LEU F 96 16.96 21.13 -26.52
N THR F 97 16.49 22.29 -26.98
CA THR F 97 15.91 23.29 -26.10
C THR F 97 14.65 23.88 -26.73
N PHE F 98 13.73 24.28 -25.87
CA PHE F 98 12.41 24.75 -26.27
C PHE F 98 12.20 26.17 -25.81
N GLY F 99 11.39 26.93 -26.55
CA GLY F 99 10.88 28.18 -26.02
C GLY F 99 9.88 27.92 -24.91
N GLN F 100 9.60 28.98 -24.12
CA GLN F 100 8.80 28.85 -22.91
C GLN F 100 7.30 28.83 -23.19
N GLY F 101 6.89 29.08 -24.42
CA GLY F 101 5.49 28.99 -24.79
C GLY F 101 4.80 30.34 -24.88
N THR F 102 3.79 30.41 -25.75
CA THR F 102 2.88 31.56 -25.85
C THR F 102 1.47 31.03 -25.70
N LYS F 103 0.74 31.47 -24.67
CA LYS F 103 -0.66 31.10 -24.52
C LYS F 103 -1.52 32.09 -25.30
N LEU F 104 -2.29 31.59 -26.27
CA LEU F 104 -3.10 32.42 -27.15
C LEU F 104 -4.58 32.29 -26.81
N GLU F 105 -5.21 33.44 -26.51
CA GLU F 105 -6.62 33.58 -26.19
C GLU F 105 -7.32 34.45 -27.22
N ILE F 106 -8.65 34.25 -27.33
CA ILE F 106 -9.47 34.99 -28.27
C ILE F 106 -10.33 36.01 -27.52
N LYS F 107 -10.40 37.23 -28.06
CA LYS F 107 -11.35 38.26 -27.66
C LYS F 107 -12.55 38.21 -28.58
N ARG F 108 -13.75 38.41 -28.02
CA ARG F 108 -14.99 38.33 -28.78
C ARG F 108 -16.04 39.22 -28.08
N THR F 109 -17.29 39.12 -28.56
CA THR F 109 -18.39 39.88 -28.01
C THR F 109 -18.95 39.25 -26.74
N VAL F 110 -19.68 40.07 -25.99
CA VAL F 110 -20.28 39.62 -24.74
C VAL F 110 -21.32 38.54 -24.99
N ALA F 111 -21.39 37.58 -24.05
CA ALA F 111 -22.43 36.56 -24.05
C ALA F 111 -22.84 36.28 -22.62
N ALA F 112 -24.12 36.46 -22.31
CA ALA F 112 -24.58 36.23 -20.95
C ALA F 112 -24.59 34.73 -20.63
N PRO F 113 -24.29 34.36 -19.39
CA PRO F 113 -24.31 32.95 -19.02
C PRO F 113 -25.71 32.41 -18.81
N SER F 114 -25.87 31.13 -19.15
CA SER F 114 -26.94 30.32 -18.61
C SER F 114 -26.49 29.84 -17.23
N VAL F 115 -27.35 29.96 -16.23
CA VAL F 115 -27.00 29.64 -14.85
C VAL F 115 -27.80 28.45 -14.35
N PHE F 116 -27.12 27.47 -13.77
CA PHE F 116 -27.70 26.22 -13.31
C PHE F 116 -27.23 25.95 -11.88
N ILE F 117 -28.07 25.30 -11.08
CA ILE F 117 -27.69 24.92 -9.71
C ILE F 117 -28.04 23.46 -9.45
N PHE F 118 -27.17 22.79 -8.70
CA PHE F 118 -27.31 21.37 -8.35
C PHE F 118 -27.17 21.17 -6.85
N PRO F 119 -28.22 20.73 -6.17
CA PRO F 119 -28.07 20.34 -4.76
C PRO F 119 -27.13 19.16 -4.59
N PRO F 120 -26.65 18.92 -3.37
CA PRO F 120 -25.88 17.70 -3.12
C PRO F 120 -26.72 16.47 -3.34
N SER F 121 -26.07 15.40 -3.80
CA SER F 121 -26.74 14.12 -3.99
C SER F 121 -26.98 13.50 -2.62
N ASP F 122 -28.02 12.66 -2.51
CA ASP F 122 -28.24 11.92 -1.26
C ASP F 122 -27.05 11.03 -0.94
N GLU F 123 -26.40 10.48 -1.96
CA GLU F 123 -25.23 9.63 -1.75
C GLU F 123 -24.11 10.38 -1.01
N GLN F 124 -23.83 11.63 -1.40
CA GLN F 124 -22.74 12.36 -0.78
C GLN F 124 -23.04 12.72 0.67
N LEU F 125 -24.29 13.11 0.95
CA LEU F 125 -24.69 13.48 2.31
C LEU F 125 -24.47 12.34 3.29
N LYS F 126 -24.62 11.10 2.84
CA LYS F 126 -24.33 9.95 3.71
C LYS F 126 -22.90 9.99 4.25
N SER F 127 -22.00 10.71 3.56
CA SER F 127 -20.58 10.74 3.89
C SER F 127 -20.19 11.92 4.79
N GLY F 128 -21.12 12.80 5.14
CA GLY F 128 -20.84 13.87 6.07
C GLY F 128 -20.40 15.19 5.49
N THR F 129 -20.36 15.32 4.16
CA THR F 129 -20.05 16.59 3.52
C THR F 129 -21.09 16.84 2.44
N ALA F 130 -21.33 18.12 2.17
CA ALA F 130 -22.30 18.53 1.15
C ALA F 130 -21.62 19.49 0.19
N SER F 131 -21.70 19.18 -1.11
CA SER F 131 -21.24 20.07 -2.16
C SER F 131 -22.44 20.59 -2.95
N VAL F 132 -22.53 21.91 -3.10
CA VAL F 132 -23.54 22.55 -3.92
C VAL F 132 -22.83 23.18 -5.11
N VAL F 133 -23.28 22.90 -6.33
CA VAL F 133 -22.58 23.33 -7.55
C VAL F 133 -23.45 24.32 -8.33
N CYS F 134 -22.88 25.49 -8.58
CA CYS F 134 -23.47 26.53 -9.43
C CYS F 134 -22.67 26.57 -10.71
N LEU F 135 -23.35 26.50 -11.85
CA LEU F 135 -22.69 26.43 -13.16
C LEU F 135 -23.10 27.63 -14.02
N LEU F 136 -22.10 28.30 -14.58
CA LEU F 136 -22.27 29.37 -15.57
C LEU F 136 -21.80 28.80 -16.90
N ASN F 137 -22.70 28.69 -17.86
CA ASN F 137 -22.39 27.97 -19.08
C ASN F 137 -22.33 28.94 -20.26
N ASN F 138 -21.26 28.80 -21.04
CA ASN F 138 -21.08 29.41 -22.36
C ASN F 138 -21.25 30.92 -22.35
N PHE F 139 -20.36 31.59 -21.63
CA PHE F 139 -20.47 33.03 -21.45
C PHE F 139 -19.14 33.72 -21.78
N TYR F 140 -19.20 35.05 -21.91
CA TYR F 140 -18.00 35.80 -22.26
C TYR F 140 -18.23 37.24 -21.82
N PRO F 141 -17.25 37.93 -21.20
CA PRO F 141 -15.90 37.48 -20.83
C PRO F 141 -15.95 36.61 -19.57
N ARG F 142 -14.79 36.05 -19.15
CA ARG F 142 -14.75 35.17 -17.98
C ARG F 142 -15.07 35.90 -16.69
N GLU F 143 -14.76 37.20 -16.61
CA GLU F 143 -14.92 37.93 -15.36
C GLU F 143 -16.38 37.91 -14.94
N ALA F 144 -16.63 37.47 -13.71
CA ALA F 144 -17.96 37.34 -13.15
C ALA F 144 -17.86 37.31 -11.63
N LYS F 145 -18.94 37.72 -10.97
CA LYS F 145 -19.04 37.65 -9.53
C LYS F 145 -20.10 36.62 -9.21
N VAL F 146 -19.72 35.57 -8.48
CA VAL F 146 -20.63 34.50 -8.10
C VAL F 146 -20.58 34.45 -6.59
N GLN F 147 -21.69 34.78 -5.94
CA GLN F 147 -21.77 34.86 -4.49
C GLN F 147 -22.79 33.87 -3.96
N TRP F 148 -22.44 33.21 -2.86
CA TRP F 148 -23.30 32.23 -2.23
C TRP F 148 -24.03 32.81 -1.03
N LYS F 149 -25.31 32.47 -0.91
CA LYS F 149 -26.10 32.83 0.25
C LYS F 149 -26.81 31.60 0.79
N VAL F 150 -26.78 31.40 2.10
CA VAL F 150 -27.47 30.30 2.74
C VAL F 150 -28.43 30.94 3.74
N ASP F 151 -29.73 30.69 3.57
CA ASP F 151 -30.77 31.43 4.31
C ASP F 151 -30.48 32.92 4.33
N ASN F 152 -30.09 33.46 3.17
CA ASN F 152 -29.80 34.86 2.92
C ASN F 152 -28.55 35.38 3.62
N ALA F 153 -27.75 34.50 4.21
CA ALA F 153 -26.48 34.90 4.83
C ALA F 153 -25.38 34.71 3.80
N LEU F 154 -24.66 35.79 3.49
CA LEU F 154 -23.54 35.71 2.55
C LEU F 154 -22.44 34.80 3.08
N GLN F 155 -21.99 33.87 2.24
CA GLN F 155 -20.92 32.95 2.59
C GLN F 155 -19.58 33.54 2.17
N SER F 156 -18.53 33.14 2.87
CA SER F 156 -17.19 33.50 2.43
C SER F 156 -16.23 32.42 2.89
N GLY F 157 -15.27 32.11 2.03
CA GLY F 157 -14.22 31.21 2.40
C GLY F 157 -14.50 29.75 2.20
N ASN F 158 -15.70 29.39 1.76
CA ASN F 158 -16.08 27.99 1.65
C ASN F 158 -16.52 27.62 0.23
N SER F 159 -16.09 28.40 -0.77
CA SER F 159 -16.36 28.06 -2.16
C SER F 159 -15.09 28.18 -3.00
N GLN F 160 -15.04 27.42 -4.09
CA GLN F 160 -13.94 27.50 -5.06
C GLN F 160 -14.49 27.52 -6.47
N GLU F 161 -13.77 28.18 -7.37
CA GLU F 161 -14.17 28.31 -8.76
C GLU F 161 -13.20 27.57 -9.66
N SER F 162 -13.73 27.08 -10.79
CA SER F 162 -12.96 26.50 -11.88
C SER F 162 -13.53 27.00 -13.20
N VAL F 163 -12.65 27.28 -14.16
CA VAL F 163 -13.03 27.79 -15.48
C VAL F 163 -12.53 26.87 -16.58
N THR F 164 -13.37 26.59 -17.57
CA THR F 164 -12.96 25.74 -18.67
C THR F 164 -12.04 26.48 -19.62
N GLU F 165 -11.30 25.70 -20.42
CA GLU F 165 -10.60 26.30 -21.55
C GLU F 165 -11.60 26.93 -22.50
N GLN F 166 -11.16 27.98 -23.15
CA GLN F 166 -12.02 28.70 -24.07
C GLN F 166 -12.46 27.78 -25.20
N ASP F 167 -13.76 27.82 -25.52
CA ASP F 167 -14.33 26.89 -26.48
C ASP F 167 -13.75 27.09 -27.89
N SER F 168 -13.41 25.98 -28.54
CA SER F 168 -12.73 26.01 -29.84
C SER F 168 -13.63 26.47 -30.97
N LYS F 169 -14.94 26.50 -30.78
CA LYS F 169 -15.88 26.94 -31.81
C LYS F 169 -16.43 28.34 -31.55
N ASP F 170 -16.89 28.64 -30.33
CA ASP F 170 -17.49 29.95 -30.10
C ASP F 170 -16.73 30.82 -29.11
N SER F 171 -15.59 30.35 -28.62
CA SER F 171 -14.68 31.16 -27.81
C SER F 171 -15.30 31.60 -26.50
N THR F 172 -16.31 30.87 -26.00
CA THR F 172 -16.87 31.18 -24.70
C THR F 172 -16.21 30.35 -23.60
N TYR F 173 -16.54 30.70 -22.37
CA TYR F 173 -16.09 30.01 -21.19
C TYR F 173 -17.27 29.41 -20.45
N SER F 174 -16.97 28.46 -19.56
CA SER F 174 -17.90 28.01 -18.57
C SER F 174 -17.20 28.02 -17.22
N LEU F 175 -17.99 28.15 -16.15
CA LEU F 175 -17.43 28.32 -14.83
C LEU F 175 -18.27 27.54 -13.82
N SER F 176 -17.57 26.86 -12.93
CA SER F 176 -18.22 26.20 -11.79
C SER F 176 -17.83 26.91 -10.50
N SER F 177 -18.81 27.07 -9.61
CA SER F 177 -18.56 27.52 -8.25
C SER F 177 -19.12 26.45 -7.33
N THR F 178 -18.29 25.92 -6.45
CA THR F 178 -18.67 24.81 -5.60
C THR F 178 -18.57 25.25 -4.14
N LEU F 179 -19.69 25.20 -3.45
CA LEU F 179 -19.82 25.50 -2.03
C LEU F 179 -19.73 24.19 -1.26
N THR F 180 -18.83 24.13 -0.26
CA THR F 180 -18.62 22.93 0.55
C THR F 180 -19.04 23.21 2.00
N LEU F 181 -19.91 22.34 2.52
CA LEU F 181 -20.42 22.44 3.89
C LEU F 181 -20.37 21.08 4.56
N SER F 182 -20.25 21.08 5.90
CA SER F 182 -20.50 19.86 6.65
C SER F 182 -21.94 19.43 6.48
N LYS F 183 -22.18 18.14 6.63
CA LYS F 183 -23.55 17.65 6.56
C LYS F 183 -24.44 18.33 7.57
N ALA F 184 -23.96 18.51 8.81
CA ALA F 184 -24.80 19.15 9.82
C ALA F 184 -25.16 20.57 9.42
N ASP F 185 -24.18 21.34 8.95
CA ASP F 185 -24.47 22.72 8.53
C ASP F 185 -25.48 22.72 7.38
N TYR F 186 -25.32 21.81 6.41
CA TYR F 186 -26.24 21.77 5.29
C TYR F 186 -27.67 21.48 5.76
N GLU F 187 -27.82 20.54 6.68
CA GLU F 187 -29.15 20.15 7.13
C GLU F 187 -29.78 21.16 8.07
N LYS F 188 -29.00 22.09 8.61
CA LYS F 188 -29.54 23.12 9.49
C LYS F 188 -30.21 24.26 8.74
N HIS F 189 -29.96 24.42 7.44
CA HIS F 189 -30.47 25.56 6.70
C HIS F 189 -31.34 25.08 5.53
N LYS F 190 -32.12 26.02 5.00
CA LYS F 190 -33.13 25.69 4.01
C LYS F 190 -32.82 26.23 2.61
N VAL F 191 -32.49 27.50 2.48
CA VAL F 191 -32.39 28.14 1.17
C VAL F 191 -30.93 28.24 0.78
N TYR F 192 -30.62 27.71 -0.40
CA TYR F 192 -29.27 27.76 -0.98
C TYR F 192 -29.33 28.49 -2.31
N ALA F 193 -28.55 29.56 -2.43
CA ALA F 193 -28.62 30.40 -3.61
C ALA F 193 -27.24 30.86 -4.06
N CYS F 194 -27.06 30.88 -5.38
CA CYS F 194 -25.90 31.52 -5.99
C CYS F 194 -26.37 32.71 -6.81
N GLU F 195 -25.76 33.87 -6.57
CA GLU F 195 -26.11 35.11 -7.24
C GLU F 195 -24.99 35.47 -8.19
N VAL F 196 -25.34 35.66 -9.46
CA VAL F 196 -24.38 35.85 -10.54
C VAL F 196 -24.54 37.25 -11.11
N THR F 197 -23.44 38.01 -11.09
CA THR F 197 -23.33 39.34 -11.65
C THR F 197 -22.35 39.26 -12.81
N HIS F 198 -22.73 39.76 -13.98
CA HIS F 198 -21.89 39.64 -15.18
C HIS F 198 -22.30 40.75 -16.16
N GLN F 199 -21.34 41.19 -17.01
CA GLN F 199 -21.65 42.26 -17.96
C GLN F 199 -22.84 41.99 -18.86
N GLY F 200 -23.09 40.74 -19.20
CA GLY F 200 -24.19 40.44 -20.07
C GLY F 200 -25.54 40.37 -19.39
N LEU F 201 -25.60 40.55 -18.07
CA LEU F 201 -26.84 40.45 -17.30
C LEU F 201 -27.22 41.85 -16.81
N SER F 202 -28.36 42.37 -17.30
CA SER F 202 -28.76 43.71 -16.89
C SER F 202 -29.08 43.78 -15.41
N SER F 203 -29.50 42.68 -14.80
CA SER F 203 -29.64 42.58 -13.36
C SER F 203 -29.17 41.18 -13.02
N PRO F 204 -28.70 40.95 -11.79
CA PRO F 204 -28.14 39.64 -11.45
C PRO F 204 -29.14 38.50 -11.52
N VAL F 205 -28.61 37.31 -11.86
CA VAL F 205 -29.40 36.07 -11.81
C VAL F 205 -29.12 35.41 -10.47
N THR F 206 -30.17 35.04 -9.76
CA THR F 206 -30.03 34.25 -8.53
C THR F 206 -30.66 32.90 -8.82
N LYS F 207 -29.87 31.84 -8.74
CA LYS F 207 -30.38 30.48 -8.86
C LYS F 207 -30.42 29.91 -7.45
N SER F 208 -31.57 29.36 -7.07
CA SER F 208 -31.81 29.01 -5.68
C SER F 208 -32.63 27.73 -5.58
N PHE F 209 -32.48 27.03 -4.45
CA PHE F 209 -33.35 25.90 -4.17
C PHE F 209 -33.54 25.78 -2.67
N ASN F 210 -34.59 25.07 -2.30
CA ASN F 210 -34.88 24.74 -0.90
C ASN F 210 -34.43 23.31 -0.67
N ARG F 211 -33.61 23.09 0.36
CA ARG F 211 -33.15 21.74 0.67
C ARG F 211 -34.32 20.77 0.77
N GLY F 212 -34.15 19.60 0.14
CA GLY F 212 -35.08 18.49 0.16
C GLY F 212 -36.23 18.53 -0.84
N GLU F 213 -36.42 19.61 -1.59
CA GLU F 213 -37.50 19.62 -2.58
C GLU F 213 -37.12 18.91 -3.89
#